data_2V15
#
_entry.id   2V15
#
_cell.length_a   104.485
_cell.length_b   137.715
_cell.length_c   142.438
_cell.angle_alpha   90.00
_cell.angle_beta   90.00
_cell.angle_gamma   90.00
#
_symmetry.space_group_name_H-M   'P 21 21 21'
#
loop_
_entity.id
_entity.type
_entity.pdbx_description
1 polymer 'DNA PROTECTION DURING STARVATION PROTEIN'
2 non-polymer 'CHLORIDE ION'
3 non-polymer 'TERBIUM(III) ION'
4 non-polymer 'CALCIUM ION'
5 non-polymer '4-(2-HYDROXYETHYL)-1-PIPERAZINE ETHANESULFONIC ACID'
6 water water
#
_entity_poly.entity_id   1
_entity_poly.type   'polypeptide(L)'
_entity_poly.pdbx_seq_one_letter_code
;QSPAEIASFSPRPSLADSKAVLNQAVADLSVAHSILHQVHWYMRGRGFMIWHPKMDEYMEEIDGYLDEMSERLITLGGAP
FSTLKEFSENSQLKEVLGDYNVTIEEQLARVVEVFRYLAALFQKGFDVSDEEGDSVTNDIFNVAKASIEKHIWMLQAELG
QAPKL
;
_entity_poly.pdbx_strand_id   A,B,C,D,E,F,G,H,I,J,K,L
#
loop_
_chem_comp.id
_chem_comp.type
_chem_comp.name
_chem_comp.formula
CA non-polymer 'CALCIUM ION' 'Ca 2'
CL non-polymer 'CHLORIDE ION' 'Cl -1'
EPE non-polymer '4-(2-HYDROXYETHYL)-1-PIPERAZINE ETHANESULFONIC ACID' 'C8 H18 N2 O4 S'
TB non-polymer 'TERBIUM(III) ION' 'Tb 3'
#
# COMPACT_ATOMS: atom_id res chain seq x y z
N LEU A 15 44.47 -6.12 -3.51
CA LEU A 15 43.15 -6.58 -4.05
C LEU A 15 43.02 -6.48 -5.58
N ALA A 16 44.16 -6.41 -6.27
CA ALA A 16 44.19 -6.16 -7.71
C ALA A 16 43.30 -7.10 -8.52
N ASP A 17 43.35 -8.38 -8.17
CA ASP A 17 42.59 -9.37 -8.89
C ASP A 17 41.08 -9.33 -8.63
N SER A 18 40.66 -9.09 -7.38
CA SER A 18 39.25 -8.82 -7.07
C SER A 18 38.74 -7.62 -7.87
N LYS A 19 39.54 -6.55 -7.87
CA LYS A 19 39.21 -5.31 -8.56
C LYS A 19 39.09 -5.52 -10.08
N ALA A 20 39.90 -6.42 -10.62
CA ALA A 20 39.95 -6.67 -12.05
C ALA A 20 38.78 -7.49 -12.49
N VAL A 21 38.37 -8.44 -11.67
CA VAL A 21 37.24 -9.28 -12.06
C VAL A 21 35.91 -8.47 -11.89
N LEU A 22 35.85 -7.60 -10.87
CA LEU A 22 34.72 -6.70 -10.72
C LEU A 22 34.59 -5.89 -11.97
N ASN A 23 35.70 -5.32 -12.47
CA ASN A 23 35.60 -4.44 -13.64
C ASN A 23 35.28 -5.22 -14.93
N GLN A 24 35.84 -6.41 -15.06
CA GLN A 24 35.42 -7.33 -16.11
C GLN A 24 33.89 -7.50 -16.12
N ALA A 25 33.31 -7.75 -14.95
CA ALA A 25 31.87 -7.97 -14.82
C ALA A 25 31.13 -6.74 -15.27
N VAL A 26 31.58 -5.56 -14.86
CA VAL A 26 30.98 -4.31 -15.35
C VAL A 26 30.90 -4.26 -16.89
N ALA A 27 32.00 -4.66 -17.56
CA ALA A 27 32.04 -4.66 -19.03
C ALA A 27 31.02 -5.65 -19.55
N ASP A 28 31.04 -6.85 -19.00
CA ASP A 28 30.26 -7.94 -19.52
C ASP A 28 28.77 -7.79 -19.23
N LEU A 29 28.45 -7.17 -18.09
CA LEU A 29 27.05 -6.97 -17.69
C LEU A 29 26.48 -5.85 -18.49
N SER A 30 27.29 -4.85 -18.80
CA SER A 30 26.84 -3.81 -19.71
C SER A 30 26.53 -4.42 -21.10
N VAL A 31 27.34 -5.38 -21.55
CA VAL A 31 27.11 -5.98 -22.85
C VAL A 31 25.96 -6.97 -22.75
N ALA A 32 25.89 -7.69 -21.64
CA ALA A 32 24.79 -8.66 -21.45
C ALA A 32 23.47 -7.92 -21.51
N HIS A 33 23.45 -6.75 -20.88
CA HIS A 33 22.26 -5.91 -20.81
C HIS A 33 21.84 -5.51 -22.20
N SER A 34 22.79 -5.02 -23.00
CA SER A 34 22.49 -4.71 -24.39
C SER A 34 21.98 -5.94 -25.19
N ILE A 35 22.59 -7.12 -25.02
CA ILE A 35 22.06 -8.30 -25.70
C ILE A 35 20.59 -8.57 -25.32
N LEU A 36 20.25 -8.38 -24.05
CA LEU A 36 18.90 -8.73 -23.56
C LEU A 36 17.91 -7.75 -24.16
N HIS A 37 18.33 -6.48 -24.22
CA HIS A 37 17.51 -5.48 -24.83
C HIS A 37 17.27 -5.86 -26.29
N GLN A 38 18.30 -6.36 -27.00
CA GLN A 38 18.11 -6.80 -28.38
C GLN A 38 17.12 -7.97 -28.49
N VAL A 39 17.28 -8.95 -27.61
CA VAL A 39 16.35 -10.09 -27.58
C VAL A 39 14.92 -9.61 -27.35
N HIS A 40 14.78 -8.56 -26.55
CA HIS A 40 13.48 -8.06 -26.08
C HIS A 40 12.76 -7.49 -27.30
N TRP A 41 13.48 -6.69 -28.07
CA TRP A 41 12.92 -5.94 -29.20
C TRP A 41 12.69 -6.77 -30.46
N TYR A 42 13.61 -7.70 -30.75
CA TYR A 42 13.63 -8.42 -32.02
C TYR A 42 12.89 -9.76 -31.92
N MET A 43 12.35 -10.05 -30.75
CA MET A 43 11.64 -11.31 -30.55
C MET A 43 10.37 -11.39 -31.43
N ARG A 44 10.18 -12.55 -32.07
CA ARG A 44 8.93 -12.88 -32.82
C ARG A 44 8.73 -14.37 -32.76
N GLY A 45 7.49 -14.80 -32.58
CA GLY A 45 7.18 -16.21 -32.49
C GLY A 45 6.32 -16.54 -31.28
N ARG A 46 5.71 -17.72 -31.30
CA ARG A 46 4.87 -18.12 -30.19
C ARG A 46 5.65 -18.11 -28.87
N GLY A 47 5.09 -17.48 -27.84
CA GLY A 47 5.80 -17.36 -26.55
C GLY A 47 6.40 -15.99 -26.43
N PHE A 48 6.23 -15.16 -27.45
CA PHE A 48 6.65 -13.78 -27.33
C PHE A 48 6.00 -13.09 -26.13
N MET A 49 4.72 -13.37 -25.90
CA MET A 49 3.96 -12.63 -24.89
C MET A 49 4.43 -12.96 -23.47
N ILE A 50 4.93 -14.17 -23.27
CA ILE A 50 5.56 -14.54 -21.99
C ILE A 50 7.02 -14.12 -21.91
N TRP A 51 7.79 -14.27 -22.98
CA TRP A 51 9.21 -14.01 -22.93
C TRP A 51 9.66 -12.56 -23.15
N HIS A 52 8.87 -11.79 -23.88
CA HIS A 52 9.16 -10.37 -24.08
C HIS A 52 9.23 -9.60 -22.75
N PRO A 53 8.18 -9.65 -21.90
CA PRO A 53 8.37 -8.99 -20.58
C PRO A 53 9.42 -9.63 -19.68
N LYS A 54 9.64 -10.93 -19.81
CA LYS A 54 10.64 -11.63 -19.02
C LYS A 54 12.04 -11.04 -19.24
N MET A 55 12.34 -10.56 -20.44
CA MET A 55 13.62 -9.85 -20.67
C MET A 55 13.69 -8.57 -19.85
N ASP A 56 12.58 -7.91 -19.59
CA ASP A 56 12.61 -6.75 -18.70
C ASP A 56 13.06 -7.09 -17.25
N GLU A 57 12.53 -8.18 -16.69
CA GLU A 57 12.98 -8.69 -15.39
C GLU A 57 14.46 -9.04 -15.44
N TYR A 58 14.90 -9.77 -16.47
CA TYR A 58 16.33 -10.13 -16.58
C TYR A 58 17.17 -8.86 -16.65
N MET A 59 16.76 -7.92 -17.47
CA MET A 59 17.49 -6.66 -17.62
C MET A 59 17.59 -5.88 -16.31
N GLU A 60 16.51 -5.89 -15.52
CA GLU A 60 16.46 -5.20 -14.23
C GLU A 60 17.49 -5.79 -13.28
N GLU A 61 17.55 -7.12 -13.27
CA GLU A 61 18.43 -7.85 -12.39
C GLU A 61 19.90 -7.65 -12.79
N ILE A 62 20.19 -7.81 -14.08
CA ILE A 62 21.53 -7.51 -14.62
C ILE A 62 22.00 -6.10 -14.22
N ASP A 63 21.11 -5.12 -14.33
CA ASP A 63 21.44 -3.74 -14.02
C ASP A 63 21.78 -3.58 -12.53
N GLY A 64 21.05 -4.29 -11.68
CA GLY A 64 21.36 -4.27 -10.25
C GLY A 64 22.77 -4.79 -9.95
N TYR A 65 23.19 -5.85 -10.65
CA TYR A 65 24.53 -6.38 -10.45
C TYR A 65 25.55 -5.38 -10.90
N LEU A 66 25.32 -4.81 -12.09
CA LEU A 66 26.23 -3.88 -12.69
C LEU A 66 26.54 -2.71 -11.74
N ASP A 67 25.51 -2.07 -11.22
CA ASP A 67 25.65 -0.96 -10.29
C ASP A 67 26.35 -1.43 -9.02
N GLU A 68 25.88 -2.54 -8.46
CA GLU A 68 26.46 -3.12 -7.28
C GLU A 68 27.96 -3.43 -7.43
N MET A 69 28.35 -3.96 -8.59
CA MET A 69 29.71 -4.40 -8.78
C MET A 69 30.70 -3.29 -9.10
N SER A 70 30.32 -2.31 -9.90
CA SER A 70 31.16 -1.11 -10.05
C SER A 70 31.19 -0.26 -8.80
N GLU A 71 30.14 -0.28 -8.01
CA GLU A 71 30.14 0.51 -6.78
C GLU A 71 30.99 -0.11 -5.70
N ARG A 72 30.99 -1.43 -5.67
CA ARG A 72 31.95 -2.18 -4.88
C ARG A 72 33.39 -1.83 -5.29
N LEU A 73 33.66 -1.91 -6.58
CA LEU A 73 34.94 -1.47 -7.16
C LEU A 73 35.32 -0.04 -6.74
N ILE A 74 34.35 0.88 -6.74
CA ILE A 74 34.63 2.25 -6.29
C ILE A 74 35.02 2.22 -4.83
N THR A 75 34.21 1.54 -4.03
CA THR A 75 34.44 1.46 -2.58
C THR A 75 35.85 0.94 -2.32
N LEU A 76 36.34 0.08 -3.21
CA LEU A 76 37.67 -0.52 -3.06
C LEU A 76 38.78 0.40 -3.60
N GLY A 77 38.41 1.58 -4.04
CA GLY A 77 39.35 2.49 -4.64
C GLY A 77 39.72 2.17 -6.10
N GLY A 78 38.89 1.42 -6.81
CA GLY A 78 39.08 1.24 -8.25
C GLY A 78 38.48 2.38 -9.08
N ALA A 79 38.52 2.23 -10.40
CA ALA A 79 37.89 3.16 -11.33
C ALA A 79 37.20 2.29 -12.40
N PRO A 80 35.87 2.11 -12.28
CA PRO A 80 35.12 1.20 -13.15
C PRO A 80 35.07 1.68 -14.60
N PHE A 81 35.07 0.73 -15.54
CA PHE A 81 34.84 1.10 -16.92
C PHE A 81 33.53 1.90 -16.91
N SER A 82 33.44 2.95 -17.71
CA SER A 82 32.24 3.78 -17.73
C SER A 82 31.96 4.47 -19.07
N THR A 83 32.34 3.84 -20.19
CA THR A 83 32.06 4.35 -21.53
C THR A 83 31.74 3.18 -22.38
N LEU A 84 30.94 3.36 -23.42
CA LEU A 84 30.60 2.24 -24.28
C LEU A 84 31.80 1.53 -24.90
N LYS A 85 32.82 2.32 -25.20
CA LYS A 85 34.09 1.82 -25.75
C LYS A 85 34.74 0.85 -24.78
N GLU A 86 34.91 1.27 -23.52
CA GLU A 86 35.50 0.42 -22.50
C GLU A 86 34.74 -0.90 -22.38
N PHE A 87 33.41 -0.81 -22.41
CA PHE A 87 32.58 -1.97 -22.32
C PHE A 87 32.81 -2.93 -23.46
N SER A 88 32.73 -2.46 -24.71
CA SER A 88 32.89 -3.32 -25.88
C SER A 88 34.28 -3.93 -25.93
N GLU A 89 35.29 -3.14 -25.63
CA GLU A 89 36.69 -3.60 -25.71
C GLU A 89 37.08 -4.59 -24.64
N ASN A 90 36.55 -4.44 -23.43
CA ASN A 90 36.91 -5.36 -22.36
C ASN A 90 36.04 -6.60 -22.29
N SER A 91 34.81 -6.49 -22.76
CA SER A 91 33.88 -7.59 -22.63
C SER A 91 34.27 -8.80 -23.46
N GLN A 92 34.06 -9.98 -22.92
CA GLN A 92 34.33 -11.18 -23.71
C GLN A 92 33.11 -11.71 -24.48
N LEU A 93 31.99 -10.99 -24.36
CA LEU A 93 30.77 -11.30 -25.09
C LEU A 93 30.80 -10.64 -26.45
N LYS A 94 30.27 -11.31 -27.47
CA LYS A 94 30.25 -10.74 -28.82
C LYS A 94 28.83 -10.41 -29.22
N GLU A 95 28.64 -9.25 -29.83
CA GLU A 95 27.32 -8.79 -30.24
C GLU A 95 27.11 -8.91 -31.75
N VAL A 96 25.90 -9.31 -32.15
CA VAL A 96 25.53 -9.38 -33.55
C VAL A 96 24.39 -8.42 -33.83
N LEU A 97 24.29 -7.98 -35.07
CA LEU A 97 23.19 -7.15 -35.50
C LEU A 97 21.87 -7.81 -35.17
N GLY A 98 20.87 -6.98 -34.85
CA GLY A 98 19.52 -7.46 -34.61
C GLY A 98 18.91 -8.04 -35.86
N ASP A 99 18.11 -9.07 -35.66
CA ASP A 99 17.56 -9.84 -36.75
C ASP A 99 16.27 -10.44 -36.24
N TYR A 100 15.15 -10.08 -36.86
CA TYR A 100 13.83 -10.63 -36.49
C TYR A 100 13.64 -12.09 -36.89
N ASN A 101 14.55 -12.61 -37.72
CA ASN A 101 14.40 -13.98 -38.23
C ASN A 101 14.88 -15.06 -37.28
N VAL A 102 15.33 -14.66 -36.11
CA VAL A 102 15.72 -15.61 -35.10
C VAL A 102 14.46 -16.20 -34.46
N THR A 103 14.41 -17.51 -34.29
CA THR A 103 13.31 -18.17 -33.61
C THR A 103 13.28 -17.85 -32.08
N ILE A 104 12.13 -18.01 -31.47
CA ILE A 104 12.05 -17.79 -30.02
C ILE A 104 13.07 -18.67 -29.33
N GLU A 105 13.02 -19.98 -29.61
CA GLU A 105 13.91 -20.93 -28.98
C GLU A 105 15.40 -20.53 -29.12
N GLU A 106 15.78 -20.06 -30.31
CA GLU A 106 17.12 -19.49 -30.62
C GLU A 106 17.47 -18.32 -29.68
N GLN A 107 16.55 -17.36 -29.51
CA GLN A 107 16.83 -16.18 -28.64
C GLN A 107 17.00 -16.63 -27.19
N LEU A 108 16.17 -17.58 -26.73
CA LEU A 108 16.33 -18.14 -25.37
C LEU A 108 17.67 -18.84 -25.17
N ALA A 109 18.11 -19.59 -26.19
CA ALA A 109 19.41 -20.24 -26.15
C ALA A 109 20.53 -19.21 -26.08
N ARG A 110 20.37 -18.09 -26.76
CA ARG A 110 21.36 -17.03 -26.71
C ARG A 110 21.41 -16.40 -25.29
N VAL A 111 20.27 -16.25 -24.62
CA VAL A 111 20.26 -15.79 -23.21
C VAL A 111 20.92 -16.84 -22.34
N VAL A 112 20.60 -18.10 -22.57
CA VAL A 112 21.27 -19.17 -21.86
C VAL A 112 22.80 -19.07 -22.06
N GLU A 113 23.25 -18.90 -23.29
CA GLU A 113 24.69 -18.77 -23.52
C GLU A 113 25.28 -17.66 -22.73
N VAL A 114 24.61 -16.50 -22.74
CA VAL A 114 25.14 -15.31 -22.07
C VAL A 114 25.15 -15.47 -20.57
N PHE A 115 24.10 -16.11 -20.04
CA PHE A 115 24.04 -16.42 -18.62
C PHE A 115 25.08 -17.44 -18.21
N ARG A 116 25.32 -18.44 -19.06
CA ARG A 116 26.32 -19.44 -18.73
C ARG A 116 27.65 -18.75 -18.61
N TYR A 117 27.86 -17.74 -19.46
CA TYR A 117 29.10 -17.02 -19.39
C TYR A 117 29.24 -16.23 -18.10
N LEU A 118 28.19 -15.53 -17.71
CA LEU A 118 28.24 -14.67 -16.51
C LEU A 118 28.40 -15.51 -15.26
N ALA A 119 27.74 -16.65 -15.27
CA ALA A 119 27.84 -17.61 -14.19
C ALA A 119 29.29 -18.06 -13.97
N ALA A 120 30.05 -18.21 -15.04
CA ALA A 120 31.48 -18.61 -15.04
C ALA A 120 32.35 -17.49 -14.52
N LEU A 121 32.15 -16.32 -15.10
CA LEU A 121 32.79 -15.11 -14.63
C LEU A 121 32.58 -14.91 -13.12
N PHE A 122 31.34 -14.97 -12.67
CA PHE A 122 31.02 -14.87 -11.24
C PHE A 122 31.72 -15.94 -10.41
N GLN A 123 31.91 -17.15 -10.94
CA GLN A 123 32.69 -18.15 -10.24
C GLN A 123 34.14 -17.71 -10.14
N LYS A 124 34.69 -17.16 -11.22
CA LYS A 124 36.07 -16.63 -11.17
C LYS A 124 36.13 -15.57 -10.11
N GLY A 125 35.17 -14.64 -10.15
CA GLY A 125 35.16 -13.52 -9.21
C GLY A 125 35.11 -14.01 -7.79
N PHE A 126 34.28 -15.02 -7.56
CA PHE A 126 34.09 -15.61 -6.27
C PHE A 126 35.40 -16.19 -5.75
N ASP A 127 36.04 -17.05 -6.56
CA ASP A 127 37.38 -17.66 -6.28
C ASP A 127 38.46 -16.62 -6.00
N VAL A 128 38.72 -15.76 -6.97
CA VAL A 128 39.67 -14.66 -6.82
C VAL A 128 39.45 -13.87 -5.55
N SER A 129 38.21 -13.47 -5.28
CA SER A 129 37.92 -12.69 -4.07
C SER A 129 38.16 -13.52 -2.80
N ASP A 130 37.88 -14.82 -2.89
CA ASP A 130 38.07 -15.70 -1.77
C ASP A 130 39.56 -15.84 -1.45
N GLU A 131 40.41 -15.88 -2.50
CA GLU A 131 41.87 -16.02 -2.34
C GLU A 131 42.46 -14.77 -1.72
N GLU A 132 41.87 -13.61 -2.03
CA GLU A 132 42.44 -12.36 -1.60
C GLU A 132 41.90 -11.89 -0.26
N GLY A 133 40.90 -12.61 0.27
CA GLY A 133 40.30 -12.31 1.56
C GLY A 133 39.17 -11.27 1.52
N ASP A 134 38.68 -10.95 0.31
CA ASP A 134 37.59 -9.97 0.20
C ASP A 134 36.26 -10.67 0.21
N SER A 135 35.82 -10.95 1.44
CA SER A 135 34.60 -11.65 1.75
C SER A 135 33.35 -10.89 1.23
N VAL A 136 33.38 -9.57 1.31
CA VAL A 136 32.27 -8.75 0.82
C VAL A 136 32.07 -8.91 -0.69
N THR A 137 33.13 -8.72 -1.49
CA THR A 137 33.03 -8.95 -2.93
C THR A 137 32.63 -10.39 -3.18
N ASN A 138 33.11 -11.27 -2.32
CA ASN A 138 32.84 -12.68 -2.42
C ASN A 138 31.33 -12.97 -2.28
N ASP A 139 30.66 -12.35 -1.32
CA ASP A 139 29.21 -12.57 -1.24
C ASP A 139 28.47 -11.98 -2.46
N ILE A 140 28.92 -10.82 -2.94
CA ILE A 140 28.31 -10.20 -4.11
C ILE A 140 28.34 -11.14 -5.32
N PHE A 141 29.49 -11.72 -5.62
CA PHE A 141 29.54 -12.74 -6.69
C PHE A 141 28.70 -13.97 -6.40
N ASN A 142 28.69 -14.42 -5.16
CA ASN A 142 27.94 -15.61 -4.81
C ASN A 142 26.40 -15.44 -4.99
N VAL A 143 25.91 -14.25 -4.70
CA VAL A 143 24.49 -13.97 -4.81
C VAL A 143 24.06 -13.87 -6.27
N ALA A 144 24.87 -13.20 -7.08
CA ALA A 144 24.59 -13.06 -8.52
C ALA A 144 24.58 -14.44 -9.20
N LYS A 145 25.55 -15.27 -8.86
CA LYS A 145 25.62 -16.61 -9.40
C LYS A 145 24.44 -17.50 -8.96
N ALA A 146 23.99 -17.40 -7.71
CA ALA A 146 22.83 -18.16 -7.29
C ALA A 146 21.65 -17.92 -8.23
N SER A 147 21.46 -16.67 -8.56
CA SER A 147 20.30 -16.27 -9.33
C SER A 147 20.47 -16.58 -10.81
N ILE A 148 21.63 -16.30 -11.39
CA ILE A 148 21.81 -16.64 -12.82
C ILE A 148 21.58 -18.13 -13.08
N GLU A 149 22.08 -18.97 -12.16
CA GLU A 149 21.94 -20.42 -12.29
C GLU A 149 20.51 -20.92 -12.16
N LYS A 150 19.74 -20.29 -11.30
CA LYS A 150 18.31 -20.57 -11.22
C LYS A 150 17.65 -20.27 -12.55
N HIS A 151 18.04 -19.18 -13.18
CA HIS A 151 17.47 -18.74 -14.45
C HIS A 151 17.82 -19.70 -15.58
N ILE A 152 19.08 -20.12 -15.62
CA ILE A 152 19.52 -21.13 -16.56
C ILE A 152 18.74 -22.40 -16.42
N TRP A 153 18.44 -22.85 -15.21
CA TRP A 153 17.58 -24.03 -15.04
C TRP A 153 16.26 -23.77 -15.70
N MET A 154 15.68 -22.59 -15.46
CA MET A 154 14.32 -22.29 -15.94
C MET A 154 14.27 -22.15 -17.43
N LEU A 155 15.19 -21.39 -18.01
CA LEU A 155 15.33 -21.28 -19.46
C LEU A 155 15.55 -22.61 -20.12
N GLN A 156 16.50 -23.38 -19.61
CA GLN A 156 16.75 -24.69 -20.18
C GLN A 156 15.52 -25.54 -20.11
N ALA A 157 14.79 -25.51 -18.99
CA ALA A 157 13.54 -26.26 -18.89
C ALA A 157 12.51 -25.84 -19.93
N GLU A 158 12.42 -24.55 -20.22
CA GLU A 158 11.51 -24.09 -21.28
C GLU A 158 11.96 -24.75 -22.60
N LEU A 159 13.28 -24.92 -22.75
CA LEU A 159 13.89 -25.47 -23.99
C LEU A 159 13.95 -27.01 -24.02
N GLY A 160 13.43 -27.64 -22.96
CA GLY A 160 13.28 -29.09 -22.96
C GLY A 160 14.51 -29.82 -22.45
N GLN A 161 15.40 -29.08 -21.81
CA GLN A 161 16.68 -29.64 -21.45
C GLN A 161 16.96 -29.55 -19.97
N ALA A 162 17.95 -30.32 -19.53
CA ALA A 162 18.44 -30.24 -18.17
C ALA A 162 19.28 -28.98 -18.09
N PRO A 163 19.51 -28.45 -16.88
CA PRO A 163 20.26 -27.18 -16.79
C PRO A 163 21.70 -27.26 -17.35
N LYS A 164 22.31 -28.43 -17.19
CA LYS A 164 23.65 -28.74 -17.67
C LYS A 164 24.69 -27.74 -17.20
N LEU A 165 24.73 -27.55 -15.89
CA LEU A 165 25.66 -26.59 -15.33
C LEU A 165 27.09 -27.14 -15.16
N LEU B 15 -22.89 14.30 38.63
CA LEU B 15 -21.54 14.27 37.98
C LEU B 15 -20.54 15.04 38.84
N ALA B 16 -19.93 14.30 39.78
CA ALA B 16 -19.07 14.81 40.87
C ALA B 16 -17.60 15.14 40.52
N ASP B 17 -17.08 14.51 39.47
CA ASP B 17 -15.66 14.69 39.05
C ASP B 17 -15.38 14.21 37.62
N SER B 18 -14.10 13.98 37.31
CA SER B 18 -13.66 13.55 35.98
C SER B 18 -14.18 12.16 35.65
N LYS B 19 -14.02 11.25 36.63
CA LYS B 19 -14.47 9.91 36.47
C LYS B 19 -15.96 9.89 36.18
N ALA B 20 -16.73 10.65 36.95
CA ALA B 20 -18.18 10.69 36.81
C ALA B 20 -18.56 11.12 35.44
N VAL B 21 -17.90 12.16 34.91
CA VAL B 21 -18.24 12.65 33.59
C VAL B 21 -17.78 11.69 32.47
N LEU B 22 -16.62 11.08 32.63
CA LEU B 22 -16.20 9.99 31.75
C LEU B 22 -17.23 8.90 31.57
N ASN B 23 -17.80 8.48 32.69
CA ASN B 23 -18.80 7.44 32.68
C ASN B 23 -20.11 7.97 32.06
N GLN B 24 -20.41 9.24 32.28
CA GLN B 24 -21.57 9.82 31.61
C GLN B 24 -21.33 9.82 30.08
N ALA B 25 -20.12 10.17 29.65
CA ALA B 25 -19.82 10.11 28.23
C ALA B 25 -19.97 8.68 27.72
N VAL B 26 -19.56 7.69 28.52
CA VAL B 26 -19.68 6.28 28.13
C VAL B 26 -21.16 5.93 27.85
N ALA B 27 -22.03 6.18 28.83
CA ALA B 27 -23.47 6.03 28.63
C ALA B 27 -24.02 6.79 27.42
N ASP B 28 -23.78 8.10 27.32
CA ASP B 28 -24.29 8.92 26.20
C ASP B 28 -23.76 8.56 24.80
N LEU B 29 -22.46 8.26 24.69
CA LEU B 29 -21.88 7.77 23.44
C LEU B 29 -22.48 6.44 23.00
N SER B 30 -22.75 5.56 23.95
CA SER B 30 -23.45 4.34 23.63
C SER B 30 -24.86 4.61 23.08
N VAL B 31 -25.61 5.50 23.72
CA VAL B 31 -26.93 5.74 23.19
C VAL B 31 -26.86 6.53 21.87
N ALA B 32 -25.94 7.50 21.79
CA ALA B 32 -25.75 8.28 20.57
C ALA B 32 -25.45 7.36 19.37
N HIS B 33 -24.65 6.31 19.60
CA HIS B 33 -24.28 5.39 18.58
C HIS B 33 -25.53 4.59 18.14
N SER B 34 -26.39 4.31 19.10
CA SER B 34 -27.61 3.57 18.79
C SER B 34 -28.53 4.42 17.92
N ILE B 35 -28.62 5.71 18.19
CA ILE B 35 -29.50 6.61 17.43
C ILE B 35 -28.97 6.72 16.02
N LEU B 36 -27.65 6.82 15.90
CA LEU B 36 -26.99 6.88 14.61
C LEU B 36 -27.27 5.64 13.79
N HIS B 37 -27.25 4.47 14.42
CA HIS B 37 -27.58 3.27 13.69
C HIS B 37 -29.03 3.32 13.25
N GLN B 38 -29.89 3.82 14.13
CA GLN B 38 -31.30 3.94 13.74
C GLN B 38 -31.43 4.86 12.53
N VAL B 39 -30.76 6.01 12.58
CA VAL B 39 -30.75 6.87 11.44
C VAL B 39 -30.24 6.19 10.17
N HIS B 40 -29.13 5.49 10.28
CA HIS B 40 -28.53 4.80 9.14
C HIS B 40 -29.55 3.86 8.48
N TRP B 41 -30.23 3.09 9.33
CA TRP B 41 -31.13 2.04 8.88
C TRP B 41 -32.49 2.56 8.35
N TYR B 42 -33.08 3.55 9.01
CA TYR B 42 -34.45 3.97 8.65
C TYR B 42 -34.51 5.12 7.63
N MET B 43 -33.35 5.61 7.21
CA MET B 43 -33.21 6.69 6.22
C MET B 43 -33.89 6.36 4.89
N ARG B 44 -34.63 7.35 4.38
CA ARG B 44 -35.22 7.32 3.04
C ARG B 44 -35.28 8.73 2.52
N GLY B 45 -35.07 8.88 1.23
CA GLY B 45 -35.20 10.18 0.66
C GLY B 45 -33.95 10.59 -0.10
N ARG B 46 -34.08 11.67 -0.88
CA ARG B 46 -32.97 12.17 -1.70
C ARG B 46 -31.87 12.55 -0.77
N GLY B 47 -30.67 12.10 -1.06
CA GLY B 47 -29.56 12.25 -0.11
C GLY B 47 -29.23 10.93 0.57
N PHE B 48 -30.12 9.95 0.50
CA PHE B 48 -29.79 8.65 1.14
C PHE B 48 -28.36 8.19 0.82
N MET B 49 -28.02 8.22 -0.46
CA MET B 49 -26.76 7.64 -0.94
C MET B 49 -25.50 8.32 -0.40
N ILE B 50 -25.60 9.58 -0.02
CA ILE B 50 -24.47 10.25 0.62
C ILE B 50 -24.59 10.13 2.14
N TRP B 51 -25.79 10.26 2.69
CA TRP B 51 -25.93 10.37 4.13
C TRP B 51 -25.96 9.03 4.88
N HIS B 52 -26.55 8.01 4.28
CA HIS B 52 -26.51 6.64 4.85
C HIS B 52 -25.08 6.18 5.17
N PRO B 53 -24.17 6.17 4.18
CA PRO B 53 -22.77 5.81 4.55
C PRO B 53 -22.06 6.78 5.51
N LYS B 54 -22.38 8.07 5.43
CA LYS B 54 -21.87 9.07 6.37
C LYS B 54 -22.15 8.73 7.82
N MET B 55 -23.33 8.18 8.14
CA MET B 55 -23.60 7.65 9.48
C MET B 55 -22.55 6.63 9.95
N ASP B 56 -22.08 5.79 9.03
CA ASP B 56 -21.03 4.82 9.34
C ASP B 56 -19.79 5.55 9.81
N GLU B 57 -19.45 6.64 9.13
CA GLU B 57 -18.28 7.43 9.56
C GLU B 57 -18.53 8.00 10.94
N TYR B 58 -19.72 8.55 11.19
CA TYR B 58 -20.04 9.10 12.52
C TYR B 58 -19.99 8.07 13.61
N MET B 59 -20.51 6.89 13.31
CA MET B 59 -20.51 5.76 14.25
C MET B 59 -19.13 5.28 14.60
N GLU B 60 -18.25 5.12 13.61
CA GLU B 60 -16.85 4.78 13.90
C GLU B 60 -16.18 5.82 14.84
N GLU B 61 -16.42 7.10 14.60
CA GLU B 61 -15.89 8.16 15.45
C GLU B 61 -16.47 8.12 16.89
N ILE B 62 -17.78 7.94 17.01
CA ILE B 62 -18.42 7.79 18.32
C ILE B 62 -17.88 6.54 19.03
N ASP B 63 -17.79 5.43 18.28
CA ASP B 63 -17.17 4.20 18.82
C ASP B 63 -15.81 4.53 19.38
N GLY B 64 -15.02 5.30 18.64
CA GLY B 64 -13.67 5.62 19.05
C GLY B 64 -13.63 6.40 20.37
N TYR B 65 -14.48 7.42 20.49
CA TYR B 65 -14.56 8.21 21.74
C TYR B 65 -15.01 7.35 22.89
N LEU B 66 -16.02 6.52 22.64
CA LEU B 66 -16.55 5.60 23.64
C LEU B 66 -15.45 4.72 24.24
N ASP B 67 -14.64 4.09 23.39
CA ASP B 67 -13.62 3.17 23.85
C ASP B 67 -12.57 3.97 24.59
N GLU B 68 -12.09 5.06 24.01
CA GLU B 68 -11.05 5.88 24.63
C GLU B 68 -11.44 6.44 26.03
N MET B 69 -12.67 6.94 26.12
CA MET B 69 -13.17 7.52 27.35
C MET B 69 -13.37 6.45 28.42
N SER B 70 -13.87 5.27 28.04
CA SER B 70 -14.08 4.25 29.04
C SER B 70 -12.75 3.77 29.53
N GLU B 71 -11.83 3.66 28.60
CA GLU B 71 -10.51 3.19 28.95
C GLU B 71 -9.71 4.18 29.76
N ARG B 72 -9.95 5.49 29.56
CA ARG B 72 -9.32 6.50 30.39
C ARG B 72 -9.87 6.30 31.82
N LEU B 73 -11.15 5.98 31.91
CA LEU B 73 -11.80 5.77 33.18
C LEU B 73 -11.21 4.56 33.89
N ILE B 74 -11.08 3.46 33.16
CA ILE B 74 -10.38 2.26 33.66
C ILE B 74 -9.03 2.68 34.18
N THR B 75 -8.27 3.40 33.37
CA THR B 75 -6.91 3.82 33.71
C THR B 75 -6.83 4.57 35.05
N LEU B 76 -7.90 5.29 35.35
CA LEU B 76 -7.96 6.16 36.50
C LEU B 76 -8.48 5.47 37.77
N GLY B 77 -8.84 4.19 37.68
CA GLY B 77 -9.36 3.43 38.80
C GLY B 77 -10.88 3.30 38.85
N GLY B 78 -11.58 3.78 37.82
CA GLY B 78 -13.04 3.66 37.76
C GLY B 78 -13.54 2.35 37.16
N ALA B 79 -14.86 2.21 37.07
CA ALA B 79 -15.49 1.04 36.53
C ALA B 79 -16.55 1.53 35.55
N PRO B 80 -16.25 1.47 34.27
CA PRO B 80 -17.20 1.99 33.26
C PRO B 80 -18.52 1.23 33.18
N PHE B 81 -19.61 1.95 32.97
CA PHE B 81 -20.86 1.33 32.61
C PHE B 81 -20.52 0.41 31.47
N SER B 82 -21.17 -0.76 31.44
CA SER B 82 -20.85 -1.78 30.48
C SER B 82 -22.01 -2.71 30.20
N THR B 83 -23.22 -2.26 30.51
CA THR B 83 -24.41 -3.03 30.15
C THR B 83 -25.40 -2.09 29.45
N LEU B 84 -26.27 -2.62 28.60
CA LEU B 84 -27.29 -1.77 27.96
C LEU B 84 -28.22 -1.05 28.97
N LYS B 85 -28.61 -1.73 30.04
CA LYS B 85 -29.42 -1.06 31.09
C LYS B 85 -28.71 0.18 31.64
N GLU B 86 -27.43 0.04 31.99
CA GLU B 86 -26.63 1.13 32.51
C GLU B 86 -26.53 2.31 31.54
N PHE B 87 -26.25 2.02 30.26
CA PHE B 87 -26.20 3.09 29.26
C PHE B 87 -27.55 3.78 29.24
N SER B 88 -28.59 2.99 29.09
CA SER B 88 -29.91 3.54 28.93
C SER B 88 -30.33 4.36 30.14
N GLU B 89 -30.12 3.82 31.34
CA GLU B 89 -30.45 4.47 32.63
C GLU B 89 -29.79 5.82 32.71
N ASN B 90 -28.47 5.84 32.52
CA ASN B 90 -27.68 7.00 32.85
C ASN B 90 -27.64 8.03 31.77
N SER B 91 -27.94 7.63 30.54
CA SER B 91 -27.82 8.57 29.47
C SER B 91 -28.94 9.57 29.54
N GLN B 92 -28.64 10.79 29.16
CA GLN B 92 -29.67 11.81 29.05
C GLN B 92 -30.31 11.96 27.68
N LEU B 93 -29.83 11.19 26.71
CA LEU B 93 -30.48 11.11 25.39
C LEU B 93 -31.67 10.17 25.45
N LYS B 94 -32.72 10.48 24.71
CA LYS B 94 -33.92 9.67 24.71
C LYS B 94 -34.00 9.00 23.35
N GLU B 95 -34.34 7.72 23.35
CA GLU B 95 -34.46 6.96 22.12
C GLU B 95 -35.93 6.78 21.82
N VAL B 96 -36.27 6.82 20.54
CA VAL B 96 -37.64 6.53 20.08
C VAL B 96 -37.57 5.40 19.08
N LEU B 97 -38.71 4.77 18.80
CA LEU B 97 -38.77 3.70 17.81
C LEU B 97 -38.41 4.19 16.42
N GLY B 98 -37.80 3.31 15.63
CA GLY B 98 -37.46 3.61 14.25
C GLY B 98 -38.70 3.90 13.43
N ASP B 99 -38.60 4.89 12.56
CA ASP B 99 -39.73 5.21 11.67
C ASP B 99 -39.20 5.63 10.28
N TYR B 100 -39.67 4.96 9.24
CA TYR B 100 -39.22 5.25 7.88
C TYR B 100 -39.73 6.57 7.29
N ASN B 101 -40.84 7.05 7.85
CA ASN B 101 -41.50 8.28 7.38
C ASN B 101 -40.88 9.60 7.82
N VAL B 102 -39.87 9.54 8.68
CA VAL B 102 -39.06 10.71 9.02
C VAL B 102 -38.28 11.13 7.76
N THR B 103 -38.22 12.43 7.53
CA THR B 103 -37.59 12.90 6.32
C THR B 103 -36.09 12.91 6.56
N ILE B 104 -35.36 12.87 5.46
CA ILE B 104 -33.94 12.94 5.52
C ILE B 104 -33.45 14.15 6.30
N GLU B 105 -34.08 15.32 6.13
CA GLU B 105 -33.61 16.54 6.79
C GLU B 105 -34.00 16.53 8.28
N GLU B 106 -35.07 15.80 8.58
CA GLU B 106 -35.44 15.55 9.96
C GLU B 106 -34.48 14.58 10.60
N GLN B 107 -33.98 13.63 9.83
CA GLN B 107 -32.97 12.73 10.40
C GLN B 107 -31.71 13.50 10.70
N LEU B 108 -31.29 14.35 9.77
CA LEU B 108 -30.08 15.16 9.98
C LEU B 108 -30.21 16.10 11.14
N ALA B 109 -31.39 16.69 11.35
CA ALA B 109 -31.66 17.53 12.52
C ALA B 109 -31.55 16.78 13.87
N ARG B 110 -32.01 15.53 13.93
CA ARG B 110 -31.87 14.70 15.15
C ARG B 110 -30.37 14.40 15.40
N VAL B 111 -29.57 14.17 14.38
CA VAL B 111 -28.13 13.97 14.58
C VAL B 111 -27.51 15.25 15.11
N VAL B 112 -27.88 16.39 14.52
CA VAL B 112 -27.41 17.68 15.02
C VAL B 112 -27.72 17.82 16.51
N GLU B 113 -28.97 17.56 16.90
CA GLU B 113 -29.37 17.65 18.33
C GLU B 113 -28.50 16.76 19.20
N VAL B 114 -28.34 15.50 18.80
CA VAL B 114 -27.48 14.61 19.52
C VAL B 114 -26.05 15.15 19.61
N PHE B 115 -25.50 15.61 18.49
CA PHE B 115 -24.16 16.18 18.54
C PHE B 115 -24.08 17.41 19.43
N ARG B 116 -25.10 18.27 19.42
CA ARG B 116 -25.00 19.49 20.24
C ARG B 116 -24.96 19.04 21.69
N TYR B 117 -25.73 17.99 22.00
CA TYR B 117 -25.73 17.43 23.33
C TYR B 117 -24.32 16.94 23.67
N LEU B 118 -23.68 16.20 22.77
CA LEU B 118 -22.37 15.64 23.08
C LEU B 118 -21.32 16.74 23.20
N ALA B 119 -21.46 17.80 22.39
CA ALA B 119 -20.58 18.95 22.53
C ALA B 119 -20.69 19.55 23.94
N ALA B 120 -21.90 19.65 24.45
CA ALA B 120 -22.10 20.18 25.80
C ALA B 120 -21.51 19.29 26.85
N LEU B 121 -21.76 17.99 26.72
CA LEU B 121 -21.21 17.01 27.62
C LEU B 121 -19.70 17.17 27.66
N PHE B 122 -19.08 17.21 26.49
CA PHE B 122 -17.62 17.27 26.40
C PHE B 122 -17.00 18.55 26.97
N GLN B 123 -17.71 19.68 26.85
CA GLN B 123 -17.32 20.90 27.53
C GLN B 123 -17.38 20.79 29.06
N LYS B 124 -18.45 20.20 29.62
CA LYS B 124 -18.47 19.84 31.06
C LYS B 124 -17.31 18.92 31.39
N GLY B 125 -17.04 17.96 30.50
CA GLY B 125 -15.93 17.07 30.75
C GLY B 125 -14.65 17.91 30.84
N PHE B 126 -14.43 18.73 29.82
CA PHE B 126 -13.25 19.60 29.75
C PHE B 126 -13.15 20.49 31.01
N ASP B 127 -14.27 21.09 31.40
CA ASP B 127 -14.31 21.98 32.57
C ASP B 127 -13.89 21.24 33.83
N VAL B 128 -14.52 20.08 34.04
CA VAL B 128 -14.36 19.33 35.29
C VAL B 128 -12.90 18.82 35.44
N SER B 129 -12.33 18.37 34.34
CA SER B 129 -10.99 17.79 34.36
C SER B 129 -9.93 18.88 34.56
N ASP B 130 -10.17 20.02 33.93
CA ASP B 130 -9.37 21.24 34.06
C ASP B 130 -9.31 21.70 35.52
N GLU B 131 -10.49 21.80 36.14
CA GLU B 131 -10.59 22.14 37.55
C GLU B 131 -9.95 21.11 38.49
N GLU B 132 -9.92 19.84 38.08
CA GLU B 132 -9.30 18.78 38.88
C GLU B 132 -7.84 18.54 38.55
N GLY B 133 -7.33 19.20 37.51
CA GLY B 133 -5.96 18.99 37.04
C GLY B 133 -5.73 17.64 36.35
N ASP B 134 -6.76 17.12 35.69
CA ASP B 134 -6.65 15.88 34.93
C ASP B 134 -6.44 16.26 33.48
N SER B 135 -5.19 16.57 33.14
CA SER B 135 -4.82 17.15 31.88
C SER B 135 -4.98 16.22 30.70
N VAL B 136 -4.80 14.92 30.93
CA VAL B 136 -5.01 13.92 29.90
C VAL B 136 -6.47 13.76 29.56
N THR B 137 -7.32 13.71 30.58
CA THR B 137 -8.76 13.66 30.35
C THR B 137 -9.24 14.94 29.66
N ASN B 138 -8.77 16.08 30.16
CA ASN B 138 -9.04 17.36 29.52
C ASN B 138 -8.80 17.34 27.99
N ASP B 139 -7.63 16.90 27.56
CA ASP B 139 -7.35 16.96 26.15
C ASP B 139 -8.19 15.97 25.34
N ILE B 140 -8.51 14.81 25.94
CA ILE B 140 -9.43 13.84 25.34
C ILE B 140 -10.79 14.48 25.05
N PHE B 141 -11.37 15.19 26.03
CA PHE B 141 -12.65 15.83 25.75
C PHE B 141 -12.50 16.95 24.75
N ASN B 142 -11.34 17.57 24.72
CA ASN B 142 -11.12 18.70 23.82
C ASN B 142 -11.08 18.24 22.37
N VAL B 143 -10.36 17.14 22.14
CA VAL B 143 -10.25 16.55 20.79
C VAL B 143 -11.63 16.13 20.33
N ALA B 144 -12.41 15.59 21.25
CA ALA B 144 -13.75 15.13 20.92
C ALA B 144 -14.60 16.33 20.57
N LYS B 145 -14.46 17.37 21.35
CA LYS B 145 -15.28 18.56 21.17
C LYS B 145 -15.03 19.17 19.79
N ALA B 146 -13.77 19.35 19.42
CA ALA B 146 -13.36 19.93 18.15
C ALA B 146 -13.98 19.26 16.92
N SER B 147 -14.02 17.94 16.93
CA SER B 147 -14.51 17.18 15.80
C SER B 147 -16.04 17.22 15.75
N ILE B 148 -16.69 17.12 16.90
CA ILE B 148 -18.15 17.18 16.91
C ILE B 148 -18.64 18.53 16.40
N GLU B 149 -18.01 19.61 16.86
CA GLU B 149 -18.41 20.96 16.45
C GLU B 149 -18.17 21.19 14.97
N LYS B 150 -17.12 20.61 14.42
CA LYS B 150 -16.94 20.62 12.97
C LYS B 150 -18.01 19.83 12.24
N HIS B 151 -18.48 18.73 12.84
CA HIS B 151 -19.55 17.96 12.21
C HIS B 151 -20.87 18.74 12.23
N ILE B 152 -21.17 19.37 13.35
CA ILE B 152 -22.32 20.29 13.45
C ILE B 152 -22.30 21.38 12.38
N TRP B 153 -21.17 22.08 12.21
CA TRP B 153 -21.05 23.04 11.12
C TRP B 153 -21.45 22.38 9.80
N MET B 154 -20.94 21.19 9.51
CA MET B 154 -21.16 20.62 8.20
C MET B 154 -22.60 20.12 8.02
N LEU B 155 -23.17 19.59 9.08
CA LEU B 155 -24.57 19.13 9.02
C LEU B 155 -25.54 20.32 8.90
N GLN B 156 -25.26 21.39 9.64
CA GLN B 156 -26.09 22.60 9.56
C GLN B 156 -25.98 23.24 8.19
N ALA B 157 -24.78 23.26 7.64
CA ALA B 157 -24.53 23.78 6.32
C ALA B 157 -25.41 23.00 5.35
N GLU B 158 -25.37 21.67 5.40
CA GLU B 158 -26.26 20.83 4.55
C GLU B 158 -27.73 21.26 4.72
N LEU B 159 -28.10 21.62 5.94
CA LEU B 159 -29.50 22.02 6.26
C LEU B 159 -29.79 23.51 6.00
N GLY B 160 -28.77 24.23 5.54
CA GLY B 160 -28.96 25.60 5.03
C GLY B 160 -28.84 26.60 6.14
N GLN B 161 -28.19 26.17 7.22
CA GLN B 161 -28.15 26.93 8.43
C GLN B 161 -26.72 27.21 8.93
N ALA B 162 -26.61 28.24 9.77
CA ALA B 162 -25.37 28.50 10.49
C ALA B 162 -25.17 27.39 11.54
N PRO B 163 -23.91 27.16 11.98
CA PRO B 163 -23.66 26.14 13.02
C PRO B 163 -24.43 26.44 14.33
N LYS B 164 -24.46 27.70 14.71
CA LYS B 164 -25.22 28.13 15.88
C LYS B 164 -24.69 27.47 17.14
N LEU B 165 -23.38 27.43 17.29
CA LEU B 165 -22.83 26.98 18.58
C LEU B 165 -23.21 27.97 19.74
N LEU C 15 19.41 12.70 -41.38
CA LEU C 15 18.29 11.97 -40.68
C LEU C 15 16.99 12.22 -41.45
N ALA C 16 16.78 11.38 -42.45
CA ALA C 16 15.75 11.56 -43.50
C ALA C 16 14.28 11.63 -43.03
N ASP C 17 13.90 10.71 -42.12
CA ASP C 17 12.50 10.52 -41.75
C ASP C 17 12.30 10.10 -40.28
N SER C 18 11.05 9.80 -39.91
CA SER C 18 10.70 9.53 -38.51
C SER C 18 11.49 8.36 -38.01
N LYS C 19 11.53 7.31 -38.82
CA LYS C 19 12.26 6.13 -38.48
C LYS C 19 13.72 6.47 -38.17
N ALA C 20 14.31 7.33 -39.01
CA ALA C 20 15.74 7.59 -38.93
C ALA C 20 16.07 8.39 -37.68
N VAL C 21 15.19 9.32 -37.33
CA VAL C 21 15.44 10.09 -36.11
C VAL C 21 15.13 9.28 -34.81
N LEU C 22 14.09 8.46 -34.83
CA LEU C 22 13.87 7.46 -33.76
C LEU C 22 15.09 6.62 -33.46
N ASN C 23 15.77 6.14 -34.51
CA ASN C 23 16.96 5.28 -34.31
C ASN C 23 18.16 6.11 -33.83
N GLN C 24 18.23 7.35 -34.30
CA GLN C 24 19.26 8.26 -33.85
C GLN C 24 19.13 8.46 -32.34
N ALA C 25 17.90 8.63 -31.86
CA ALA C 25 17.62 8.81 -30.44
C ALA C 25 17.92 7.56 -29.64
N VAL C 26 17.65 6.38 -30.20
CA VAL C 26 18.05 5.12 -29.54
C VAL C 26 19.57 5.15 -29.25
N ALA C 27 20.34 5.54 -30.27
CA ALA C 27 21.78 5.65 -30.13
C ALA C 27 22.21 6.68 -29.11
N ASP C 28 21.71 7.91 -29.21
CA ASP C 28 22.05 8.96 -28.24
C ASP C 28 21.56 8.72 -26.81
N LEU C 29 20.40 8.09 -26.68
CA LEU C 29 19.86 7.84 -25.35
C LEU C 29 20.70 6.78 -24.66
N SER C 30 21.18 5.82 -25.44
CA SER C 30 22.06 4.79 -24.91
C SER C 30 23.39 5.40 -24.41
N VAL C 31 23.98 6.27 -25.22
CA VAL C 31 25.20 6.96 -24.82
C VAL C 31 24.92 7.89 -23.63
N ALA C 32 23.80 8.61 -23.63
CA ALA C 32 23.46 9.53 -22.53
C ALA C 32 23.33 8.80 -21.18
N HIS C 33 22.77 7.60 -21.21
CA HIS C 33 22.59 6.79 -20.02
C HIS C 33 23.95 6.38 -19.49
N SER C 34 24.83 6.04 -20.43
CA SER C 34 26.21 5.69 -20.13
C SER C 34 26.90 6.82 -19.38
N ILE C 35 26.74 8.04 -19.88
CA ILE C 35 27.35 9.23 -19.33
C ILE C 35 26.77 9.58 -17.97
N LEU C 36 25.45 9.44 -17.83
CA LEU C 36 24.83 9.69 -16.53
C LEU C 36 25.40 8.72 -15.49
N HIS C 37 25.51 7.44 -15.88
CA HIS C 37 26.06 6.42 -15.01
C HIS C 37 27.51 6.76 -14.63
N GLN C 38 28.30 7.14 -15.61
CA GLN C 38 29.60 7.71 -15.27
C GLN C 38 29.49 8.81 -14.19
N VAL C 39 28.57 9.77 -14.37
CA VAL C 39 28.48 10.88 -13.41
C VAL C 39 28.06 10.40 -12.02
N HIS C 40 27.15 9.42 -11.96
CA HIS C 40 26.67 8.79 -10.73
C HIS C 40 27.87 8.18 -10.00
N TRP C 41 28.65 7.39 -10.72
CA TRP C 41 29.77 6.65 -10.09
C TRP C 41 30.97 7.51 -9.64
N TYR C 42 31.35 8.49 -10.46
CA TYR C 42 32.62 9.20 -10.33
C TYR C 42 32.44 10.50 -9.56
N MET C 43 31.20 10.82 -9.25
CA MET C 43 30.88 11.97 -8.42
C MET C 43 31.60 12.03 -7.07
N ARG C 44 32.10 13.24 -6.78
CA ARG C 44 32.72 13.61 -5.49
C ARG C 44 32.52 15.08 -5.22
N GLY C 45 32.30 15.43 -3.94
CA GLY C 45 32.16 16.84 -3.55
C GLY C 45 30.83 17.16 -2.90
N ARG C 46 30.68 18.40 -2.39
CA ARG C 46 29.49 18.72 -1.61
C ARG C 46 28.26 18.77 -2.52
N GLY C 47 27.22 18.05 -2.14
CA GLY C 47 26.09 17.87 -3.05
C GLY C 47 25.97 16.47 -3.55
N PHE C 48 27.03 15.67 -3.33
CA PHE C 48 27.00 14.29 -3.71
C PHE C 48 25.73 13.61 -3.20
N MET C 49 25.39 13.81 -1.92
CA MET C 49 24.31 13.04 -1.29
C MET C 49 22.93 13.30 -1.91
N ILE C 50 22.76 14.45 -2.55
CA ILE C 50 21.52 14.72 -3.29
C ILE C 50 21.68 14.38 -4.79
N TRP C 51 22.85 14.63 -5.35
CA TRP C 51 22.96 14.43 -6.81
C TRP C 51 23.28 12.99 -7.24
N HIS C 52 24.00 12.24 -6.41
CA HIS C 52 24.24 10.80 -6.72
C HIS C 52 22.89 10.07 -6.96
N PRO C 53 21.98 10.03 -5.95
CA PRO C 53 20.68 9.38 -6.27
C PRO C 53 19.87 10.09 -7.38
N LYS C 54 20.03 11.39 -7.56
CA LYS C 54 19.33 12.09 -8.65
C LYS C 54 19.69 11.51 -10.01
N MET C 55 20.95 11.09 -10.21
CA MET C 55 21.35 10.45 -11.47
C MET C 55 20.59 9.16 -11.74
N ASP C 56 20.10 8.47 -10.70
CA ASP C 56 19.23 7.28 -10.88
C ASP C 56 17.86 7.64 -11.49
N GLU C 57 17.28 8.74 -11.02
CA GLU C 57 16.00 9.18 -11.53
C GLU C 57 16.19 9.58 -12.97
N TYR C 58 17.28 10.26 -13.29
CA TYR C 58 17.54 10.61 -14.69
C TYR C 58 17.69 9.39 -15.60
N MET C 59 18.54 8.44 -15.19
CA MET C 59 18.79 7.25 -15.98
C MET C 59 17.51 6.47 -16.24
N GLU C 60 16.75 6.25 -15.17
CA GLU C 60 15.41 5.66 -15.25
C GLU C 60 14.59 6.33 -16.36
N GLU C 61 14.64 7.65 -16.41
CA GLU C 61 13.80 8.36 -17.34
C GLU C 61 14.30 8.19 -18.75
N ILE C 62 15.62 8.34 -18.91
CA ILE C 62 16.29 8.11 -20.17
C ILE C 62 15.97 6.73 -20.63
N ASP C 63 16.04 5.74 -19.74
CA ASP C 63 15.73 4.38 -20.12
C ASP C 63 14.28 4.21 -20.61
N GLY C 64 13.38 5.01 -20.04
CA GLY C 64 11.99 4.99 -20.45
C GLY C 64 11.82 5.41 -21.91
N TYR C 65 12.43 6.54 -22.27
CA TYR C 65 12.44 7.07 -23.64
C TYR C 65 13.07 6.11 -24.61
N LEU C 66 14.22 5.57 -24.23
CA LEU C 66 14.94 4.65 -25.09
C LEU C 66 14.08 3.44 -25.43
N ASP C 67 13.37 2.91 -24.45
CA ASP C 67 12.52 1.74 -24.73
C ASP C 67 11.34 2.19 -25.58
N GLU C 68 10.68 3.28 -25.23
CA GLU C 68 9.54 3.76 -26.00
C GLU C 68 9.85 4.10 -27.47
N MET C 69 11.00 4.70 -27.67
CA MET C 69 11.43 5.12 -28.99
C MET C 69 11.84 3.95 -29.87
N SER C 70 12.65 3.05 -29.37
CA SER C 70 13.01 1.88 -30.17
C SER C 70 11.77 1.11 -30.47
N GLU C 71 10.86 1.03 -29.50
CA GLU C 71 9.68 0.21 -29.71
C GLU C 71 8.68 0.85 -30.65
N ARG C 72 8.64 2.18 -30.66
CA ARG C 72 7.86 2.87 -31.69
C ARG C 72 8.46 2.55 -33.07
N LEU C 73 9.78 2.59 -33.18
CA LEU C 73 10.45 2.21 -34.45
C LEU C 73 10.15 0.78 -34.91
N ILE C 74 10.17 -0.18 -33.98
CA ILE C 74 9.79 -1.55 -34.30
C ILE C 74 8.33 -1.58 -34.81
N THR C 75 7.47 -0.84 -34.11
CA THR C 75 6.09 -0.76 -34.51
C THR C 75 6.01 -0.23 -35.94
N LEU C 76 6.83 0.77 -36.24
CA LEU C 76 6.82 1.39 -37.56
C LEU C 76 7.46 0.53 -38.64
N GLY C 77 7.97 -0.65 -38.29
CA GLY C 77 8.63 -1.51 -39.27
C GLY C 77 10.14 -1.32 -39.46
N GLY C 78 10.75 -0.43 -38.68
CA GLY C 78 12.20 -0.27 -38.70
C GLY C 78 12.95 -1.30 -37.86
N ALA C 79 14.25 -1.06 -37.65
CA ALA C 79 15.11 -2.02 -36.98
C ALA C 79 16.06 -1.26 -36.08
N PRO C 80 15.74 -1.19 -34.77
CA PRO C 80 16.46 -0.25 -33.90
C PRO C 80 17.91 -0.67 -33.72
N PHE C 81 18.81 0.29 -33.57
CA PHE C 81 20.17 -0.05 -33.19
C PHE C 81 20.12 -0.92 -31.94
N SER C 82 20.98 -1.93 -31.84
CA SER C 82 20.90 -2.84 -30.72
C SER C 82 22.23 -3.41 -30.24
N THR C 83 23.34 -2.76 -30.58
CA THR C 83 24.66 -3.24 -30.16
C THR C 83 25.42 -2.04 -29.67
N LEU C 84 26.36 -2.18 -28.76
CA LEU C 84 27.10 -0.96 -28.29
C LEU C 84 27.89 -0.30 -29.40
N LYS C 85 28.33 -1.11 -30.36
CA LYS C 85 28.98 -0.59 -31.56
C LYS C 85 28.03 0.37 -32.27
N GLU C 86 26.81 -0.06 -32.59
CA GLU C 86 25.88 0.88 -33.24
C GLU C 86 25.60 2.09 -32.42
N PHE C 87 25.45 1.93 -31.10
CA PHE C 87 25.15 3.10 -30.27
C PHE C 87 26.31 4.08 -30.41
N SER C 88 27.51 3.59 -30.08
CA SER C 88 28.70 4.42 -30.05
C SER C 88 28.98 5.10 -31.40
N GLU C 89 28.90 4.35 -32.49
CA GLU C 89 29.19 4.90 -33.82
C GLU C 89 28.14 5.85 -34.36
N ASN C 90 26.89 5.64 -33.94
CA ASN C 90 25.80 6.48 -34.46
C ASN C 90 25.50 7.74 -33.64
N SER C 91 25.90 7.74 -32.38
CA SER C 91 25.59 8.85 -31.49
C SER C 91 26.44 10.06 -31.80
N GLN C 92 25.85 11.26 -31.70
CA GLN C 92 26.59 12.52 -31.76
C GLN C 92 27.17 12.90 -30.43
N LEU C 93 26.87 12.12 -29.39
CA LEU C 93 27.40 12.41 -28.07
C LEU C 93 28.76 11.74 -27.94
N LYS C 94 29.66 12.36 -27.21
CA LYS C 94 30.97 11.78 -27.04
C LYS C 94 31.31 11.56 -25.57
N GLU C 95 31.87 10.37 -25.29
CA GLU C 95 32.27 9.93 -23.95
C GLU C 95 33.75 10.16 -23.68
N VAL C 96 34.06 10.43 -22.41
CA VAL C 96 35.43 10.47 -21.98
C VAL C 96 35.62 9.47 -20.85
N LEU C 97 36.87 9.22 -20.48
CA LEU C 97 37.19 8.34 -19.36
C LEU C 97 36.72 8.93 -18.05
N GLY C 98 36.25 8.07 -17.16
CA GLY C 98 35.84 8.51 -15.84
C GLY C 98 36.96 9.19 -15.07
N ASP C 99 36.62 10.22 -14.29
CA ASP C 99 37.62 10.93 -13.52
C ASP C 99 37.02 11.46 -12.23
N TYR C 100 37.57 11.04 -11.10
CA TYR C 100 37.14 11.51 -9.78
C TYR C 100 37.42 12.96 -9.51
N ASN C 101 38.32 13.58 -10.29
CA ASN C 101 38.72 14.97 -10.00
C ASN C 101 37.85 16.09 -10.58
N VAL C 102 36.82 15.72 -11.34
CA VAL C 102 35.86 16.66 -11.87
C VAL C 102 35.00 17.19 -10.72
N THR C 103 34.72 18.48 -10.68
CA THR C 103 33.93 19.03 -9.60
C THR C 103 32.43 18.79 -9.80
N ILE C 104 31.67 18.84 -8.71
CA ILE C 104 30.21 18.67 -8.76
C ILE C 104 29.59 19.50 -9.89
N GLU C 105 29.93 20.78 -9.93
CA GLU C 105 29.34 21.70 -10.91
C GLU C 105 29.69 21.33 -12.35
N GLU C 106 30.89 20.81 -12.54
CA GLU C 106 31.35 20.41 -13.87
C GLU C 106 30.49 19.21 -14.31
N GLN C 107 30.36 18.24 -13.41
CA GLN C 107 29.47 17.09 -13.63
C GLN C 107 28.07 17.60 -14.00
N LEU C 108 27.55 18.51 -13.18
CA LEU C 108 26.21 19.00 -13.40
C LEU C 108 26.10 19.67 -14.73
N ALA C 109 27.12 20.41 -15.14
CA ALA C 109 27.14 21.09 -16.43
C ALA C 109 27.28 20.13 -17.62
N ARG C 110 28.02 19.04 -17.44
CA ARG C 110 28.05 17.96 -18.41
C ARG C 110 26.63 17.45 -18.67
N VAL C 111 25.93 17.15 -17.58
CA VAL C 111 24.56 16.63 -17.69
C VAL C 111 23.69 17.63 -18.46
N VAL C 112 23.76 18.89 -18.08
CA VAL C 112 23.06 19.94 -18.80
C VAL C 112 23.33 19.87 -20.32
N GLU C 113 24.58 19.71 -20.71
CA GLU C 113 24.94 19.76 -22.12
C GLU C 113 24.39 18.57 -22.85
N VAL C 114 24.39 17.41 -22.19
CA VAL C 114 23.81 16.22 -22.78
C VAL C 114 22.30 16.46 -22.99
N PHE C 115 21.64 17.00 -21.95
CA PHE C 115 20.20 17.28 -21.96
C PHE C 115 19.85 18.31 -23.01
N ARG C 116 20.68 19.33 -23.16
CA ARG C 116 20.48 20.32 -24.21
C ARG C 116 20.58 19.67 -25.58
N TYR C 117 21.50 18.74 -25.75
CA TYR C 117 21.55 18.03 -27.01
C TYR C 117 20.26 17.21 -27.18
N LEU C 118 19.88 16.48 -26.13
CA LEU C 118 18.67 15.64 -26.25
C LEU C 118 17.42 16.46 -26.61
N ALA C 119 17.25 17.63 -25.98
CA ALA C 119 16.12 18.49 -26.31
C ALA C 119 16.15 18.90 -27.78
N ALA C 120 17.32 19.28 -28.27
CA ALA C 120 17.48 19.64 -29.66
C ALA C 120 17.16 18.45 -30.55
N LEU C 121 17.61 17.24 -30.19
CA LEU C 121 17.28 16.05 -30.97
C LEU C 121 15.77 15.80 -30.97
N PHE C 122 15.14 15.96 -29.82
CA PHE C 122 13.73 15.67 -29.71
C PHE C 122 12.94 16.68 -30.51
N GLN C 123 13.34 17.95 -30.48
CA GLN C 123 12.77 18.98 -31.35
C GLN C 123 12.84 18.60 -32.85
N LYS C 124 14.00 18.15 -33.30
CA LYS C 124 14.14 17.61 -34.64
C LYS C 124 13.22 16.40 -34.85
N GLY C 125 13.10 15.55 -33.83
CA GLY C 125 12.19 14.42 -33.97
C GLY C 125 10.73 14.87 -34.09
N PHE C 126 10.38 15.89 -33.32
CA PHE C 126 9.04 16.47 -33.34
C PHE C 126 8.76 17.03 -34.73
N ASP C 127 9.65 17.90 -35.20
CA ASP C 127 9.49 18.53 -36.51
C ASP C 127 9.37 17.54 -37.68
N VAL C 128 10.24 16.53 -37.69
CA VAL C 128 10.28 15.54 -38.77
C VAL C 128 9.02 14.66 -38.85
N SER C 129 8.57 14.17 -37.69
CA SER C 129 7.37 13.34 -37.62
C SER C 129 6.13 14.20 -37.88
N ASP C 130 6.22 15.47 -37.52
CA ASP C 130 5.19 16.44 -37.81
C ASP C 130 4.99 16.49 -39.33
N GLU C 131 6.07 16.73 -40.08
CA GLU C 131 5.97 16.91 -41.53
C GLU C 131 5.62 15.59 -42.23
N GLU C 132 5.92 14.46 -41.61
CA GLU C 132 5.53 13.15 -42.14
C GLU C 132 4.11 12.74 -41.73
N GLY C 133 3.47 13.53 -40.87
CA GLY C 133 2.12 13.21 -40.38
C GLY C 133 2.04 12.01 -39.43
N ASP C 134 3.15 11.71 -38.76
CA ASP C 134 3.23 10.62 -37.76
C ASP C 134 2.96 11.23 -36.39
N SER C 135 1.67 11.31 -36.06
CA SER C 135 1.23 11.99 -34.84
C SER C 135 1.69 11.31 -33.56
N VAL C 136 1.70 9.97 -33.58
CA VAL C 136 2.13 9.19 -32.43
C VAL C 136 3.61 9.44 -32.10
N THR C 137 4.48 9.26 -33.08
CA THR C 137 5.90 9.58 -32.91
C THR C 137 6.07 11.03 -32.45
N ASN C 138 5.27 11.92 -33.02
CA ASN C 138 5.26 13.36 -32.65
C ASN C 138 4.97 13.53 -31.15
N ASP C 139 3.93 12.87 -30.67
CA ASP C 139 3.61 13.03 -29.26
C ASP C 139 4.75 12.58 -28.35
N ILE C 140 5.32 11.40 -28.67
CA ILE C 140 6.46 10.83 -27.94
C ILE C 140 7.60 11.85 -27.81
N PHE C 141 8.03 12.42 -28.94
CA PHE C 141 9.08 13.46 -28.88
C PHE C 141 8.65 14.69 -28.09
N ASN C 142 7.39 15.08 -28.17
CA ASN C 142 6.89 16.24 -27.39
C ASN C 142 7.00 16.03 -25.86
N VAL C 143 6.54 14.88 -25.39
CA VAL C 143 6.54 14.52 -23.96
C VAL C 143 8.00 14.43 -23.46
N ALA C 144 8.85 13.80 -24.26
CA ALA C 144 10.27 13.67 -23.93
C ALA C 144 10.87 15.05 -23.83
N LYS C 145 10.56 15.89 -24.80
CA LYS C 145 11.08 17.27 -24.77
C LYS C 145 10.69 18.08 -23.52
N ALA C 146 9.40 18.05 -23.16
CA ALA C 146 8.90 18.86 -22.08
C ALA C 146 9.61 18.46 -20.78
N SER C 147 9.77 17.16 -20.58
CA SER C 147 10.46 16.65 -19.40
C SER C 147 11.92 17.09 -19.30
N ILE C 148 12.70 16.90 -20.37
CA ILE C 148 14.13 17.30 -20.41
C ILE C 148 14.34 18.80 -20.18
N GLU C 149 13.49 19.63 -20.78
CA GLU C 149 13.57 21.09 -20.56
C GLU C 149 13.32 21.43 -19.11
N LYS C 150 12.43 20.67 -18.47
CA LYS C 150 12.14 20.96 -17.07
C LYS C 150 13.39 20.71 -16.26
N HIS C 151 14.01 19.55 -16.44
CA HIS C 151 15.33 19.22 -15.86
C HIS C 151 16.42 20.25 -16.11
N ILE C 152 16.52 20.73 -17.35
CA ILE C 152 17.47 21.77 -17.68
C ILE C 152 17.25 23.01 -16.85
N TRP C 153 16.00 23.49 -16.72
CA TRP C 153 15.71 24.61 -15.79
C TRP C 153 16.23 24.30 -14.38
N MET C 154 15.95 23.11 -13.88
CA MET C 154 16.33 22.75 -12.51
C MET C 154 17.82 22.60 -12.27
N LEU C 155 18.51 21.98 -13.20
CA LEU C 155 19.96 21.87 -13.07
C LEU C 155 20.62 23.24 -13.16
N GLN C 156 20.15 24.07 -14.09
CA GLN C 156 20.72 25.40 -14.30
C GLN C 156 20.49 26.22 -13.05
N ALA C 157 19.29 26.10 -12.48
CA ALA C 157 18.96 26.75 -11.23
C ALA C 157 19.96 26.39 -10.13
N GLU C 158 20.26 25.11 -9.98
CA GLU C 158 21.28 24.69 -9.03
C GLU C 158 22.63 25.37 -9.36
N LEU C 159 22.98 25.44 -10.64
CA LEU C 159 24.24 26.05 -11.07
C LEU C 159 24.15 27.59 -11.03
N GLY C 160 23.07 28.13 -10.47
CA GLY C 160 22.92 29.55 -10.27
C GLY C 160 22.61 30.33 -11.54
N GLN C 161 22.13 29.62 -12.56
CA GLN C 161 21.89 30.19 -13.89
C GLN C 161 20.44 30.04 -14.36
N ALA C 162 20.08 30.83 -15.38
CA ALA C 162 18.81 30.70 -16.05
C ALA C 162 18.87 29.48 -16.98
N PRO C 163 17.71 28.97 -17.38
CA PRO C 163 17.58 27.79 -18.25
C PRO C 163 18.22 27.96 -19.63
N LYS C 164 18.20 29.18 -20.15
CA LYS C 164 18.76 29.54 -21.45
C LYS C 164 18.50 28.52 -22.53
N LEU C 165 17.25 28.18 -22.77
CA LEU C 165 16.96 27.07 -23.70
C LEU C 165 17.44 27.32 -25.16
N SER D 14 -45.68 -14.00 5.08
CA SER D 14 -45.04 -14.95 4.12
C SER D 14 -43.52 -15.17 4.40
N LEU D 15 -42.81 -14.09 4.75
CA LEU D 15 -41.43 -14.17 5.26
C LEU D 15 -41.37 -13.76 6.74
N ALA D 16 -42.51 -13.86 7.41
CA ALA D 16 -42.64 -13.45 8.81
C ALA D 16 -41.73 -14.18 9.77
N ASP D 17 -41.55 -15.49 9.63
CA ASP D 17 -40.66 -16.20 10.52
C ASP D 17 -39.22 -15.74 10.25
N SER D 18 -38.88 -15.50 8.99
CA SER D 18 -37.52 -15.08 8.61
C SER D 18 -37.26 -13.70 9.17
N LYS D 19 -38.22 -12.79 8.97
CA LYS D 19 -38.11 -11.47 9.57
C LYS D 19 -37.94 -11.54 11.10
N ALA D 20 -38.68 -12.41 11.77
CA ALA D 20 -38.61 -12.49 13.23
C ALA D 20 -37.24 -12.94 13.71
N VAL D 21 -36.65 -13.89 13.02
CA VAL D 21 -35.34 -14.39 13.45
C VAL D 21 -34.22 -13.38 13.13
N LEU D 22 -34.33 -12.70 12.00
CA LEU D 22 -33.38 -11.61 11.67
C LEU D 22 -33.34 -10.58 12.78
N ASN D 23 -34.52 -10.20 13.23
CA ASN D 23 -34.64 -9.14 14.21
C ASN D 23 -34.23 -9.65 15.56
N GLN D 24 -34.50 -10.92 15.81
CA GLN D 24 -34.04 -11.52 17.03
C GLN D 24 -32.52 -11.46 17.04
N ALA D 25 -31.89 -11.77 15.91
CA ALA D 25 -30.41 -11.66 15.82
C ALA D 25 -29.89 -10.25 16.03
N VAL D 26 -30.65 -9.24 15.63
CA VAL D 26 -30.27 -7.86 15.84
C VAL D 26 -30.18 -7.56 17.34
N ALA D 27 -31.23 -7.94 18.08
CA ALA D 27 -31.27 -7.78 19.53
C ALA D 27 -30.10 -8.52 20.13
N ASP D 28 -30.01 -9.83 19.88
CA ASP D 28 -28.90 -10.65 20.42
C ASP D 28 -27.48 -10.22 20.10
N LEU D 29 -27.26 -9.83 18.86
CA LEU D 29 -25.93 -9.34 18.46
C LEU D 29 -25.61 -8.04 19.14
N SER D 30 -26.61 -7.17 19.29
CA SER D 30 -26.40 -5.93 20.00
C SER D 30 -26.01 -6.22 21.44
N VAL D 31 -26.67 -7.18 22.08
CA VAL D 31 -26.28 -7.53 23.45
C VAL D 31 -24.91 -8.21 23.50
N ALA D 32 -24.68 -9.16 22.59
CA ALA D 32 -23.40 -9.84 22.48
C ALA D 32 -22.27 -8.82 22.37
N HIS D 33 -22.52 -7.78 21.60
CA HIS D 33 -21.47 -6.78 21.34
C HIS D 33 -21.15 -6.08 22.67
N SER D 34 -22.18 -5.83 23.44
CA SER D 34 -22.05 -5.14 24.71
C SER D 34 -21.24 -5.97 25.69
N ILE D 35 -21.56 -7.27 25.76
CA ILE D 35 -20.80 -8.23 26.55
C ILE D 35 -19.34 -8.33 26.15
N LEU D 36 -19.04 -8.45 24.85
CA LEU D 36 -17.64 -8.44 24.38
C LEU D 36 -16.91 -7.18 24.83
N HIS D 37 -17.66 -6.06 24.86
CA HIS D 37 -17.00 -4.80 25.21
C HIS D 37 -16.69 -4.78 26.70
N GLN D 38 -17.61 -5.26 27.54
CA GLN D 38 -17.34 -5.46 28.95
C GLN D 38 -16.14 -6.40 29.20
N VAL D 39 -16.08 -7.54 28.52
CA VAL D 39 -14.93 -8.46 28.68
C VAL D 39 -13.60 -7.78 28.36
N HIS D 40 -13.63 -6.95 27.33
CA HIS D 40 -12.45 -6.22 26.82
C HIS D 40 -11.98 -5.26 27.89
N TRP D 41 -12.89 -4.48 28.45
CA TRP D 41 -12.53 -3.49 29.46
C TRP D 41 -12.18 -4.07 30.82
N TYR D 42 -12.98 -5.02 31.28
CA TYR D 42 -12.82 -5.56 32.63
C TYR D 42 -11.77 -6.68 32.76
N MET D 43 -11.14 -7.05 31.65
CA MET D 43 -10.14 -8.11 31.63
C MET D 43 -8.92 -7.79 32.47
N ARG D 44 -8.46 -8.78 33.24
CA ARG D 44 -7.27 -8.74 34.10
C ARG D 44 -6.75 -10.16 34.26
N GLY D 45 -5.42 -10.34 34.17
CA GLY D 45 -4.80 -11.65 34.35
C GLY D 45 -3.87 -12.01 33.20
N ARG D 46 -3.12 -13.09 33.34
CA ARG D 46 -2.11 -13.45 32.33
C ARG D 46 -2.79 -13.86 31.03
N GLY D 47 -2.31 -13.32 29.92
CA GLY D 47 -3.04 -13.42 28.65
C GLY D 47 -3.90 -12.23 28.28
N PHE D 48 -4.07 -11.27 29.20
CA PHE D 48 -4.74 -10.01 28.86
C PHE D 48 -4.20 -9.48 27.52
N MET D 49 -2.89 -9.49 27.34
CA MET D 49 -2.31 -8.76 26.23
C MET D 49 -2.66 -9.38 24.87
N ILE D 50 -2.97 -10.67 24.85
CA ILE D 50 -3.50 -11.32 23.67
C ILE D 50 -5.04 -11.21 23.55
N TRP D 51 -5.72 -11.40 24.66
CA TRP D 51 -7.17 -11.51 24.58
C TRP D 51 -7.90 -10.19 24.58
N HIS D 52 -7.27 -9.17 25.13
CA HIS D 52 -7.82 -7.83 25.11
C HIS D 52 -8.02 -7.34 23.65
N PRO D 53 -6.94 -7.28 22.84
CA PRO D 53 -7.17 -6.97 21.42
C PRO D 53 -8.04 -7.96 20.70
N LYS D 54 -8.00 -9.25 21.08
CA LYS D 54 -8.83 -10.21 20.40
C LYS D 54 -10.28 -9.82 20.53
N MET D 55 -10.66 -9.19 21.64
CA MET D 55 -12.04 -8.79 21.86
C MET D 55 -12.48 -7.79 20.82
N ASP D 56 -11.58 -6.90 20.39
CA ASP D 56 -11.88 -6.01 19.23
C ASP D 56 -12.14 -6.74 17.93
N GLU D 57 -11.33 -7.75 17.62
CA GLU D 57 -11.58 -8.60 16.46
C GLU D 57 -13.01 -9.19 16.50
N TYR D 58 -13.41 -9.70 17.66
CA TYR D 58 -14.73 -10.32 17.81
C TYR D 58 -15.84 -9.27 17.67
N MET D 59 -15.65 -8.12 18.30
CA MET D 59 -16.64 -7.03 18.20
C MET D 59 -16.83 -6.56 16.77
N GLU D 60 -15.75 -6.43 16.01
CA GLU D 60 -15.85 -5.99 14.60
C GLU D 60 -16.72 -6.96 13.81
N GLU D 61 -16.41 -8.24 13.94
CA GLU D 61 -17.20 -9.31 13.35
C GLU D 61 -18.68 -9.36 13.74
N ILE D 62 -18.96 -9.37 15.04
CA ILE D 62 -20.30 -9.20 15.56
C ILE D 62 -21.01 -7.96 14.94
N ASP D 63 -20.32 -6.80 14.89
CA ASP D 63 -20.92 -5.61 14.25
C ASP D 63 -21.21 -5.84 12.80
N GLY D 64 -20.31 -6.58 12.15
CA GLY D 64 -20.46 -6.97 10.75
C GLY D 64 -21.76 -7.74 10.57
N TYR D 65 -22.02 -8.72 11.43
CA TYR D 65 -23.30 -9.49 11.32
C TYR D 65 -24.49 -8.68 11.68
N LEU D 66 -24.39 -7.90 12.75
CA LEU D 66 -25.55 -7.11 13.15
C LEU D 66 -26.02 -6.20 12.02
N ASP D 67 -25.10 -5.50 11.37
CA ASP D 67 -25.44 -4.59 10.29
C ASP D 67 -26.01 -5.36 9.09
N GLU D 68 -25.38 -6.49 8.76
CA GLU D 68 -25.79 -7.24 7.60
C GLU D 68 -27.22 -7.81 7.75
N MET D 69 -27.52 -8.24 8.96
CA MET D 69 -28.76 -8.92 9.22
C MET D 69 -29.87 -7.92 9.39
N SER D 70 -29.55 -6.81 10.05
CA SER D 70 -30.49 -5.70 10.18
C SER D 70 -30.86 -5.19 8.80
N GLU D 71 -29.90 -5.10 7.88
CA GLU D 71 -30.18 -4.54 6.57
C GLU D 71 -30.83 -5.54 5.63
N ARG D 72 -30.62 -6.83 5.90
CA ARG D 72 -31.37 -7.85 5.20
C ARG D 72 -32.84 -7.74 5.60
N LEU D 73 -33.10 -7.56 6.89
CA LEU D 73 -34.47 -7.35 7.36
C LEU D 73 -35.13 -6.12 6.71
N ILE D 74 -34.47 -4.99 6.73
CA ILE D 74 -34.95 -3.80 6.04
C ILE D 74 -35.25 -4.16 4.57
N THR D 75 -34.35 -4.89 3.93
CA THR D 75 -34.50 -5.18 2.51
C THR D 75 -35.73 -6.03 2.23
N LEU D 76 -36.14 -6.79 3.26
CA LEU D 76 -37.32 -7.67 3.18
C LEU D 76 -38.61 -6.96 3.57
N GLY D 77 -38.55 -5.66 3.79
CA GLY D 77 -39.74 -4.92 4.22
C GLY D 77 -39.98 -4.93 5.72
N GLY D 78 -38.94 -5.22 6.50
CA GLY D 78 -39.07 -5.22 7.95
C GLY D 78 -38.60 -3.94 8.60
N ALA D 79 -38.60 -3.95 9.92
CA ALA D 79 -38.33 -2.79 10.74
C ALA D 79 -37.51 -3.34 11.91
N PRO D 80 -36.17 -3.19 11.87
CA PRO D 80 -35.30 -3.77 12.90
C PRO D 80 -35.39 -3.00 14.20
N PHE D 81 -35.31 -3.73 15.33
CA PHE D 81 -35.16 -3.10 16.65
C PHE D 81 -34.02 -2.11 16.49
N SER D 82 -34.13 -0.93 17.09
CA SER D 82 -33.04 0.04 16.95
C SER D 82 -32.91 0.92 18.16
N THR D 83 -33.32 0.41 19.32
CA THR D 83 -33.14 1.16 20.56
C THR D 83 -32.56 0.19 21.55
N LEU D 84 -31.86 0.70 22.55
CA LEU D 84 -31.20 -0.18 23.54
C LEU D 84 -32.23 -0.94 24.34
N LYS D 85 -33.37 -0.30 24.60
CA LYS D 85 -34.45 -0.94 25.33
C LYS D 85 -34.94 -2.14 24.56
N GLU D 86 -35.29 -1.94 23.29
CA GLU D 86 -35.70 -3.06 22.45
C GLU D 86 -34.64 -4.16 22.40
N PHE D 87 -33.36 -3.82 22.29
CA PHE D 87 -32.35 -4.88 22.19
C PHE D 87 -32.36 -5.70 23.47
N SER D 88 -32.31 -4.98 24.57
CA SER D 88 -32.16 -5.61 25.85
C SER D 88 -33.39 -6.51 26.17
N GLU D 89 -34.59 -6.05 25.82
CA GLU D 89 -35.83 -6.80 26.12
C GLU D 89 -36.11 -7.96 25.17
N ASN D 90 -35.65 -7.87 23.93
CA ASN D 90 -35.91 -8.96 22.99
C ASN D 90 -34.85 -10.05 22.99
N SER D 91 -33.70 -9.72 23.55
CA SER D 91 -32.58 -10.63 23.59
C SER D 91 -32.72 -11.71 24.65
N GLN D 92 -32.23 -12.90 24.32
CA GLN D 92 -32.21 -14.02 25.27
C GLN D 92 -30.98 -14.03 26.15
N LEU D 93 -29.96 -13.25 25.79
CA LEU D 93 -28.72 -13.17 26.55
C LEU D 93 -28.96 -12.30 27.75
N LYS D 94 -28.29 -12.60 28.85
CA LYS D 94 -28.44 -11.83 30.07
C LYS D 94 -27.14 -11.11 30.35
N GLU D 95 -27.23 -9.81 30.62
CA GLU D 95 -26.04 -9.03 30.99
C GLU D 95 -25.88 -8.82 32.47
N VAL D 96 -24.64 -8.65 32.91
CA VAL D 96 -24.32 -8.46 34.31
C VAL D 96 -23.36 -7.29 34.52
N LEU D 97 -23.36 -6.74 35.73
CA LEU D 97 -22.49 -5.63 36.07
C LEU D 97 -21.03 -6.03 35.90
N GLY D 98 -20.22 -5.17 35.27
CA GLY D 98 -18.82 -5.47 35.05
C GLY D 98 -18.11 -5.73 36.37
N ASP D 99 -17.13 -6.63 36.35
CA ASP D 99 -16.42 -7.05 37.56
C ASP D 99 -15.00 -7.40 37.18
N TYR D 100 -14.04 -6.70 37.78
CA TYR D 100 -12.62 -6.91 37.50
C TYR D 100 -12.07 -8.24 38.01
N ASN D 101 -12.80 -8.93 38.89
CA ASN D 101 -12.28 -10.16 39.53
C ASN D 101 -12.76 -11.48 38.89
N VAL D 102 -13.40 -11.37 37.72
CA VAL D 102 -13.57 -12.52 36.83
C VAL D 102 -12.17 -12.88 36.28
N THR D 103 -11.79 -14.15 36.32
CA THR D 103 -10.48 -14.56 35.84
C THR D 103 -10.48 -14.58 34.28
N ILE D 104 -9.31 -14.70 33.68
CA ILE D 104 -9.20 -14.78 32.23
C ILE D 104 -10.02 -15.93 31.69
N GLU D 105 -9.82 -17.12 32.26
CA GLU D 105 -10.51 -18.33 31.86
C GLU D 105 -12.01 -18.15 31.96
N GLU D 106 -12.47 -17.55 33.05
CA GLU D 106 -13.89 -17.24 33.21
C GLU D 106 -14.35 -16.31 32.11
N GLN D 107 -13.59 -15.27 31.83
CA GLN D 107 -13.95 -14.37 30.75
C GLN D 107 -14.08 -15.16 29.44
N LEU D 108 -13.15 -16.08 29.19
CA LEU D 108 -13.18 -16.84 27.92
C LEU D 108 -14.39 -17.75 27.87
N ALA D 109 -14.76 -18.30 29.01
CA ALA D 109 -15.88 -19.20 29.08
C ALA D 109 -17.15 -18.42 28.86
N ARG D 110 -17.21 -17.16 29.30
CA ARG D 110 -18.40 -16.32 29.07
C ARG D 110 -18.60 -16.08 27.57
N VAL D 111 -17.53 -15.72 26.86
CA VAL D 111 -17.56 -15.51 25.37
C VAL D 111 -17.97 -16.79 24.64
N VAL D 112 -17.41 -17.90 25.08
CA VAL D 112 -17.89 -19.21 24.61
C VAL D 112 -19.41 -19.41 24.80
N GLU D 113 -19.98 -19.12 25.97
CA GLU D 113 -21.44 -19.25 26.20
C GLU D 113 -22.22 -18.36 25.21
N VAL D 114 -21.69 -17.18 24.93
CA VAL D 114 -22.41 -16.28 24.09
C VAL D 114 -22.34 -16.77 22.67
N PHE D 115 -21.17 -17.24 22.26
CA PHE D 115 -21.00 -17.71 20.89
C PHE D 115 -21.81 -18.97 20.66
N ARG D 116 -21.89 -19.83 21.66
CA ARG D 116 -22.71 -21.03 21.51
C ARG D 116 -24.17 -20.65 21.32
N TYR D 117 -24.63 -19.69 22.10
CA TYR D 117 -26.00 -19.17 21.92
C TYR D 117 -26.17 -18.70 20.47
N LEU D 118 -25.21 -17.90 19.99
CA LEU D 118 -25.30 -17.29 18.66
C LEU D 118 -25.27 -18.31 17.55
N ALA D 119 -24.40 -19.29 17.67
CA ALA D 119 -24.39 -20.41 16.77
C ALA D 119 -25.75 -21.12 16.74
N ALA D 120 -26.40 -21.30 17.89
CA ALA D 120 -27.73 -21.92 17.88
C ALA D 120 -28.79 -20.97 17.26
N LEU D 121 -28.76 -19.68 17.62
CA LEU D 121 -29.63 -18.71 16.97
C LEU D 121 -29.46 -18.77 15.43
N PHE D 122 -28.21 -18.77 14.98
CA PHE D 122 -27.93 -18.86 13.56
C PHE D 122 -28.41 -20.13 12.90
N GLN D 123 -28.31 -21.24 13.61
CA GLN D 123 -28.91 -22.48 13.14
C GLN D 123 -30.41 -22.32 12.92
N LYS D 124 -31.12 -21.81 13.93
CA LYS D 124 -32.54 -21.53 13.81
C LYS D 124 -32.81 -20.62 12.64
N GLY D 125 -32.01 -19.57 12.47
CA GLY D 125 -32.22 -18.69 11.31
C GLY D 125 -32.01 -19.37 9.97
N PHE D 126 -31.05 -20.30 9.97
CA PHE D 126 -30.72 -21.06 8.79
C PHE D 126 -31.95 -21.93 8.45
N ASP D 127 -32.49 -22.59 9.47
CA ASP D 127 -33.59 -23.54 9.30
C ASP D 127 -34.85 -22.81 8.84
N VAL D 128 -35.24 -21.78 9.60
CA VAL D 128 -36.42 -20.98 9.28
C VAL D 128 -36.35 -20.35 7.88
N SER D 129 -35.20 -19.82 7.47
CA SER D 129 -35.10 -19.19 6.15
C SER D 129 -35.21 -20.24 5.05
N ASP D 130 -34.66 -21.43 5.30
CA ASP D 130 -34.78 -22.52 4.37
C ASP D 130 -36.27 -22.94 4.22
N GLU D 131 -36.98 -23.01 5.35
CA GLU D 131 -38.40 -23.35 5.37
C GLU D 131 -39.24 -22.33 4.59
N GLU D 132 -38.89 -21.05 4.68
CA GLU D 132 -39.65 -19.99 4.01
C GLU D 132 -39.12 -19.70 2.60
N GLY D 133 -38.07 -20.41 2.21
CA GLY D 133 -37.45 -20.29 0.90
C GLY D 133 -36.65 -19.01 0.71
N ASP D 134 -36.23 -18.37 1.81
CA ASP D 134 -35.40 -17.17 1.78
C ASP D 134 -33.93 -17.59 1.71
N SER D 135 -33.46 -17.88 0.50
CA SER D 135 -32.10 -18.41 0.25
C SER D 135 -30.99 -17.40 0.53
N VAL D 136 -31.27 -16.12 0.33
CA VAL D 136 -30.24 -15.13 0.62
C VAL D 136 -30.03 -15.07 2.13
N THR D 137 -31.11 -14.84 2.88
CA THR D 137 -31.05 -14.86 4.36
C THR D 137 -30.41 -16.16 4.88
N ASN D 138 -30.78 -17.28 4.28
CA ASN D 138 -30.17 -18.59 4.63
C ASN D 138 -28.62 -18.51 4.52
N ASP D 139 -28.08 -18.03 3.42
CA ASP D 139 -26.60 -18.02 3.32
C ASP D 139 -25.93 -17.05 4.27
N ILE D 140 -26.64 -15.99 4.66
CA ILE D 140 -26.15 -15.00 5.63
C ILE D 140 -25.96 -15.66 7.00
N PHE D 141 -26.97 -16.38 7.46
CA PHE D 141 -26.82 -17.12 8.72
C PHE D 141 -25.75 -18.20 8.65
N ASN D 142 -25.61 -18.86 7.50
CA ASN D 142 -24.66 -19.97 7.35
C ASN D 142 -23.21 -19.50 7.47
N VAL D 143 -22.92 -18.37 6.83
CA VAL D 143 -21.59 -17.73 6.89
C VAL D 143 -21.28 -17.34 8.33
N ALA D 144 -22.20 -16.63 8.96
CA ALA D 144 -22.05 -16.26 10.37
C ALA D 144 -21.77 -17.49 11.23
N LYS D 145 -22.52 -18.56 11.02
CA LYS D 145 -22.41 -19.78 11.82
C LYS D 145 -21.05 -20.41 11.61
N ALA D 146 -20.60 -20.42 10.35
CA ALA D 146 -19.30 -20.97 10.04
C ALA D 146 -18.26 -20.38 10.95
N SER D 147 -18.22 -19.05 10.99
CA SER D 147 -17.14 -18.32 11.62
C SER D 147 -17.25 -18.36 13.14
N ILE D 148 -18.47 -18.32 13.65
CA ILE D 148 -18.65 -18.44 15.10
C ILE D 148 -18.15 -19.77 15.66
N GLU D 149 -18.46 -20.86 14.97
CA GLU D 149 -18.05 -22.20 15.38
C GLU D 149 -16.52 -22.34 15.36
N LYS D 150 -15.87 -21.76 14.37
CA LYS D 150 -14.41 -21.73 14.33
C LYS D 150 -13.83 -21.04 15.55
N HIS D 151 -14.51 -19.98 15.98
CA HIS D 151 -14.13 -19.22 17.17
C HIS D 151 -14.32 -20.02 18.45
N ILE D 152 -15.46 -20.71 18.57
CA ILE D 152 -15.63 -21.63 19.67
C ILE D 152 -14.51 -22.66 19.67
N TRP D 153 -14.15 -23.19 18.50
CA TRP D 153 -13.10 -24.20 18.49
C TRP D 153 -11.85 -23.58 19.10
N MET D 154 -11.51 -22.36 18.68
CA MET D 154 -10.27 -21.73 19.16
C MET D 154 -10.28 -21.31 20.62
N LEU D 155 -11.35 -20.65 21.03
CA LEU D 155 -11.60 -20.37 22.45
C LEU D 155 -11.45 -21.60 23.34
N GLN D 156 -12.16 -22.67 23.00
CA GLN D 156 -12.12 -23.93 23.78
C GLN D 156 -10.74 -24.51 23.80
N ALA D 157 -10.02 -24.41 22.68
CA ALA D 157 -8.66 -24.90 22.61
C ALA D 157 -7.81 -24.15 23.61
N GLU D 158 -7.97 -22.84 23.70
CA GLU D 158 -7.20 -22.08 24.68
C GLU D 158 -7.52 -22.60 26.07
N LEU D 159 -8.77 -22.96 26.28
CA LEU D 159 -9.27 -23.42 27.58
C LEU D 159 -8.89 -24.87 27.79
N GLY D 160 -8.23 -25.48 26.80
CA GLY D 160 -7.79 -26.87 26.96
C GLY D 160 -8.90 -27.87 26.77
N GLN D 161 -9.90 -27.50 26.00
CA GLN D 161 -11.08 -28.34 25.81
C GLN D 161 -11.42 -28.51 24.34
N ALA D 162 -12.25 -29.50 24.09
CA ALA D 162 -12.75 -29.80 22.78
C ALA D 162 -13.86 -28.80 22.45
N PRO D 163 -14.17 -28.60 21.16
CA PRO D 163 -15.18 -27.60 20.81
C PRO D 163 -16.56 -27.89 21.41
N LYS D 164 -16.88 -29.17 21.59
CA LYS D 164 -18.18 -29.59 22.11
C LYS D 164 -19.39 -28.93 21.43
N LEU D 165 -19.41 -28.92 20.11
CA LEU D 165 -20.60 -28.44 19.42
C LEU D 165 -21.77 -29.49 19.53
N LEU E 15 38.80 -11.01 23.15
CA LEU E 15 38.38 -10.87 21.72
C LEU E 15 38.93 -12.01 20.85
N ALA E 16 38.99 -13.23 21.40
CA ALA E 16 39.39 -14.41 20.61
C ALA E 16 38.33 -15.52 20.55
N ASP E 17 37.07 -15.12 20.72
CA ASP E 17 35.92 -15.94 20.35
C ASP E 17 34.71 -15.11 19.88
N SER E 18 33.78 -15.78 19.22
CA SER E 18 32.70 -15.11 18.51
C SER E 18 31.84 -14.35 19.49
N LYS E 19 31.63 -14.95 20.65
CA LYS E 19 30.80 -14.38 21.71
C LYS E 19 31.37 -13.11 22.33
N ALA E 20 32.70 -13.03 22.43
CA ALA E 20 33.35 -11.80 22.89
C ALA E 20 33.33 -10.70 21.82
N VAL E 21 33.55 -11.08 20.57
CA VAL E 21 33.54 -10.07 19.54
C VAL E 21 32.10 -9.49 19.34
N LEU E 22 31.12 -10.38 19.41
CA LEU E 22 29.71 -9.98 19.32
C LEU E 22 29.37 -9.01 20.43
N ASN E 23 29.70 -9.36 21.68
CA ASN E 23 29.40 -8.51 22.81
C ASN E 23 30.19 -7.18 22.69
N GLN E 24 31.39 -7.23 22.12
CA GLN E 24 32.13 -5.99 21.94
C GLN E 24 31.33 -5.09 20.98
N ALA E 25 30.83 -5.68 19.90
CA ALA E 25 29.99 -4.98 18.94
C ALA E 25 28.73 -4.41 19.63
N VAL E 26 28.11 -5.15 20.54
CA VAL E 26 26.97 -4.59 21.29
C VAL E 26 27.34 -3.22 21.90
N ALA E 27 28.55 -3.13 22.47
CA ALA E 27 28.94 -1.93 23.24
C ALA E 27 29.24 -0.82 22.30
N ASP E 28 29.96 -1.16 21.23
CA ASP E 28 30.40 -0.19 20.25
C ASP E 28 29.27 0.35 19.40
N LEU E 29 28.30 -0.49 19.06
CA LEU E 29 27.14 -0.02 18.29
C LEU E 29 26.25 0.83 19.15
N SER E 30 26.15 0.47 20.43
CA SER E 30 25.44 1.32 21.37
C SER E 30 26.08 2.70 21.49
N VAL E 31 27.39 2.76 21.54
CA VAL E 31 28.07 4.08 21.58
C VAL E 31 27.98 4.82 20.26
N ALA E 32 28.17 4.09 19.15
CA ALA E 32 27.98 4.63 17.81
C ALA E 32 26.57 5.20 17.62
N HIS E 33 25.56 4.52 18.08
CA HIS E 33 24.22 5.11 18.02
C HIS E 33 24.11 6.47 18.76
N SER E 34 24.60 6.52 20.00
CA SER E 34 24.64 7.75 20.79
C SER E 34 25.36 8.89 20.08
N ILE E 35 26.49 8.61 19.46
CA ILE E 35 27.23 9.62 18.69
C ILE E 35 26.49 10.08 17.46
N LEU E 36 25.81 9.16 16.78
CA LEU E 36 25.06 9.50 15.60
C LEU E 36 23.90 10.42 15.98
N HIS E 37 23.34 10.19 17.17
CA HIS E 37 22.25 10.99 17.69
C HIS E 37 22.74 12.42 17.99
N GLN E 38 23.87 12.51 18.65
CA GLN E 38 24.51 13.79 18.91
C GLN E 38 24.75 14.60 17.64
N VAL E 39 25.29 13.95 16.61
CA VAL E 39 25.49 14.62 15.35
C VAL E 39 24.13 15.07 14.83
N HIS E 40 23.12 14.19 14.91
CA HIS E 40 21.74 14.54 14.46
C HIS E 40 21.33 15.86 15.08
N TRP E 41 21.49 15.99 16.40
CA TRP E 41 20.91 17.11 17.14
C TRP E 41 21.73 18.41 17.01
N TYR E 42 23.05 18.26 17.07
CA TYR E 42 23.92 19.44 17.12
C TYR E 42 24.32 19.93 15.74
N MET E 43 23.90 19.21 14.70
CA MET E 43 24.26 19.59 13.35
C MET E 43 23.85 21.03 13.01
N ARG E 44 24.75 21.77 12.37
CA ARG E 44 24.47 23.11 11.83
C ARG E 44 25.26 23.31 10.55
N GLY E 45 24.74 24.07 9.62
CA GLY E 45 25.51 24.45 8.45
C GLY E 45 24.84 24.00 7.17
N ARG E 46 25.35 24.46 6.02
CA ARG E 46 24.77 24.08 4.73
C ARG E 46 24.92 22.58 4.52
N GLY E 47 23.79 21.93 4.24
CA GLY E 47 23.75 20.46 4.11
C GLY E 47 22.93 19.85 5.23
N PHE E 48 22.60 20.65 6.24
CA PHE E 48 21.80 20.16 7.34
C PHE E 48 20.54 19.44 6.83
N MET E 49 19.82 20.05 5.89
CA MET E 49 18.55 19.50 5.42
C MET E 49 18.68 18.07 4.84
N ILE E 50 19.88 17.69 4.39
CA ILE E 50 20.06 16.34 3.85
C ILE E 50 20.66 15.40 4.87
N TRP E 51 21.63 15.90 5.61
CA TRP E 51 22.39 15.05 6.52
C TRP E 51 21.71 14.80 7.84
N HIS E 52 20.98 15.77 8.35
CA HIS E 52 20.22 15.59 9.60
C HIS E 52 19.32 14.34 9.49
N PRO E 53 18.47 14.26 8.43
CA PRO E 53 17.64 13.07 8.17
C PRO E 53 18.46 11.79 7.89
N LYS E 54 19.58 11.93 7.18
CA LYS E 54 20.46 10.82 6.92
C LYS E 54 20.94 10.17 8.21
N MET E 55 21.10 10.94 9.28
CA MET E 55 21.58 10.36 10.55
C MET E 55 20.60 9.34 11.08
N ASP E 56 19.30 9.60 10.90
CA ASP E 56 18.24 8.65 11.26
C ASP E 56 18.32 7.34 10.49
N GLU E 57 18.63 7.41 9.18
CA GLU E 57 18.92 6.22 8.38
C GLU E 57 20.12 5.47 8.99
N TYR E 58 21.19 6.19 9.29
CA TYR E 58 22.37 5.55 9.88
C TYR E 58 22.03 4.90 11.21
N MET E 59 21.25 5.58 12.04
CA MET E 59 20.88 5.04 13.34
C MET E 59 19.96 3.83 13.24
N GLU E 60 18.97 3.90 12.34
CA GLU E 60 18.11 2.73 12.13
C GLU E 60 18.99 1.51 11.77
N GLU E 61 19.93 1.69 10.85
CA GLU E 61 20.86 0.61 10.52
C GLU E 61 21.65 0.09 11.74
N ILE E 62 22.26 1.00 12.50
CA ILE E 62 23.08 0.64 13.68
C ILE E 62 22.25 -0.13 14.70
N ASP E 63 21.02 0.30 14.89
CA ASP E 63 20.10 -0.45 15.74
C ASP E 63 19.84 -1.84 15.16
N GLY E 64 19.75 -1.90 13.83
CA GLY E 64 19.56 -3.13 13.10
C GLY E 64 20.64 -4.11 13.53
N TYR E 65 21.90 -3.69 13.42
CA TYR E 65 23.02 -4.58 13.76
C TYR E 65 23.09 -4.88 15.25
N LEU E 66 22.81 -3.89 16.06
CA LEU E 66 22.87 -4.09 17.48
C LEU E 66 21.93 -5.23 17.89
N ASP E 67 20.70 -5.17 17.41
CA ASP E 67 19.75 -6.21 17.74
C ASP E 67 20.22 -7.57 17.23
N GLU E 68 20.62 -7.68 15.95
CA GLU E 68 21.01 -8.97 15.38
C GLU E 68 22.19 -9.60 16.12
N MET E 69 23.24 -8.82 16.38
CA MET E 69 24.41 -9.29 17.15
C MET E 69 24.08 -9.65 18.60
N SER E 70 23.39 -8.79 19.33
CA SER E 70 23.09 -9.14 20.70
C SER E 70 22.33 -10.46 20.75
N GLU E 71 21.35 -10.57 19.88
CA GLU E 71 20.51 -11.74 19.80
C GLU E 71 21.22 -12.96 19.23
N ARG E 72 22.28 -12.75 18.43
CA ARG E 72 23.09 -13.89 18.03
C ARG E 72 23.84 -14.41 19.26
N LEU E 73 24.47 -13.50 20.00
CA LEU E 73 25.11 -13.82 21.29
C LEU E 73 24.16 -14.62 22.19
N ILE E 74 22.95 -14.14 22.40
CA ILE E 74 22.00 -14.86 23.24
C ILE E 74 21.76 -16.28 22.72
N THR E 75 21.60 -16.39 21.41
CA THR E 75 21.26 -17.65 20.78
C THR E 75 22.41 -18.61 21.08
N LEU E 76 23.62 -18.06 21.06
CA LEU E 76 24.87 -18.81 21.35
C LEU E 76 25.16 -18.96 22.85
N GLY E 77 24.24 -18.55 23.72
CA GLY E 77 24.39 -18.88 25.13
C GLY E 77 25.21 -17.86 25.88
N GLY E 78 25.35 -16.67 25.28
CA GLY E 78 26.02 -15.55 25.94
C GLY E 78 25.04 -14.65 26.65
N ALA E 79 25.55 -13.54 27.17
CA ALA E 79 24.76 -12.60 27.92
C ALA E 79 25.29 -11.25 27.53
N PRO E 80 24.50 -10.53 26.71
CA PRO E 80 24.86 -9.20 26.18
C PRO E 80 25.01 -8.11 27.23
N PHE E 81 26.02 -7.28 27.06
CA PHE E 81 26.06 -5.99 27.70
C PHE E 81 24.66 -5.41 27.54
N SER E 82 24.10 -4.88 28.63
CA SER E 82 22.77 -4.36 28.55
C SER E 82 22.53 -3.18 29.49
N THR E 83 23.60 -2.51 29.91
CA THR E 83 23.48 -1.27 30.69
C THR E 83 24.42 -0.25 30.06
N LEU E 84 24.16 1.03 30.29
CA LEU E 84 24.95 2.09 29.73
C LEU E 84 26.39 2.02 30.23
N LYS E 85 26.55 1.75 31.51
CA LYS E 85 27.86 1.58 32.14
C LYS E 85 28.66 0.57 31.32
N GLU E 86 28.07 -0.60 31.07
CA GLU E 86 28.69 -1.66 30.28
C GLU E 86 29.04 -1.22 28.86
N PHE E 87 28.14 -0.50 28.19
CA PHE E 87 28.42 -0.03 26.83
C PHE E 87 29.63 0.90 26.86
N SER E 88 29.55 1.89 27.75
CA SER E 88 30.53 2.97 27.86
C SER E 88 31.93 2.43 28.15
N GLU E 89 32.04 1.66 29.24
CA GLU E 89 33.32 1.08 29.71
C GLU E 89 33.93 0.08 28.73
N ASN E 90 33.08 -0.73 28.07
CA ASN E 90 33.60 -1.71 27.15
C ASN E 90 33.87 -1.20 25.73
N SER E 91 33.23 -0.11 25.34
CA SER E 91 33.40 0.35 23.97
C SER E 91 34.78 0.98 23.81
N GLN E 92 35.36 0.87 22.61
CA GLN E 92 36.64 1.51 22.31
C GLN E 92 36.40 2.89 21.74
N LEU E 93 35.14 3.24 21.52
CA LEU E 93 34.79 4.56 21.02
C LEU E 93 34.72 5.60 22.13
N LYS E 94 35.05 6.83 21.77
CA LYS E 94 35.14 7.94 22.72
C LYS E 94 34.09 9.01 22.43
N GLU E 95 33.23 9.29 23.40
CA GLU E 95 32.24 10.32 23.26
C GLU E 95 32.75 11.62 23.85
N VAL E 96 32.32 12.74 23.27
CA VAL E 96 32.61 14.09 23.76
C VAL E 96 31.29 14.84 23.96
N LEU E 97 31.34 15.97 24.68
CA LEU E 97 30.14 16.79 24.85
C LEU E 97 29.70 17.31 23.52
N GLY E 98 28.38 17.42 23.35
CA GLY E 98 27.82 17.95 22.10
C GLY E 98 28.15 19.42 21.97
N ASP E 99 28.44 19.83 20.76
CA ASP E 99 28.81 21.21 20.50
C ASP E 99 28.21 21.64 19.16
N TYR E 100 27.51 22.77 19.16
CA TYR E 100 26.91 23.32 17.94
C TYR E 100 27.95 23.90 17.00
N ASN E 101 29.15 24.13 17.52
CA ASN E 101 30.15 24.93 16.79
C ASN E 101 31.07 24.05 15.96
N VAL E 102 30.52 22.96 15.48
CA VAL E 102 31.22 22.06 14.61
C VAL E 102 30.58 22.16 13.24
N THR E 103 31.41 22.16 12.19
CA THR E 103 30.91 22.17 10.81
C THR E 103 30.35 20.83 10.34
N ILE E 104 29.53 20.89 9.29
CA ILE E 104 28.98 19.70 8.66
C ILE E 104 30.10 18.77 8.21
N GLU E 105 31.08 19.33 7.51
CA GLU E 105 32.22 18.56 7.08
C GLU E 105 32.91 17.89 8.26
N GLU E 106 33.06 18.61 9.37
CA GLU E 106 33.61 18.00 10.59
C GLU E 106 32.72 16.89 11.15
N GLN E 107 31.40 17.14 11.16
CA GLN E 107 30.44 16.11 11.58
C GLN E 107 30.56 14.87 10.71
N LEU E 108 30.56 15.04 9.39
CA LEU E 108 30.72 13.91 8.50
C LEU E 108 32.00 13.16 8.81
N ALA E 109 33.11 13.88 8.96
CA ALA E 109 34.41 13.22 9.19
C ALA E 109 34.39 12.35 10.45
N ARG E 110 33.69 12.82 11.48
CA ARG E 110 33.50 12.07 12.73
C ARG E 110 32.68 10.81 12.45
N VAL E 111 31.65 10.95 11.61
CA VAL E 111 30.85 9.78 11.29
C VAL E 111 31.74 8.75 10.61
N VAL E 112 32.54 9.19 9.65
CA VAL E 112 33.42 8.25 8.92
C VAL E 112 34.41 7.57 9.87
N GLU E 113 34.95 8.33 10.83
CA GLU E 113 35.86 7.73 11.82
C GLU E 113 35.16 6.58 12.53
N VAL E 114 33.94 6.83 13.00
CA VAL E 114 33.17 5.81 13.71
C VAL E 114 32.92 4.62 12.80
N PHE E 115 32.46 4.88 11.58
CA PHE E 115 32.18 3.81 10.60
C PHE E 115 33.47 3.04 10.29
N ARG E 116 34.59 3.74 10.14
CA ARG E 116 35.89 3.03 9.99
C ARG E 116 36.18 2.11 11.16
N TYR E 117 36.02 2.61 12.39
CA TYR E 117 36.13 1.74 13.56
C TYR E 117 35.21 0.54 13.45
N LEU E 118 33.94 0.76 13.17
CA LEU E 118 33.00 -0.36 13.03
C LEU E 118 33.39 -1.35 11.93
N ALA E 119 33.80 -0.85 10.77
CA ALA E 119 34.21 -1.76 9.69
C ALA E 119 35.34 -2.68 10.14
N ALA E 120 36.29 -2.14 10.90
CA ALA E 120 37.41 -2.92 11.41
C ALA E 120 36.98 -3.91 12.48
N LEU E 121 36.05 -3.50 13.34
CA LEU E 121 35.53 -4.41 14.35
C LEU E 121 34.85 -5.57 13.63
N PHE E 122 34.15 -5.26 12.55
CA PHE E 122 33.41 -6.31 11.83
C PHE E 122 34.36 -7.25 11.08
N GLN E 123 35.46 -6.72 10.54
CA GLN E 123 36.54 -7.60 10.06
C GLN E 123 37.06 -8.61 11.12
N LYS E 124 37.28 -8.16 12.36
CA LYS E 124 37.80 -9.03 13.43
C LYS E 124 36.80 -10.12 13.77
N GLY E 125 35.54 -9.70 13.93
CA GLY E 125 34.44 -10.64 14.07
C GLY E 125 34.39 -11.63 12.92
N PHE E 126 34.56 -11.11 11.69
CA PHE E 126 34.61 -11.97 10.51
C PHE E 126 35.73 -13.01 10.65
N ASP E 127 36.96 -12.54 10.90
CA ASP E 127 38.15 -13.41 11.13
C ASP E 127 37.99 -14.47 12.23
N VAL E 128 37.59 -14.01 13.43
CA VAL E 128 37.41 -14.87 14.59
C VAL E 128 36.38 -15.95 14.37
N SER E 129 35.20 -15.61 13.85
CA SER E 129 34.15 -16.62 13.62
C SER E 129 34.46 -17.59 12.47
N ASP E 130 35.16 -17.13 11.44
CA ASP E 130 35.72 -17.99 10.39
C ASP E 130 36.65 -19.09 10.97
N GLU E 131 37.61 -18.67 11.80
CA GLU E 131 38.49 -19.61 12.53
C GLU E 131 37.71 -20.58 13.39
N GLU E 132 36.64 -20.11 14.03
CA GLU E 132 35.85 -20.97 14.91
C GLU E 132 34.82 -21.81 14.17
N GLY E 133 34.66 -21.57 12.87
CA GLY E 133 33.66 -22.31 12.10
C GLY E 133 32.20 -21.94 12.38
N ASP E 134 31.98 -20.74 12.94
CA ASP E 134 30.63 -20.20 13.20
C ASP E 134 30.16 -19.40 12.00
N SER E 135 29.69 -20.08 10.97
CA SER E 135 29.35 -19.41 9.70
C SER E 135 28.17 -18.43 9.81
N VAL E 136 27.28 -18.66 10.79
CA VAL E 136 26.14 -17.76 10.94
C VAL E 136 26.66 -16.41 11.37
N THR E 137 27.38 -16.38 12.49
CA THR E 137 27.99 -15.17 12.99
C THR E 137 28.87 -14.53 11.93
N ASN E 138 29.67 -15.33 11.24
CA ASN E 138 30.50 -14.87 10.13
C ASN E 138 29.68 -14.08 9.10
N ASP E 139 28.55 -14.62 8.66
CA ASP E 139 27.75 -13.85 7.67
C ASP E 139 27.12 -12.54 8.22
N ILE E 140 26.74 -12.54 9.49
CA ILE E 140 26.22 -11.33 10.09
C ILE E 140 27.30 -10.24 10.03
N PHE E 141 28.50 -10.57 10.47
CA PHE E 141 29.62 -9.64 10.34
C PHE E 141 29.91 -9.26 8.91
N ASN E 142 29.81 -10.23 8.02
CA ASN E 142 30.03 -9.94 6.60
C ASN E 142 29.03 -8.93 6.01
N VAL E 143 27.75 -9.15 6.20
CA VAL E 143 26.73 -8.22 5.70
C VAL E 143 26.85 -6.81 6.30
N ALA E 144 27.11 -6.71 7.59
CA ALA E 144 27.25 -5.43 8.26
C ALA E 144 28.44 -4.67 7.70
N LYS E 145 29.52 -5.38 7.44
CA LYS E 145 30.71 -4.79 6.82
C LYS E 145 30.46 -4.22 5.42
N ALA E 146 29.84 -5.00 4.55
CA ALA E 146 29.52 -4.56 3.18
C ALA E 146 28.79 -3.22 3.24
N SER E 147 27.88 -3.12 4.18
CA SER E 147 27.09 -1.92 4.23
C SER E 147 27.81 -0.75 4.86
N ILE E 148 28.53 -0.96 5.96
CA ILE E 148 29.31 0.14 6.54
C ILE E 148 30.25 0.68 5.49
N GLU E 149 30.89 -0.22 4.75
CA GLU E 149 31.87 0.21 3.74
C GLU E 149 31.29 1.05 2.62
N LYS E 150 30.08 0.71 2.18
CA LYS E 150 29.38 1.51 1.17
C LYS E 150 29.13 2.93 1.63
N HIS E 151 28.73 3.08 2.89
CA HIS E 151 28.50 4.38 3.48
C HIS E 151 29.72 5.27 3.54
N ILE E 152 30.87 4.66 3.87
CA ILE E 152 32.14 5.40 3.91
C ILE E 152 32.47 5.86 2.51
N TRP E 153 32.29 5.03 1.49
CA TRP E 153 32.51 5.51 0.14
C TRP E 153 31.69 6.77 -0.03
N MET E 154 30.39 6.69 0.21
CA MET E 154 29.49 7.85 -0.02
C MET E 154 29.83 9.07 0.83
N LEU E 155 30.08 8.86 2.12
CA LEU E 155 30.43 9.97 3.02
C LEU E 155 31.73 10.65 2.60
N GLN E 156 32.74 9.85 2.24
CA GLN E 156 34.02 10.38 1.76
C GLN E 156 33.84 11.15 0.46
N ALA E 157 32.98 10.62 -0.40
CA ALA E 157 32.68 11.29 -1.65
C ALA E 157 32.06 12.68 -1.43
N GLU E 158 31.13 12.79 -0.49
CA GLU E 158 30.57 14.10 -0.13
C GLU E 158 31.67 15.05 0.35
N LEU E 159 32.66 14.49 1.02
CA LEU E 159 33.83 15.26 1.48
C LEU E 159 34.94 15.34 0.44
N GLY E 160 34.64 15.00 -0.82
CA GLY E 160 35.59 15.12 -1.94
C GLY E 160 36.82 14.22 -1.96
N GLN E 161 36.76 13.10 -1.24
CA GLN E 161 37.89 12.21 -1.04
C GLN E 161 37.58 10.79 -1.47
N ALA E 162 38.62 10.01 -1.77
CA ALA E 162 38.39 8.59 -2.00
C ALA E 162 38.00 7.89 -0.68
N PRO E 163 37.44 6.66 -0.78
CA PRO E 163 37.03 5.95 0.44
C PRO E 163 38.20 5.65 1.39
N LYS E 164 39.39 5.43 0.83
CA LYS E 164 40.61 5.15 1.60
C LYS E 164 40.37 4.02 2.59
N LEU E 165 39.79 2.93 2.13
CA LEU E 165 39.53 1.84 3.05
C LEU E 165 40.84 1.27 3.62
N SER F 14 -30.17 -32.95 -19.08
CA SER F 14 -29.58 -33.25 -17.72
C SER F 14 -29.13 -31.96 -17.01
N LEU F 15 -28.42 -31.09 -17.71
CA LEU F 15 -28.19 -29.73 -17.20
C LEU F 15 -28.75 -28.64 -18.11
N ALA F 16 -29.69 -28.99 -18.98
CA ALA F 16 -30.15 -28.07 -20.02
C ALA F 16 -30.81 -26.80 -19.47
N ASP F 17 -31.68 -26.92 -18.47
CA ASP F 17 -32.35 -25.75 -17.89
C ASP F 17 -31.38 -24.80 -17.14
N SER F 18 -30.36 -25.34 -16.47
CA SER F 18 -29.31 -24.53 -15.87
C SER F 18 -28.54 -23.75 -16.93
N LYS F 19 -28.13 -24.46 -17.98
CA LYS F 19 -27.45 -23.85 -19.12
C LYS F 19 -28.28 -22.78 -19.81
N ALA F 20 -29.59 -23.03 -19.88
CA ALA F 20 -30.54 -22.12 -20.49
C ALA F 20 -30.58 -20.80 -19.72
N VAL F 21 -30.72 -20.89 -18.40
CA VAL F 21 -30.94 -19.70 -17.62
C VAL F 21 -29.61 -18.97 -17.43
N LEU F 22 -28.49 -19.71 -17.42
CA LEU F 22 -27.18 -19.03 -17.48
C LEU F 22 -27.06 -18.19 -18.76
N ASN F 23 -27.38 -18.78 -19.91
CA ASN F 23 -27.26 -18.06 -21.17
C ASN F 23 -28.29 -16.96 -21.27
N GLN F 24 -29.47 -17.14 -20.71
CA GLN F 24 -30.42 -16.01 -20.60
C GLN F 24 -29.84 -14.89 -19.72
N ALA F 25 -29.19 -15.25 -18.61
CA ALA F 25 -28.54 -14.22 -17.78
C ALA F 25 -27.44 -13.48 -18.54
N VAL F 26 -26.63 -14.21 -19.32
CA VAL F 26 -25.58 -13.56 -20.17
C VAL F 26 -26.19 -12.49 -21.06
N ALA F 27 -27.35 -12.77 -21.66
CA ALA F 27 -28.02 -11.80 -22.55
C ALA F 27 -28.59 -10.60 -21.78
N ASP F 28 -29.32 -10.87 -20.70
CA ASP F 28 -29.93 -9.80 -19.89
C ASP F 28 -28.89 -8.91 -19.22
N LEU F 29 -27.79 -9.53 -18.76
CA LEU F 29 -26.71 -8.80 -18.13
C LEU F 29 -26.00 -7.87 -19.11
N SER F 30 -25.83 -8.32 -20.35
CA SER F 30 -25.27 -7.45 -21.39
C SER F 30 -26.14 -6.25 -21.74
N VAL F 31 -27.44 -6.48 -21.90
CA VAL F 31 -28.37 -5.40 -22.12
C VAL F 31 -28.41 -4.51 -20.88
N ALA F 32 -28.53 -5.08 -19.69
CA ALA F 32 -28.56 -4.26 -18.47
C ALA F 32 -27.32 -3.34 -18.35
N HIS F 33 -26.16 -3.84 -18.75
CA HIS F 33 -24.94 -3.02 -18.72
C HIS F 33 -25.06 -1.84 -19.65
N SER F 34 -25.52 -2.14 -20.86
CA SER F 34 -25.85 -1.15 -21.84
C SER F 34 -26.81 -0.08 -21.27
N ILE F 35 -27.82 -0.50 -20.52
CA ILE F 35 -28.85 0.44 -20.02
C ILE F 35 -28.23 1.36 -18.96
N LEU F 36 -27.40 0.77 -18.11
CA LEU F 36 -26.78 1.52 -17.02
C LEU F 36 -25.81 2.54 -17.58
N HIS F 37 -25.15 2.20 -18.68
CA HIS F 37 -24.25 3.11 -19.34
C HIS F 37 -25.03 4.28 -19.97
N GLN F 38 -26.17 3.98 -20.57
CA GLN F 38 -27.05 5.07 -21.02
C GLN F 38 -27.39 6.00 -19.89
N VAL F 39 -27.78 5.42 -18.75
CA VAL F 39 -28.19 6.23 -17.60
C VAL F 39 -27.02 7.05 -17.16
N HIS F 40 -25.85 6.45 -17.07
CA HIS F 40 -24.63 7.19 -16.71
C HIS F 40 -24.42 8.42 -17.60
N TRP F 41 -24.50 8.19 -18.90
CA TRP F 41 -24.16 9.24 -19.88
C TRP F 41 -25.20 10.36 -20.01
N TYR F 42 -26.47 9.99 -20.05
CA TYR F 42 -27.54 10.94 -20.34
C TYR F 42 -28.15 11.58 -19.09
N MET F 43 -27.61 11.19 -17.94
CA MET F 43 -28.03 11.76 -16.68
C MET F 43 -27.87 13.29 -16.54
N ARG F 44 -28.91 13.93 -16.02
CA ARG F 44 -28.88 15.34 -15.66
C ARG F 44 -29.84 15.55 -14.51
N GLY F 45 -29.51 16.43 -13.59
CA GLY F 45 -30.42 16.70 -12.49
C GLY F 45 -29.64 16.67 -11.19
N ARG F 46 -30.16 17.34 -10.17
CA ARG F 46 -29.57 17.32 -8.88
C ARG F 46 -29.39 15.88 -8.41
N GLY F 47 -28.19 15.56 -7.97
CA GLY F 47 -27.97 14.20 -7.58
C GLY F 47 -27.04 13.52 -8.55
N PHE F 48 -26.78 14.18 -9.68
CA PHE F 48 -25.86 13.65 -10.71
C PHE F 48 -24.48 13.26 -10.14
N MET F 49 -23.88 14.17 -9.39
CA MET F 49 -22.53 13.97 -8.89
C MET F 49 -22.37 12.72 -8.04
N ILE F 50 -23.43 12.24 -7.41
CA ILE F 50 -23.29 10.99 -6.69
C ILE F 50 -23.78 9.81 -7.56
N TRP F 51 -24.81 10.01 -8.39
CA TRP F 51 -25.36 8.88 -9.16
C TRP F 51 -24.62 8.52 -10.42
N HIS F 52 -23.97 9.49 -11.00
CA HIS F 52 -23.11 9.24 -12.14
C HIS F 52 -22.02 8.19 -11.88
N PRO F 53 -21.16 8.40 -10.87
CA PRO F 53 -20.11 7.41 -10.53
C PRO F 53 -20.68 6.09 -10.00
N LYS F 54 -21.81 6.14 -9.29
CA LYS F 54 -22.56 4.95 -8.87
C LYS F 54 -22.92 4.04 -10.01
N MET F 55 -23.25 4.59 -11.17
CA MET F 55 -23.57 3.71 -12.31
C MET F 55 -22.33 2.92 -12.72
N ASP F 56 -21.15 3.53 -12.60
CA ASP F 56 -19.90 2.77 -12.83
C ASP F 56 -19.78 1.57 -11.89
N GLU F 57 -20.03 1.76 -10.59
CA GLU F 57 -19.96 0.67 -9.63
C GLU F 57 -20.93 -0.43 -10.02
N TYR F 58 -22.14 -0.06 -10.39
CA TYR F 58 -23.17 -1.05 -10.81
C TYR F 58 -22.74 -1.73 -12.08
N MET F 59 -22.09 -0.99 -12.97
CA MET F 59 -21.67 -1.63 -14.19
C MET F 59 -20.57 -2.64 -13.95
N GLU F 60 -19.68 -2.38 -12.97
CA GLU F 60 -18.58 -3.31 -12.73
C GLU F 60 -19.14 -4.59 -12.15
N GLU F 61 -20.13 -4.45 -11.27
CA GLU F 61 -20.81 -5.59 -10.68
C GLU F 61 -21.58 -6.46 -11.69
N ILE F 62 -22.34 -5.81 -12.56
CA ILE F 62 -23.05 -6.47 -13.68
C ILE F 62 -22.05 -7.19 -14.57
N ASP F 63 -20.96 -6.51 -14.91
CA ASP F 63 -19.86 -7.17 -15.63
C ASP F 63 -19.33 -8.42 -14.93
N GLY F 64 -19.15 -8.37 -13.60
CA GLY F 64 -18.62 -9.51 -12.86
C GLY F 64 -19.55 -10.72 -12.96
N TYR F 65 -20.85 -10.51 -12.78
CA TYR F 65 -21.85 -11.55 -12.93
C TYR F 65 -21.86 -12.11 -14.32
N LEU F 66 -21.79 -11.25 -15.30
CA LEU F 66 -21.90 -11.74 -16.65
C LEU F 66 -20.71 -12.61 -17.00
N ASP F 67 -19.51 -12.25 -16.51
CA ASP F 67 -18.29 -13.01 -16.80
C ASP F 67 -18.34 -14.33 -16.05
N GLU F 68 -18.62 -14.26 -14.75
CA GLU F 68 -18.85 -15.46 -13.95
C GLU F 68 -19.92 -16.45 -14.46
N MET F 69 -21.07 -15.94 -14.89
CA MET F 69 -22.14 -16.78 -15.37
C MET F 69 -21.81 -17.29 -16.75
N SER F 70 -21.28 -16.41 -17.60
CA SER F 70 -20.83 -16.89 -18.88
C SER F 70 -19.84 -18.06 -18.72
N GLU F 71 -18.85 -17.88 -17.86
CA GLU F 71 -17.83 -18.91 -17.68
C GLU F 71 -18.28 -20.19 -16.96
N ARG F 72 -19.33 -20.05 -16.16
CA ARG F 72 -19.92 -21.25 -15.58
C ARG F 72 -20.52 -22.05 -16.70
N LEU F 73 -21.17 -21.38 -17.63
CA LEU F 73 -21.75 -22.02 -18.82
C LEU F 73 -20.74 -22.72 -19.68
N ILE F 74 -19.56 -22.15 -19.83
CA ILE F 74 -18.52 -22.78 -20.60
C ILE F 74 -18.07 -24.03 -19.87
N THR F 75 -17.84 -23.90 -18.57
CA THR F 75 -17.40 -24.98 -17.71
C THR F 75 -18.35 -26.17 -17.83
N LEU F 76 -19.66 -25.89 -17.89
CA LEU F 76 -20.70 -26.92 -18.01
C LEU F 76 -20.85 -27.50 -19.42
N GLY F 77 -20.09 -27.02 -20.38
CA GLY F 77 -20.14 -27.61 -21.70
C GLY F 77 -21.09 -26.86 -22.62
N GLY F 78 -21.45 -25.64 -22.23
CA GLY F 78 -22.39 -24.81 -22.99
C GLY F 78 -21.67 -23.84 -23.92
N ALA F 79 -22.44 -22.99 -24.57
CA ALA F 79 -21.90 -22.05 -25.52
C ALA F 79 -22.56 -20.68 -25.29
N PRO F 80 -21.87 -19.79 -24.54
CA PRO F 80 -22.50 -18.53 -24.21
C PRO F 80 -22.80 -17.70 -25.45
N PHE F 81 -23.95 -17.02 -25.41
CA PHE F 81 -24.22 -15.92 -26.33
C PHE F 81 -23.02 -15.03 -26.31
N SER F 82 -22.57 -14.56 -27.47
CA SER F 82 -21.36 -13.77 -27.51
C SER F 82 -21.33 -12.71 -28.61
N THR F 83 -22.50 -12.28 -29.08
CA THR F 83 -22.59 -11.23 -30.06
C THR F 83 -23.69 -10.29 -29.61
N LEU F 84 -23.62 -9.04 -30.03
CA LEU F 84 -24.63 -8.08 -29.67
C LEU F 84 -25.99 -8.52 -30.20
N LYS F 85 -26.00 -9.12 -31.37
CA LYS F 85 -27.23 -9.61 -31.97
C LYS F 85 -27.85 -10.74 -31.12
N GLU F 86 -27.04 -11.69 -30.68
CA GLU F 86 -27.54 -12.71 -29.77
C GLU F 86 -28.09 -12.07 -28.48
N PHE F 87 -27.36 -11.12 -27.91
CA PHE F 87 -27.77 -10.47 -26.63
C PHE F 87 -29.10 -9.75 -26.74
N SER F 88 -29.23 -8.96 -27.79
CA SER F 88 -30.43 -8.15 -28.06
C SER F 88 -31.67 -9.01 -28.34
N GLU F 89 -31.47 -10.12 -29.05
CA GLU F 89 -32.57 -10.98 -29.45
C GLU F 89 -33.08 -11.92 -28.35
N ASN F 90 -32.20 -12.31 -27.44
CA ASN F 90 -32.60 -13.24 -26.38
C ASN F 90 -32.96 -12.53 -25.08
N SER F 91 -32.69 -11.25 -25.00
CA SER F 91 -32.94 -10.54 -23.76
C SER F 91 -34.40 -10.20 -23.59
N GLN F 92 -34.90 -10.31 -22.35
CA GLN F 92 -36.24 -9.84 -22.04
C GLN F 92 -36.28 -8.35 -21.70
N LEU F 93 -35.11 -7.70 -21.66
CA LEU F 93 -35.03 -6.29 -21.34
C LEU F 93 -35.10 -5.44 -22.61
N LYS F 94 -35.80 -4.30 -22.54
CA LYS F 94 -36.04 -3.46 -23.71
C LYS F 94 -35.26 -2.16 -23.60
N GLU F 95 -34.58 -1.79 -24.67
CA GLU F 95 -33.79 -0.56 -24.69
C GLU F 95 -34.44 0.53 -25.51
N VAL F 96 -34.27 1.78 -25.07
CA VAL F 96 -34.72 2.94 -25.85
C VAL F 96 -33.58 3.91 -26.08
N LEU F 97 -33.82 4.87 -26.97
CA LEU F 97 -32.81 5.84 -27.30
C LEU F 97 -32.52 6.68 -26.05
N GLY F 98 -31.25 7.05 -25.87
CA GLY F 98 -30.89 7.98 -24.81
C GLY F 98 -31.63 9.32 -24.99
N ASP F 99 -31.94 9.95 -23.86
CA ASP F 99 -32.66 11.22 -23.83
C ASP F 99 -32.26 11.95 -22.58
N TYR F 100 -31.76 13.17 -22.76
CA TYR F 100 -31.21 13.93 -21.68
C TYR F 100 -32.27 14.51 -20.77
N ASN F 101 -33.51 14.51 -21.26
CA ASN F 101 -34.62 15.14 -20.56
C ASN F 101 -35.21 14.37 -19.40
N VAL F 102 -34.92 13.08 -19.37
CA VAL F 102 -35.38 12.17 -18.34
C VAL F 102 -34.90 12.73 -17.02
N THR F 103 -35.72 12.69 -15.98
CA THR F 103 -35.31 13.23 -14.67
C THR F 103 -34.50 12.19 -13.92
N ILE F 104 -33.91 12.61 -12.80
CA ILE F 104 -33.07 11.71 -12.01
C ILE F 104 -33.92 10.58 -11.36
N GLU F 105 -35.08 10.91 -10.78
CA GLU F 105 -36.00 9.91 -10.22
C GLU F 105 -36.35 8.86 -11.26
N GLU F 106 -36.59 9.30 -12.48
CA GLU F 106 -37.00 8.42 -13.57
C GLU F 106 -35.86 7.49 -13.99
N GLN F 107 -34.66 8.05 -14.12
CA GLN F 107 -33.45 7.28 -14.32
C GLN F 107 -33.30 6.22 -13.24
N LEU F 108 -33.36 6.64 -11.97
CA LEU F 108 -33.22 5.69 -10.90
C LEU F 108 -34.35 4.66 -10.89
N ALA F 109 -35.55 5.04 -11.32
CA ALA F 109 -36.70 4.11 -11.22
C ALA F 109 -36.52 3.07 -12.30
N ARG F 110 -35.84 3.49 -13.36
CA ARG F 110 -35.54 2.61 -14.44
C ARG F 110 -34.50 1.55 -14.03
N VAL F 111 -33.40 1.96 -13.41
CA VAL F 111 -32.43 0.99 -12.91
C VAL F 111 -33.07 -0.01 -11.92
N VAL F 112 -33.92 0.48 -11.05
CA VAL F 112 -34.68 -0.38 -10.16
C VAL F 112 -35.45 -1.45 -10.95
N GLU F 113 -36.19 -1.02 -11.97
CA GLU F 113 -36.95 -1.98 -12.75
C GLU F 113 -36.03 -3.04 -13.34
N VAL F 114 -34.90 -2.61 -13.88
CA VAL F 114 -33.91 -3.56 -14.41
C VAL F 114 -33.43 -4.54 -13.32
N PHE F 115 -33.02 -3.99 -12.20
CA PHE F 115 -32.57 -4.80 -11.06
C PHE F 115 -33.63 -5.79 -10.60
N ARG F 116 -34.90 -5.35 -10.59
CA ARG F 116 -36.02 -6.20 -10.22
C ARG F 116 -36.16 -7.36 -11.17
N TYR F 117 -35.99 -7.07 -12.46
CA TYR F 117 -36.01 -8.14 -13.45
C TYR F 117 -34.88 -9.12 -13.21
N LEU F 118 -33.66 -8.58 -13.03
CA LEU F 118 -32.53 -9.47 -12.79
C LEU F 118 -32.70 -10.29 -11.50
N ALA F 119 -33.11 -9.64 -10.41
CA ALA F 119 -33.35 -10.39 -9.18
C ALA F 119 -34.29 -11.57 -9.44
N ALA F 120 -35.32 -11.35 -10.26
CA ALA F 120 -36.32 -12.40 -10.58
C ALA F 120 -35.69 -13.49 -11.45
N LEU F 121 -34.89 -13.04 -12.41
CA LEU F 121 -34.15 -13.96 -13.24
C LEU F 121 -33.19 -14.84 -12.40
N PHE F 122 -32.57 -14.26 -11.37
CA PHE F 122 -31.64 -15.00 -10.53
C PHE F 122 -32.38 -15.95 -9.63
N GLN F 123 -33.63 -15.62 -9.30
CA GLN F 123 -34.49 -16.55 -8.58
C GLN F 123 -34.81 -17.78 -9.44
N LYS F 124 -35.20 -17.58 -10.70
CA LYS F 124 -35.45 -18.69 -11.65
C LYS F 124 -34.22 -19.54 -11.79
N GLY F 125 -33.07 -18.90 -11.89
CA GLY F 125 -31.80 -19.60 -11.99
C GLY F 125 -31.51 -20.40 -10.75
N PHE F 126 -31.79 -19.79 -9.60
CA PHE F 126 -31.58 -20.45 -8.35
C PHE F 126 -32.46 -21.70 -8.32
N ASP F 127 -33.75 -21.54 -8.62
CA ASP F 127 -34.69 -22.67 -8.57
C ASP F 127 -34.26 -23.81 -9.49
N VAL F 128 -33.95 -23.46 -10.72
CA VAL F 128 -33.68 -24.44 -11.74
C VAL F 128 -32.40 -25.21 -11.45
N SER F 129 -31.36 -24.52 -11.02
CA SER F 129 -30.11 -25.23 -10.70
C SER F 129 -30.27 -26.12 -9.46
N ASP F 130 -31.04 -25.67 -8.49
CA ASP F 130 -31.39 -26.47 -7.32
C ASP F 130 -32.11 -27.78 -7.72
N GLU F 131 -33.06 -27.69 -8.64
CA GLU F 131 -33.76 -28.88 -9.16
C GLU F 131 -32.80 -29.82 -9.86
N GLU F 132 -31.95 -29.26 -10.71
CA GLU F 132 -30.99 -30.03 -11.49
C GLU F 132 -29.75 -30.41 -10.68
N GLY F 133 -29.72 -30.04 -9.40
CA GLY F 133 -28.61 -30.39 -8.51
C GLY F 133 -27.26 -29.80 -8.90
N ASP F 134 -27.26 -28.64 -9.56
CA ASP F 134 -26.02 -27.93 -9.89
C ASP F 134 -25.76 -26.89 -8.80
N SER F 135 -25.16 -27.34 -7.70
CA SER F 135 -25.04 -26.52 -6.49
C SER F 135 -24.10 -25.33 -6.69
N VAL F 136 -23.18 -25.43 -7.66
CA VAL F 136 -22.21 -24.35 -7.88
C VAL F 136 -22.95 -23.22 -8.60
N THR F 137 -23.65 -23.55 -9.67
CA THR F 137 -24.49 -22.59 -10.34
C THR F 137 -25.53 -21.97 -9.38
N ASN F 138 -26.09 -22.80 -8.50
CA ASN F 138 -27.06 -22.35 -7.52
C ASN F 138 -26.47 -21.28 -6.61
N ASP F 139 -25.27 -21.50 -6.12
CA ASP F 139 -24.61 -20.45 -5.32
C ASP F 139 -24.32 -19.13 -6.10
N ILE F 140 -23.90 -19.22 -7.36
CA ILE F 140 -23.66 -18.01 -8.15
C ILE F 140 -24.92 -17.15 -8.25
N PHE F 141 -26.06 -17.77 -8.55
CA PHE F 141 -27.32 -17.05 -8.60
C PHE F 141 -27.73 -16.48 -7.26
N ASN F 142 -27.47 -17.24 -6.19
CA ASN F 142 -27.82 -16.76 -4.88
C ASN F 142 -27.03 -15.50 -4.48
N VAL F 143 -25.71 -15.53 -4.70
CA VAL F 143 -24.81 -14.41 -4.37
C VAL F 143 -25.20 -13.14 -5.15
N ALA F 144 -25.51 -13.32 -6.45
CA ALA F 144 -25.91 -12.26 -7.36
C ALA F 144 -27.22 -11.71 -6.86
N LYS F 145 -28.15 -12.58 -6.51
CA LYS F 145 -29.44 -12.14 -6.06
C LYS F 145 -29.34 -11.29 -4.79
N ALA F 146 -28.55 -11.73 -3.82
CA ALA F 146 -28.36 -10.99 -2.57
C ALA F 146 -27.93 -9.53 -2.79
N SER F 147 -26.91 -9.37 -3.63
CA SER F 147 -26.35 -8.09 -3.84
C SER F 147 -27.32 -7.18 -4.59
N ILE F 148 -28.00 -7.73 -5.60
CA ILE F 148 -28.91 -6.94 -6.37
C ILE F 148 -30.06 -6.49 -5.46
N GLU F 149 -30.50 -7.36 -4.57
CA GLU F 149 -31.64 -6.99 -3.71
C GLU F 149 -31.27 -5.90 -2.73
N LYS F 150 -30.05 -5.96 -2.22
CA LYS F 150 -29.51 -4.85 -1.40
C LYS F 150 -29.48 -3.48 -2.13
N HIS F 151 -29.10 -3.48 -3.41
CA HIS F 151 -29.12 -2.27 -4.24
C HIS F 151 -30.50 -1.79 -4.53
N ILE F 152 -31.43 -2.71 -4.75
CA ILE F 152 -32.84 -2.34 -4.83
C ILE F 152 -33.30 -1.63 -3.57
N TRP F 153 -33.05 -2.21 -2.38
CA TRP F 153 -33.36 -1.49 -1.16
C TRP F 153 -32.82 -0.07 -1.22
N MET F 154 -31.53 0.07 -1.50
CA MET F 154 -30.87 1.38 -1.48
C MET F 154 -31.45 2.37 -2.45
N LEU F 155 -31.70 1.95 -3.70
CA LEU F 155 -32.24 2.84 -4.72
C LEU F 155 -33.66 3.24 -4.37
N GLN F 156 -34.42 2.29 -3.85
CA GLN F 156 -35.78 2.54 -3.41
C GLN F 156 -35.78 3.56 -2.29
N ALA F 157 -34.86 3.39 -1.35
CA ALA F 157 -34.71 4.33 -0.25
C ALA F 157 -34.40 5.77 -0.74
N GLU F 158 -33.46 5.91 -1.67
CA GLU F 158 -33.17 7.21 -2.29
C GLU F 158 -34.45 7.79 -2.91
N LEU F 159 -35.23 6.89 -3.53
CA LEU F 159 -36.49 7.29 -4.17
C LEU F 159 -37.61 7.50 -3.17
N GLY F 160 -37.36 7.25 -1.89
CA GLY F 160 -38.31 7.60 -0.81
C GLY F 160 -39.30 6.49 -0.53
N GLN F 161 -38.92 5.27 -0.85
CA GLN F 161 -39.87 4.18 -0.89
C GLN F 161 -39.29 2.95 -0.18
N ALA F 162 -40.17 2.02 0.18
CA ALA F 162 -39.78 0.68 0.64
C ALA F 162 -39.23 -0.12 -0.51
N PRO F 163 -38.45 -1.19 -0.21
CA PRO F 163 -37.87 -1.99 -1.30
C PRO F 163 -38.96 -2.73 -2.06
N LYS F 164 -40.01 -3.18 -1.38
CA LYS F 164 -41.09 -3.89 -2.05
C LYS F 164 -40.58 -4.98 -2.94
N LEU F 165 -39.70 -5.84 -2.43
CA LEU F 165 -39.26 -6.98 -3.24
C LEU F 165 -40.48 -7.88 -3.55
N GLN G 1 46.89 39.52 32.28
CA GLN G 1 46.39 38.24 32.84
C GLN G 1 45.29 37.58 32.04
N SER G 2 44.51 36.75 32.72
CA SER G 2 43.41 36.03 32.09
C SER G 2 42.31 35.74 33.11
N PRO G 3 41.08 35.50 32.61
CA PRO G 3 39.97 35.15 33.51
C PRO G 3 40.21 33.81 34.16
N ALA G 4 40.12 33.79 35.49
CA ALA G 4 40.26 32.58 36.27
C ALA G 4 39.30 31.46 35.77
N GLU G 5 39.76 30.21 35.75
CA GLU G 5 38.86 29.09 35.42
C GLU G 5 38.16 28.53 36.67
N ILE G 6 36.84 28.75 36.76
CA ILE G 6 36.03 28.35 37.92
C ILE G 6 36.00 26.81 38.12
N ALA G 7 36.28 26.36 39.35
CA ALA G 7 36.23 24.94 39.71
C ALA G 7 35.17 24.69 40.78
N SER G 8 34.01 24.23 40.34
CA SER G 8 32.92 23.90 41.25
C SER G 8 32.26 22.56 40.89
N PHE G 9 31.43 22.06 41.79
CA PHE G 9 30.68 20.83 41.51
C PHE G 9 29.58 21.11 40.47
N SER G 10 29.33 20.12 39.61
CA SER G 10 28.30 20.18 38.58
C SER G 10 26.96 20.66 39.17
N PRO G 11 26.48 21.84 38.70
CA PRO G 11 25.39 22.62 39.33
C PRO G 11 23.96 22.01 39.20
N ARG G 12 23.43 21.96 37.97
CA ARG G 12 22.07 21.47 37.61
C ARG G 12 21.20 20.75 38.68
N PRO G 13 20.75 19.51 38.37
CA PRO G 13 19.90 18.53 39.09
C PRO G 13 18.55 19.08 39.61
N SER G 14 18.34 20.40 39.56
CA SER G 14 17.09 21.03 40.00
C SER G 14 16.19 21.28 38.80
N LEU G 15 15.02 20.66 38.81
CA LEU G 15 14.08 20.70 37.69
C LEU G 15 13.21 21.95 37.81
N ALA G 16 13.83 23.09 37.53
CA ALA G 16 13.25 24.39 37.81
C ALA G 16 12.56 25.02 36.58
N ASP G 17 13.04 24.68 35.38
CA ASP G 17 12.44 25.18 34.17
C ASP G 17 12.23 24.13 33.07
N SER G 18 11.42 24.50 32.07
CA SER G 18 11.07 23.64 30.93
C SER G 18 12.30 22.97 30.34
N LYS G 19 13.31 23.78 30.02
CA LYS G 19 14.60 23.28 29.58
C LYS G 19 15.18 22.22 30.51
N ALA G 20 15.23 22.51 31.80
CA ALA G 20 15.80 21.56 32.79
C ALA G 20 15.10 20.24 32.69
N VAL G 21 13.77 20.28 32.72
CA VAL G 21 13.04 19.04 32.81
C VAL G 21 13.06 18.27 31.48
N LEU G 22 13.11 18.97 30.35
CA LEU G 22 13.26 18.31 29.04
C LEU G 22 14.55 17.52 28.98
N ASN G 23 15.65 18.11 29.48
CA ASN G 23 16.92 17.41 29.55
C ASN G 23 16.86 16.24 30.51
N GLN G 24 16.24 16.43 31.66
CA GLN G 24 16.11 15.31 32.56
C GLN G 24 15.39 14.15 31.82
N ALA G 25 14.33 14.47 31.08
CA ALA G 25 13.65 13.48 30.24
C ALA G 25 14.61 12.81 29.26
N VAL G 26 15.38 13.58 28.52
CA VAL G 26 16.38 12.97 27.62
C VAL G 26 17.21 11.90 28.36
N ALA G 27 17.66 12.25 29.57
CA ALA G 27 18.44 11.32 30.36
C ALA G 27 17.62 10.09 30.75
N ASP G 28 16.45 10.31 31.31
CA ASP G 28 15.66 9.17 31.78
C ASP G 28 15.10 8.30 30.65
N LEU G 29 14.75 8.92 29.53
CA LEU G 29 14.29 8.17 28.37
C LEU G 29 15.37 7.33 27.78
N SER G 30 16.60 7.85 27.71
CA SER G 30 17.75 7.00 27.27
C SER G 30 17.96 5.77 28.16
N VAL G 31 17.82 5.93 29.47
CA VAL G 31 18.04 4.79 30.35
C VAL G 31 16.85 3.80 30.31
N ALA G 32 15.64 4.33 30.33
CA ALA G 32 14.41 3.58 30.13
C ALA G 32 14.58 2.68 28.92
N HIS G 33 15.02 3.27 27.81
CA HIS G 33 15.26 2.53 26.56
C HIS G 33 16.21 1.35 26.77
N SER G 34 17.30 1.60 27.47
CA SER G 34 18.28 0.58 27.78
C SER G 34 17.70 -0.54 28.69
N ILE G 35 16.88 -0.16 29.67
CA ILE G 35 16.23 -1.11 30.57
C ILE G 35 15.26 -1.98 29.77
N LEU G 36 14.46 -1.34 28.91
CA LEU G 36 13.58 -2.05 27.99
C LEU G 36 14.33 -3.04 27.13
N HIS G 37 15.46 -2.63 26.55
CA HIS G 37 16.21 -3.56 25.71
C HIS G 37 16.69 -4.79 26.48
N GLN G 38 17.09 -4.58 27.72
CA GLN G 38 17.55 -5.68 28.54
C GLN G 38 16.38 -6.61 28.85
N VAL G 39 15.21 -6.04 29.14
CA VAL G 39 14.06 -6.94 29.34
C VAL G 39 13.80 -7.74 28.05
N HIS G 40 13.85 -7.10 26.88
CA HIS G 40 13.65 -7.76 25.54
C HIS G 40 14.55 -8.98 25.44
N TRP G 41 15.83 -8.76 25.71
CA TRP G 41 16.86 -9.76 25.49
C TRP G 41 16.93 -10.89 26.55
N TYR G 42 16.66 -10.57 27.83
CA TYR G 42 16.92 -11.51 28.92
C TYR G 42 15.66 -12.28 29.34
N MET G 43 14.53 -11.76 28.88
CA MET G 43 13.24 -12.43 29.07
C MET G 43 13.22 -13.94 28.74
N ARG G 44 12.55 -14.67 29.63
CA ARG G 44 12.27 -16.11 29.53
C ARG G 44 11.00 -16.41 30.31
N GLY G 45 10.25 -17.41 29.84
CA GLY G 45 9.10 -17.92 30.57
C GLY G 45 7.85 -17.82 29.73
N ARG G 46 6.75 -18.45 30.14
CA ARG G 46 5.52 -18.42 29.38
C ARG G 46 5.04 -16.99 29.21
N GLY G 47 4.75 -16.60 27.97
CA GLY G 47 4.34 -15.24 27.70
C GLY G 47 5.46 -14.50 27.01
N PHE G 48 6.64 -15.13 26.92
CA PHE G 48 7.74 -14.57 26.09
C PHE G 48 7.35 -14.16 24.66
N MET G 49 6.63 -15.03 23.97
CA MET G 49 6.30 -14.77 22.57
C MET G 49 5.38 -13.56 22.36
N ILE G 50 4.66 -13.17 23.41
CA ILE G 50 3.88 -11.96 23.31
C ILE G 50 4.67 -10.74 23.79
N TRP G 51 5.41 -10.87 24.88
CA TRP G 51 6.01 -9.71 25.51
C TRP G 51 7.36 -9.33 24.93
N HIS G 52 8.06 -10.32 24.38
CA HIS G 52 9.33 -10.03 23.73
C HIS G 52 9.11 -8.95 22.67
N PRO G 53 8.24 -9.21 21.68
CA PRO G 53 7.80 -8.23 20.65
C PRO G 53 7.29 -6.91 21.22
N LYS G 54 6.47 -6.97 22.28
CA LYS G 54 5.97 -5.79 22.95
C LYS G 54 7.06 -4.82 23.40
N MET G 55 8.13 -5.33 24.01
CA MET G 55 9.27 -4.49 24.37
C MET G 55 9.76 -3.66 23.22
N ASP G 56 9.82 -4.20 22.02
CA ASP G 56 10.13 -3.41 20.81
C ASP G 56 9.18 -2.25 20.58
N GLU G 57 7.88 -2.49 20.74
CA GLU G 57 6.93 -1.44 20.52
C GLU G 57 7.21 -0.33 21.55
N TYR G 58 7.36 -0.71 22.82
CA TYR G 58 7.62 0.29 23.88
C TYR G 58 8.88 1.08 23.56
N MET G 59 9.94 0.35 23.17
CA MET G 59 11.21 0.99 22.86
C MET G 59 11.04 2.05 21.78
N GLU G 60 10.26 1.74 20.74
CA GLU G 60 10.05 2.71 19.66
C GLU G 60 9.30 3.92 20.16
N GLU G 61 8.31 3.72 21.00
CA GLU G 61 7.60 4.85 21.54
C GLU G 61 8.54 5.71 22.41
N ILE G 62 9.37 5.04 23.19
CA ILE G 62 10.31 5.76 24.04
C ILE G 62 11.30 6.53 23.19
N ASP G 63 11.79 5.91 22.12
CA ASP G 63 12.63 6.60 21.12
C ASP G 63 11.98 7.85 20.58
N GLY G 64 10.70 7.74 20.25
CA GLY G 64 9.95 8.86 19.72
C GLY G 64 9.92 10.02 20.70
N TYR G 65 9.67 9.77 21.99
CA TYR G 65 9.65 10.88 22.95
C TYR G 65 11.03 11.44 23.17
N LEU G 66 12.02 10.57 23.27
CA LEU G 66 13.38 10.98 23.42
C LEU G 66 13.73 11.99 22.36
N ASP G 67 13.46 11.68 21.09
CA ASP G 67 13.82 12.56 19.98
C ASP G 67 13.04 13.89 20.00
N GLU G 68 11.73 13.83 20.19
CA GLU G 68 10.97 15.06 20.10
C GLU G 68 11.24 15.98 21.29
N MET G 69 11.51 15.38 22.45
CA MET G 69 11.82 16.16 23.65
C MET G 69 13.22 16.80 23.60
N SER G 70 14.24 16.07 23.17
CA SER G 70 15.53 16.71 22.99
C SER G 70 15.43 17.75 21.89
N GLU G 71 14.73 17.43 20.79
CA GLU G 71 14.59 18.40 19.69
C GLU G 71 13.80 19.65 20.04
N ARG G 72 12.80 19.51 20.89
CA ARG G 72 12.16 20.67 21.50
C ARG G 72 13.14 21.47 22.37
N LEU G 73 13.98 20.78 23.12
CA LEU G 73 15.05 21.43 23.90
C LEU G 73 15.99 22.27 23.01
N ILE G 74 16.31 21.73 21.84
CA ILE G 74 17.22 22.38 20.89
C ILE G 74 16.60 23.65 20.36
N THR G 75 15.34 23.52 19.94
CA THR G 75 14.47 24.60 19.45
C THR G 75 14.35 25.75 20.45
N LEU G 76 14.23 25.41 21.72
CA LEU G 76 14.18 26.41 22.77
C LEU G 76 15.54 27.01 23.12
N GLY G 77 16.60 26.57 22.45
CA GLY G 77 17.95 27.11 22.69
C GLY G 77 18.86 26.37 23.66
N GLY G 78 18.46 25.16 24.06
CA GLY G 78 19.16 24.38 25.05
C GLY G 78 20.18 23.47 24.41
N ALA G 79 20.79 22.63 25.23
CA ALA G 79 21.83 21.73 24.77
C ALA G 79 21.57 20.37 25.38
N PRO G 80 20.95 19.44 24.62
CA PRO G 80 20.57 18.14 25.16
C PRO G 80 21.74 17.26 25.60
N PHE G 81 21.54 16.51 26.66
CA PHE G 81 22.49 15.50 27.03
C PHE G 81 22.63 14.61 25.82
N SER G 82 23.87 14.24 25.45
CA SER G 82 24.07 13.41 24.28
C SER G 82 25.21 12.38 24.35
N THR G 83 25.58 11.97 25.56
CA THR G 83 26.56 10.94 25.72
C THR G 83 26.02 10.04 26.77
N LEU G 84 26.43 8.77 26.73
CA LEU G 84 26.00 7.77 27.71
C LEU G 84 26.39 8.18 29.11
N LYS G 85 27.56 8.78 29.28
CA LYS G 85 27.93 9.27 30.60
C LYS G 85 26.93 10.30 31.12
N GLU G 86 26.58 11.28 30.30
CA GLU G 86 25.55 12.28 30.68
C GLU G 86 24.23 11.63 31.02
N PHE G 87 23.83 10.66 30.20
CA PHE G 87 22.53 10.02 30.40
C PHE G 87 22.55 9.29 31.73
N SER G 88 23.65 8.56 31.94
CA SER G 88 23.75 7.66 33.07
C SER G 88 23.81 8.38 34.41
N GLU G 89 24.41 9.57 34.43
CA GLU G 89 24.59 10.36 35.65
C GLU G 89 23.39 11.23 36.04
N ASN G 90 22.69 11.75 35.04
CA ASN G 90 21.58 12.66 35.30
C ASN G 90 20.24 11.94 35.51
N SER G 91 20.21 10.65 35.14
CA SER G 91 18.99 9.88 35.25
C SER G 91 18.74 9.40 36.67
N GLN G 92 17.48 9.37 37.08
CA GLN G 92 17.15 8.86 38.40
C GLN G 92 16.76 7.37 38.40
N LEU G 93 16.83 6.70 37.24
CA LEU G 93 16.53 5.26 37.17
C LEU G 93 17.83 4.48 37.34
N LYS G 94 17.78 3.37 38.06
CA LYS G 94 18.99 2.57 38.29
C LYS G 94 19.03 1.39 37.33
N GLU G 95 20.21 1.08 36.81
CA GLU G 95 20.37 -0.07 35.96
C GLU G 95 21.06 -1.22 36.71
N VAL G 96 20.69 -2.46 36.37
CA VAL G 96 21.34 -3.65 36.90
C VAL G 96 21.72 -4.58 35.77
N LEU G 97 22.65 -5.50 36.04
CA LEU G 97 23.09 -6.47 35.05
C LEU G 97 21.92 -7.34 34.60
N GLY G 98 21.87 -7.64 33.30
CA GLY G 98 20.82 -8.48 32.76
C GLY G 98 20.93 -9.86 33.34
N ASP G 99 19.79 -10.49 33.60
CA ASP G 99 19.72 -11.78 34.27
C ASP G 99 18.57 -12.56 33.63
N TYR G 100 18.86 -13.78 33.18
CA TYR G 100 17.87 -14.59 32.48
C TYR G 100 16.87 -15.26 33.41
N ASN G 101 17.13 -15.25 34.72
CA ASN G 101 16.31 -16.03 35.68
C ASN G 101 15.27 -15.19 36.44
N VAL G 102 14.64 -14.28 35.73
CA VAL G 102 13.63 -13.39 36.27
C VAL G 102 12.27 -13.83 35.66
N THR G 103 11.24 -13.98 36.47
CA THR G 103 9.94 -14.45 35.97
C THR G 103 9.32 -13.36 35.08
N ILE G 104 8.32 -13.70 34.30
CA ILE G 104 7.71 -12.69 33.42
C ILE G 104 7.08 -11.60 34.27
N GLU G 105 6.43 -12.03 35.34
CA GLU G 105 5.76 -11.13 36.24
C GLU G 105 6.72 -10.08 36.84
N GLU G 106 7.95 -10.48 37.10
CA GLU G 106 8.95 -9.56 37.65
C GLU G 106 9.46 -8.59 36.60
N GLN G 107 9.67 -9.09 35.39
CA GLN G 107 9.98 -8.21 34.25
C GLN G 107 8.86 -7.16 34.05
N LEU G 108 7.64 -7.63 33.85
CA LEU G 108 6.55 -6.69 33.64
C LEU G 108 6.48 -5.69 34.79
N ALA G 109 6.71 -6.15 36.02
CA ALA G 109 6.68 -5.26 37.19
C ALA G 109 7.79 -4.22 37.17
N ARG G 110 8.97 -4.60 36.67
CA ARG G 110 10.06 -3.65 36.48
C ARG G 110 9.70 -2.59 35.45
N VAL G 111 9.08 -3.01 34.33
CA VAL G 111 8.66 -2.02 33.34
C VAL G 111 7.60 -1.09 33.92
N VAL G 112 6.67 -1.59 34.74
CA VAL G 112 5.71 -0.73 35.37
C VAL G 112 6.38 0.30 36.26
N GLU G 113 7.42 -0.13 37.00
CA GLU G 113 8.18 0.82 37.83
C GLU G 113 8.75 1.92 36.98
N VAL G 114 9.39 1.57 35.87
CA VAL G 114 9.98 2.59 35.03
C VAL G 114 8.88 3.48 34.48
N PHE G 115 7.78 2.89 34.04
CA PHE G 115 6.70 3.72 33.48
C PHE G 115 6.11 4.65 34.52
N ARG G 116 5.95 4.18 35.76
CA ARG G 116 5.48 5.06 36.86
C ARG G 116 6.41 6.25 37.04
N TYR G 117 7.71 6.01 37.09
CA TYR G 117 8.66 7.10 37.19
C TYR G 117 8.50 8.10 36.01
N LEU G 118 8.54 7.60 34.78
CA LEU G 118 8.39 8.49 33.62
C LEU G 118 7.09 9.28 33.66
N ALA G 119 5.98 8.66 34.06
CA ALA G 119 4.73 9.42 34.15
C ALA G 119 4.78 10.55 35.17
N ALA G 120 5.50 10.35 36.28
CA ALA G 120 5.70 11.42 37.28
C ALA G 120 6.66 12.47 36.73
N LEU G 121 7.66 12.02 36.00
CA LEU G 121 8.55 13.00 35.36
C LEU G 121 7.80 13.88 34.37
N PHE G 122 6.90 13.29 33.59
CA PHE G 122 6.13 14.08 32.62
C PHE G 122 5.06 14.91 33.28
N GLN G 123 4.53 14.42 34.39
CA GLN G 123 3.69 15.27 35.23
C GLN G 123 4.46 16.49 35.73
N LYS G 124 5.68 16.29 36.21
CA LYS G 124 6.52 17.42 36.66
C LYS G 124 6.80 18.39 35.50
N GLY G 125 7.09 17.83 34.32
CA GLY G 125 7.41 18.66 33.17
C GLY G 125 6.18 19.41 32.74
N PHE G 126 5.03 18.77 32.85
CA PHE G 126 3.76 19.43 32.53
C PHE G 126 3.54 20.65 33.43
N ASP G 127 3.59 20.44 34.74
CA ASP G 127 3.43 21.51 35.76
C ASP G 127 4.40 22.68 35.58
N VAL G 128 5.68 22.36 35.43
CA VAL G 128 6.71 23.37 35.19
C VAL G 128 6.42 24.13 33.90
N SER G 129 6.07 23.42 32.83
CA SER G 129 5.88 24.09 31.54
C SER G 129 4.65 24.98 31.53
N ASP G 130 3.64 24.55 32.29
CA ASP G 130 2.39 25.29 32.48
C ASP G 130 2.67 26.60 33.22
N GLU G 131 3.43 26.48 34.32
CA GLU G 131 3.76 27.65 35.13
C GLU G 131 4.59 28.68 34.33
N GLU G 132 5.57 28.19 33.57
CA GLU G 132 6.40 29.04 32.73
C GLU G 132 5.66 29.50 31.47
N GLY G 133 4.47 28.96 31.23
CA GLY G 133 3.68 29.27 30.03
C GLY G 133 4.23 28.79 28.70
N ASP G 134 4.98 27.68 28.71
CA ASP G 134 5.58 27.11 27.51
C ASP G 134 4.64 26.03 27.01
N SER G 135 3.59 26.47 26.32
CA SER G 135 2.45 25.61 25.98
C SER G 135 2.81 24.46 25.03
N VAL G 136 3.77 24.67 24.13
CA VAL G 136 4.18 23.63 23.18
C VAL G 136 4.78 22.47 23.97
N THR G 137 5.71 22.81 24.87
CA THR G 137 6.38 21.80 25.69
C THR G 137 5.38 21.08 26.59
N ASN G 138 4.41 21.86 27.04
CA ASN G 138 3.36 21.38 27.89
C ASN G 138 2.57 20.25 27.23
N ASP G 139 2.19 20.48 25.96
CA ASP G 139 1.46 19.47 25.17
C ASP G 139 2.27 18.20 24.97
N ILE G 140 3.58 18.33 24.73
CA ILE G 140 4.48 17.19 24.52
C ILE G 140 4.47 16.28 25.76
N PHE G 141 4.53 16.87 26.94
CA PHE G 141 4.48 16.08 28.16
C PHE G 141 3.16 15.40 28.39
N ASN G 142 2.09 16.13 28.18
CA ASN G 142 0.74 15.58 28.28
C ASN G 142 0.48 14.38 27.35
N VAL G 143 0.88 14.50 26.08
CA VAL G 143 0.74 13.40 25.13
C VAL G 143 1.51 12.16 25.57
N ALA G 144 2.77 12.35 25.96
CA ALA G 144 3.61 11.26 26.46
C ALA G 144 3.01 10.65 27.72
N LYS G 145 2.44 11.50 28.58
CA LYS G 145 1.87 11.01 29.84
C LYS G 145 0.59 10.20 29.60
N ALA G 146 -0.26 10.66 28.69
CA ALA G 146 -1.44 9.91 28.26
C ALA G 146 -1.10 8.47 27.89
N SER G 147 -0.15 8.25 26.99
CA SER G 147 0.03 6.89 26.55
C SER G 147 0.81 6.06 27.56
N ILE G 148 1.80 6.66 28.24
CA ILE G 148 2.44 5.91 29.34
C ILE G 148 1.39 5.43 30.34
N GLU G 149 0.47 6.30 30.75
CA GLU G 149 -0.51 5.88 31.72
C GLU G 149 -1.35 4.75 31.17
N LYS G 150 -1.57 4.73 29.86
CA LYS G 150 -2.42 3.67 29.24
C LYS G 150 -1.66 2.36 29.22
N HIS G 151 -0.35 2.42 28.93
CA HIS G 151 0.50 1.25 29.05
C HIS G 151 0.52 0.71 30.48
N ILE G 152 0.54 1.60 31.47
CA ILE G 152 0.48 1.16 32.87
C ILE G 152 -0.81 0.41 33.15
N TRP G 153 -1.95 0.92 32.74
CA TRP G 153 -3.18 0.12 32.89
C TRP G 153 -3.03 -1.30 32.36
N MET G 154 -2.50 -1.45 31.16
CA MET G 154 -2.50 -2.76 30.48
C MET G 154 -1.53 -3.76 31.11
N LEU G 155 -0.33 -3.27 31.42
CA LEU G 155 0.66 -4.05 32.13
C LEU G 155 0.10 -4.52 33.44
N GLN G 156 -0.56 -3.63 34.15
CA GLN G 156 -1.06 -3.98 35.49
C GLN G 156 -2.16 -4.99 35.35
N ALA G 157 -2.97 -4.80 34.32
CA ALA G 157 -4.04 -5.74 34.04
C ALA G 157 -3.50 -7.13 33.70
N GLU G 158 -2.36 -7.18 32.99
CA GLU G 158 -1.76 -8.49 32.70
C GLU G 158 -1.32 -9.12 34.02
N LEU G 159 -0.89 -8.29 34.97
CA LEU G 159 -0.45 -8.70 36.33
C LEU G 159 -1.60 -8.92 37.32
N GLY G 160 -2.81 -8.71 36.83
CA GLY G 160 -4.00 -9.00 37.62
C GLY G 160 -4.35 -7.91 38.63
N GLN G 161 -3.94 -6.68 38.34
CA GLN G 161 -4.04 -5.58 39.26
C GLN G 161 -4.65 -4.40 38.55
N ALA G 162 -5.22 -3.48 39.34
CA ALA G 162 -5.60 -2.13 38.91
C ALA G 162 -4.38 -1.28 38.55
N PRO G 163 -4.59 -0.20 37.77
CA PRO G 163 -3.44 0.64 37.35
C PRO G 163 -2.75 1.34 38.53
N LYS G 164 -3.55 1.69 39.53
CA LYS G 164 -3.07 2.45 40.68
C LYS G 164 -2.14 3.58 40.29
N LEU G 165 -2.59 4.44 39.38
CA LEU G 165 -1.78 5.61 39.03
C LEU G 165 -1.67 6.58 40.23
N SER H 14 -19.55 22.33 -38.32
CA SER H 14 -18.61 23.18 -37.52
C SER H 14 -18.43 22.60 -36.11
N LEU H 15 -17.89 21.36 -36.11
CA LEU H 15 -17.70 20.44 -34.97
C LEU H 15 -18.33 19.09 -35.32
N ALA H 16 -19.25 19.11 -36.28
CA ALA H 16 -20.14 18.01 -36.60
C ALA H 16 -19.51 16.70 -37.05
N ASP H 17 -18.43 16.75 -37.83
CA ASP H 17 -17.77 15.50 -38.21
C ASP H 17 -16.95 14.87 -37.07
N SER H 18 -16.39 15.70 -36.19
CA SER H 18 -15.72 15.20 -34.97
C SER H 18 -16.67 14.41 -34.13
N LYS H 19 -17.86 14.96 -33.93
CA LYS H 19 -18.94 14.28 -33.23
C LYS H 19 -19.32 12.97 -33.89
N ALA H 20 -19.38 12.94 -35.23
CA ALA H 20 -19.78 11.73 -35.95
C ALA H 20 -18.71 10.63 -35.88
N VAL H 21 -17.44 11.00 -36.01
CA VAL H 21 -16.40 10.00 -35.78
C VAL H 21 -16.37 9.53 -34.28
N LEU H 22 -16.52 10.45 -33.33
CA LEU H 22 -16.63 10.06 -31.94
C LEU H 22 -17.74 9.03 -31.78
N ASN H 23 -18.87 9.25 -32.46
CA ASN H 23 -20.00 8.33 -32.31
C ASN H 23 -19.79 7.00 -33.02
N GLN H 24 -19.17 7.03 -34.20
CA GLN H 24 -18.78 5.80 -34.88
C GLN H 24 -17.82 5.00 -33.98
N ALA H 25 -16.89 5.68 -33.33
CA ALA H 25 -15.99 5.00 -32.37
C ALA H 25 -16.77 4.31 -31.22
N VAL H 26 -17.77 4.98 -30.68
CA VAL H 26 -18.60 4.37 -29.64
C VAL H 26 -19.22 3.05 -30.12
N ALA H 27 -19.78 3.08 -31.32
CA ALA H 27 -20.36 1.88 -31.93
C ALA H 27 -19.34 0.76 -32.15
N ASP H 28 -18.18 1.13 -32.70
CA ASP H 28 -17.17 0.12 -33.06
C ASP H 28 -16.44 -0.46 -31.84
N LEU H 29 -16.10 0.41 -30.90
CA LEU H 29 -15.53 0.02 -29.62
C LEU H 29 -16.44 -0.96 -28.85
N SER H 30 -17.76 -0.70 -28.88
CA SER H 30 -18.72 -1.59 -28.25
C SER H 30 -18.70 -2.92 -28.94
N VAL H 31 -18.70 -2.89 -30.27
CA VAL H 31 -18.64 -4.15 -30.99
C VAL H 31 -17.31 -4.88 -30.77
N ALA H 32 -16.22 -4.15 -30.79
CA ALA H 32 -14.90 -4.72 -30.54
C ALA H 32 -14.84 -5.32 -29.15
N HIS H 33 -15.51 -4.70 -28.18
CA HIS H 33 -15.53 -5.22 -26.83
C HIS H 33 -16.24 -6.56 -26.81
N SER H 34 -17.36 -6.64 -27.50
CA SER H 34 -18.05 -7.90 -27.66
C SER H 34 -17.19 -9.01 -28.32
N ILE H 35 -16.46 -8.65 -29.37
CA ILE H 35 -15.61 -9.62 -30.08
C ILE H 35 -14.47 -10.14 -29.19
N LEU H 36 -13.89 -9.25 -28.42
CA LEU H 36 -12.81 -9.65 -27.49
C LEU H 36 -13.36 -10.57 -26.43
N HIS H 37 -14.57 -10.29 -25.97
CA HIS H 37 -15.17 -11.16 -24.97
C HIS H 37 -15.40 -12.54 -25.50
N GLN H 38 -15.91 -12.64 -26.74
CA GLN H 38 -16.06 -13.94 -27.41
C GLN H 38 -14.76 -14.74 -27.49
N VAL H 39 -13.68 -14.06 -27.83
CA VAL H 39 -12.38 -14.69 -27.92
C VAL H 39 -11.88 -15.21 -26.56
N HIS H 40 -12.06 -14.38 -25.53
CA HIS H 40 -11.79 -14.70 -24.14
C HIS H 40 -12.46 -16.01 -23.79
N TRP H 41 -13.76 -16.09 -24.04
CA TRP H 41 -14.55 -17.27 -23.66
C TRP H 41 -14.30 -18.53 -24.49
N TYR H 42 -14.19 -18.35 -25.81
CA TYR H 42 -14.18 -19.46 -26.77
C TYR H 42 -12.76 -19.95 -27.09
N MET H 43 -11.75 -19.29 -26.56
CA MET H 43 -10.37 -19.70 -26.79
C MET H 43 -10.08 -21.11 -26.27
N ARG H 44 -9.39 -21.92 -27.10
CA ARG H 44 -8.80 -23.17 -26.69
C ARG H 44 -7.48 -23.32 -27.46
N GLY H 45 -6.52 -24.01 -26.87
CA GLY H 45 -5.23 -24.27 -27.54
C GLY H 45 -4.04 -23.80 -26.75
N ARG H 46 -2.87 -24.35 -27.01
CA ARG H 46 -1.64 -23.95 -26.31
C ARG H 46 -1.48 -22.46 -26.41
N GLY H 47 -1.25 -21.79 -25.29
CA GLY H 47 -1.21 -20.31 -25.29
C GLY H 47 -2.44 -19.73 -24.57
N PHE H 48 -3.44 -20.57 -24.37
CA PHE H 48 -4.65 -20.15 -23.67
C PHE H 48 -4.37 -19.45 -22.35
N MET H 49 -3.51 -20.04 -21.54
CA MET H 49 -3.30 -19.55 -20.19
C MET H 49 -2.78 -18.10 -20.20
N ILE H 50 -2.12 -17.71 -21.29
CA ILE H 50 -1.64 -16.34 -21.44
C ILE H 50 -2.57 -15.44 -22.21
N TRP H 51 -3.11 -15.91 -23.32
CA TRP H 51 -3.94 -15.04 -24.13
C TRP H 51 -5.33 -14.80 -23.50
N HIS H 52 -5.84 -15.77 -22.74
CA HIS H 52 -7.15 -15.61 -22.09
C HIS H 52 -7.24 -14.37 -21.14
N PRO H 53 -6.38 -14.31 -20.10
CA PRO H 53 -6.26 -13.07 -19.32
C PRO H 53 -5.87 -11.84 -20.13
N LYS H 54 -5.06 -12.01 -21.15
CA LYS H 54 -4.67 -10.85 -21.97
C LYS H 54 -5.89 -10.18 -22.59
N MET H 55 -6.91 -10.96 -22.92
CA MET H 55 -8.12 -10.37 -23.48
C MET H 55 -8.80 -9.43 -22.49
N ASP H 56 -8.72 -9.76 -21.20
CA ASP H 56 -9.19 -8.86 -20.15
C ASP H 56 -8.55 -7.50 -20.21
N GLU H 57 -7.21 -7.46 -20.30
CA GLU H 57 -6.48 -6.20 -20.39
C GLU H 57 -6.97 -5.36 -21.57
N TYR H 58 -7.02 -5.97 -22.76
CA TYR H 58 -7.59 -5.37 -23.97
C TYR H 58 -9.01 -4.84 -23.74
N MET H 59 -9.90 -5.68 -23.21
CA MET H 59 -11.27 -5.21 -22.91
C MET H 59 -11.31 -4.00 -21.97
N GLU H 60 -10.51 -4.01 -20.90
CA GLU H 60 -10.50 -2.82 -19.99
C GLU H 60 -10.03 -1.58 -20.76
N GLU H 61 -9.02 -1.74 -21.59
CA GLU H 61 -8.52 -0.64 -22.42
C GLU H 61 -9.57 -0.13 -23.43
N ILE H 62 -10.30 -1.06 -24.08
CA ILE H 62 -11.32 -0.68 -25.07
C ILE H 62 -12.45 0.07 -24.37
N ASP H 63 -12.82 -0.44 -23.20
CA ASP H 63 -13.83 0.25 -22.39
C ASP H 63 -13.39 1.62 -21.93
N GLY H 64 -12.12 1.77 -21.57
CA GLY H 64 -11.58 3.08 -21.32
C GLY H 64 -11.87 4.08 -22.44
N TYR H 65 -11.49 3.74 -23.68
CA TYR H 65 -11.70 4.61 -24.84
C TYR H 65 -13.16 4.88 -25.08
N LEU H 66 -13.97 3.82 -25.07
CA LEU H 66 -15.40 3.95 -25.29
C LEU H 66 -15.99 5.01 -24.35
N ASP H 67 -15.62 4.95 -23.07
CA ASP H 67 -16.19 5.88 -22.12
C ASP H 67 -15.66 7.30 -22.33
N GLU H 68 -14.35 7.47 -22.55
CA GLU H 68 -13.76 8.80 -22.78
C GLU H 68 -14.28 9.43 -24.06
N MET H 69 -14.39 8.64 -25.11
CA MET H 69 -14.92 9.12 -26.38
C MET H 69 -16.42 9.46 -26.29
N SER H 70 -17.21 8.60 -25.69
CA SER H 70 -18.61 8.95 -25.52
C SER H 70 -18.77 10.25 -24.73
N GLU H 71 -17.97 10.44 -23.70
CA GLU H 71 -18.17 11.55 -22.78
C GLU H 71 -17.66 12.85 -23.29
N ARG H 72 -16.68 12.75 -24.19
CA ARG H 72 -16.23 13.87 -25.00
C ARG H 72 -17.34 14.27 -25.96
N LEU H 73 -17.98 13.27 -26.58
CA LEU H 73 -19.12 13.53 -27.43
C LEU H 73 -20.19 14.30 -26.66
N ILE H 74 -20.54 13.82 -25.47
CA ILE H 74 -21.51 14.50 -24.56
C ILE H 74 -21.08 15.90 -24.24
N THR H 75 -19.80 16.06 -23.92
CA THR H 75 -19.25 17.36 -23.62
C THR H 75 -19.39 18.32 -24.81
N LEU H 76 -19.19 17.81 -26.02
CA LEU H 76 -19.39 18.61 -27.23
C LEU H 76 -20.87 18.90 -27.58
N GLY H 77 -21.81 18.48 -26.72
CA GLY H 77 -23.25 18.65 -26.95
C GLY H 77 -23.91 17.61 -27.86
N GLY H 78 -23.27 16.46 -28.01
CA GLY H 78 -23.78 15.38 -28.81
C GLY H 78 -24.59 14.36 -28.03
N ALA H 79 -25.02 13.31 -28.73
CA ALA H 79 -25.85 12.24 -28.14
C ALA H 79 -25.28 10.88 -28.53
N PRO H 80 -24.48 10.26 -27.65
CA PRO H 80 -23.81 9.00 -28.06
C PRO H 80 -24.77 7.85 -28.26
N PHE H 81 -24.49 7.00 -29.25
CA PHE H 81 -25.20 5.72 -29.35
C PHE H 81 -25.19 5.03 -27.99
N SER H 82 -26.30 4.43 -27.59
CA SER H 82 -26.38 3.86 -26.23
C SER H 82 -27.31 2.65 -26.03
N THR H 83 -27.55 1.93 -27.13
CA THR H 83 -28.32 0.71 -27.10
C THR H 83 -27.57 -0.25 -27.98
N LEU H 84 -27.76 -1.55 -27.78
CA LEU H 84 -27.04 -2.56 -28.58
C LEU H 84 -27.38 -2.50 -30.05
N LYS H 85 -28.63 -2.14 -30.34
CA LYS H 85 -29.09 -2.04 -31.70
C LYS H 85 -28.33 -0.95 -32.40
N GLU H 86 -28.17 0.20 -31.75
CA GLU H 86 -27.44 1.31 -32.36
C GLU H 86 -26.00 0.94 -32.59
N PHE H 87 -25.40 0.17 -31.66
CA PHE H 87 -23.99 -0.18 -31.78
C PHE H 87 -23.85 -1.07 -32.98
N SER H 88 -24.63 -2.14 -32.98
CA SER H 88 -24.71 -3.14 -34.03
C SER H 88 -24.89 -2.59 -35.44
N GLU H 89 -25.80 -1.65 -35.60
CA GLU H 89 -26.17 -1.14 -36.91
C GLU H 89 -25.26 -0.04 -37.42
N ASN H 90 -24.56 0.66 -36.51
CA ASN H 90 -23.61 1.68 -36.97
C ASN H 90 -22.18 1.19 -37.08
N SER H 91 -21.91 0.05 -36.47
CA SER H 91 -20.54 -0.45 -36.48
C SER H 91 -20.22 -0.95 -37.87
N GLN H 92 -18.96 -0.71 -38.28
CA GLN H 92 -18.43 -1.35 -39.48
C GLN H 92 -17.89 -2.75 -39.19
N LEU H 93 -17.75 -3.12 -37.92
CA LEU H 93 -17.26 -4.45 -37.60
C LEU H 93 -18.40 -5.42 -37.60
N LYS H 94 -18.14 -6.63 -38.08
CA LYS H 94 -19.19 -7.68 -38.18
C LYS H 94 -18.87 -8.83 -37.23
N GLU H 95 -19.88 -9.33 -36.52
CA GLU H 95 -19.70 -10.40 -35.55
C GLU H 95 -20.16 -11.72 -36.11
N VAL H 96 -19.53 -12.81 -35.65
CA VAL H 96 -19.92 -14.18 -35.97
C VAL H 96 -20.23 -14.99 -34.69
N LEU H 97 -20.94 -16.11 -34.85
CA LEU H 97 -21.17 -17.04 -33.77
C LEU H 97 -19.88 -17.58 -33.19
N GLY H 98 -19.84 -17.63 -31.86
CA GLY H 98 -18.68 -18.09 -31.13
C GLY H 98 -18.47 -19.55 -31.44
N ASP H 99 -17.22 -19.94 -31.56
CA ASP H 99 -16.91 -21.30 -31.92
C ASP H 99 -15.61 -21.67 -31.24
N TYR H 100 -15.61 -22.83 -30.62
CA TYR H 100 -14.52 -23.28 -29.81
C TYR H 100 -13.38 -23.86 -30.64
N ASN H 101 -13.69 -24.28 -31.85
CA ASN H 101 -12.74 -25.06 -32.62
C ASN H 101 -11.67 -24.25 -33.30
N VAL H 102 -11.98 -23.00 -33.60
CA VAL H 102 -11.00 -21.99 -34.04
C VAL H 102 -9.67 -22.06 -33.25
N THR H 103 -8.56 -22.11 -33.98
CA THR H 103 -7.24 -22.20 -33.36
C THR H 103 -6.88 -20.89 -32.67
N ILE H 104 -5.98 -20.96 -31.68
CA ILE H 104 -5.41 -19.77 -31.02
C ILE H 104 -4.84 -18.78 -32.02
N GLU H 105 -4.03 -19.24 -32.96
CA GLU H 105 -3.45 -18.33 -33.95
C GLU H 105 -4.52 -17.58 -34.79
N GLU H 106 -5.59 -18.28 -35.14
CA GLU H 106 -6.75 -17.70 -35.86
C GLU H 106 -7.42 -16.65 -34.98
N GLN H 107 -7.63 -16.99 -33.71
CA GLN H 107 -8.20 -16.02 -32.76
C GLN H 107 -7.38 -14.73 -32.69
N LEU H 108 -6.07 -14.85 -32.53
CA LEU H 108 -5.23 -13.65 -32.42
C LEU H 108 -5.34 -12.83 -33.69
N ALA H 109 -5.32 -13.52 -34.83
CA ALA H 109 -5.47 -12.85 -36.12
C ALA H 109 -6.78 -12.10 -36.15
N ARG H 110 -7.84 -12.68 -35.59
CA ARG H 110 -9.12 -11.95 -35.54
C ARG H 110 -8.97 -10.63 -34.75
N VAL H 111 -8.32 -10.68 -33.59
CA VAL H 111 -8.05 -9.46 -32.80
C VAL H 111 -7.18 -8.48 -33.56
N VAL H 112 -6.16 -9.01 -34.23
CA VAL H 112 -5.32 -8.15 -35.03
C VAL H 112 -6.16 -7.42 -36.07
N GLU H 113 -7.08 -8.14 -36.73
CA GLU H 113 -7.91 -7.48 -37.75
C GLU H 113 -8.82 -6.41 -37.15
N VAL H 114 -9.38 -6.66 -35.96
CA VAL H 114 -10.16 -5.61 -35.28
C VAL H 114 -9.30 -4.42 -34.88
N PHE H 115 -8.11 -4.70 -34.34
CA PHE H 115 -7.22 -3.61 -33.94
C PHE H 115 -6.74 -2.73 -35.12
N ARG H 116 -6.46 -3.36 -36.25
CA ARG H 116 -6.20 -2.61 -37.51
C ARG H 116 -7.41 -1.79 -37.93
N TYR H 117 -8.63 -2.33 -37.88
CA TYR H 117 -9.78 -1.45 -38.15
C TYR H 117 -9.81 -0.24 -37.19
N LEU H 118 -9.64 -0.48 -35.90
CA LEU H 118 -9.67 0.61 -34.93
C LEU H 118 -8.58 1.62 -35.17
N ALA H 119 -7.37 1.20 -35.52
CA ALA H 119 -6.27 2.16 -35.66
C ALA H 119 -6.65 3.03 -36.82
N ALA H 120 -7.15 2.43 -37.89
CA ALA H 120 -7.54 3.20 -39.08
C ALA H 120 -8.66 4.17 -38.73
N LEU H 121 -9.67 3.70 -38.00
CA LEU H 121 -10.72 4.59 -37.49
C LEU H 121 -10.19 5.73 -36.61
N PHE H 122 -9.22 5.49 -35.75
CA PHE H 122 -8.67 6.59 -34.96
C PHE H 122 -7.85 7.58 -35.79
N GLN H 123 -7.22 7.08 -36.85
CA GLN H 123 -6.60 7.97 -37.83
C GLN H 123 -7.63 8.90 -38.48
N LYS H 124 -8.69 8.36 -39.07
CA LYS H 124 -9.79 9.22 -39.59
C LYS H 124 -10.22 10.21 -38.51
N GLY H 125 -10.48 9.71 -37.28
CA GLY H 125 -10.82 10.58 -36.15
C GLY H 125 -9.82 11.70 -35.91
N PHE H 126 -8.55 11.34 -35.92
CA PHE H 126 -7.48 12.30 -35.74
C PHE H 126 -7.56 13.38 -36.81
N ASP H 127 -7.68 12.97 -38.07
CA ASP H 127 -7.64 13.93 -39.19
C ASP H 127 -8.83 14.88 -39.19
N VAL H 128 -10.02 14.32 -38.99
CA VAL H 128 -11.27 15.09 -38.98
C VAL H 128 -11.26 16.12 -37.86
N SER H 129 -10.73 15.77 -36.70
CA SER H 129 -10.68 16.70 -35.56
C SER H 129 -9.54 17.73 -35.66
N ASP H 130 -8.48 17.37 -36.38
CA ASP H 130 -7.43 18.34 -36.74
C ASP H 130 -8.03 19.46 -37.63
N GLU H 131 -8.70 19.05 -38.73
CA GLU H 131 -9.37 19.96 -39.69
C GLU H 131 -10.39 20.85 -39.02
N GLU H 132 -11.17 20.29 -38.10
CA GLU H 132 -12.19 21.07 -37.40
C GLU H 132 -11.64 21.93 -36.24
N GLY H 133 -10.35 21.77 -35.96
CA GLY H 133 -9.69 22.52 -34.88
C GLY H 133 -10.01 22.08 -33.44
N ASP H 134 -10.68 20.92 -33.29
CA ASP H 134 -11.00 20.28 -31.98
C ASP H 134 -9.80 19.54 -31.37
N SER H 135 -8.92 20.27 -30.71
CA SER H 135 -7.66 19.73 -30.25
C SER H 135 -7.83 18.67 -29.18
N VAL H 136 -8.84 18.82 -28.34
CA VAL H 136 -9.02 17.86 -27.26
C VAL H 136 -9.32 16.46 -27.83
N THR H 137 -10.29 16.39 -28.75
CA THR H 137 -10.65 15.15 -29.43
C THR H 137 -9.53 14.56 -30.25
N ASN H 138 -8.79 15.42 -30.91
CA ASN H 138 -7.62 15.02 -31.67
C ASN H 138 -6.67 14.23 -30.80
N ASP H 139 -6.50 14.70 -29.59
CA ASP H 139 -5.54 14.12 -28.67
C ASP H 139 -6.00 12.77 -28.13
N ILE H 140 -7.31 12.64 -27.91
CA ILE H 140 -7.91 11.37 -27.51
C ILE H 140 -7.72 10.27 -28.55
N PHE H 141 -7.89 10.62 -29.83
CA PHE H 141 -7.65 9.67 -30.91
C PHE H 141 -6.21 9.32 -31.06
N ASN H 142 -5.31 10.30 -30.87
CA ASN H 142 -3.87 10.06 -30.98
C ASN H 142 -3.39 9.08 -29.92
N VAL H 143 -3.81 9.32 -28.68
CA VAL H 143 -3.44 8.47 -27.56
C VAL H 143 -3.94 7.03 -27.76
N ALA H 144 -5.21 6.88 -28.15
CA ALA H 144 -5.79 5.59 -28.42
C ALA H 144 -5.06 4.88 -29.56
N LYS H 145 -4.75 5.62 -30.61
CA LYS H 145 -4.08 5.05 -31.76
C LYS H 145 -2.69 4.52 -31.36
N ALA H 146 -1.95 5.29 -30.58
CA ALA H 146 -0.61 4.87 -30.17
C ALA H 146 -0.67 3.52 -29.50
N SER H 147 -1.65 3.30 -28.62
CA SER H 147 -1.64 2.06 -27.87
C SER H 147 -2.17 0.90 -28.68
N ILE H 148 -3.11 1.16 -29.55
CA ILE H 148 -3.59 0.12 -30.43
C ILE H 148 -2.46 -0.34 -31.34
N GLU H 149 -1.69 0.60 -31.90
CA GLU H 149 -0.57 0.22 -32.77
C GLU H 149 0.44 -0.63 -32.04
N LYS H 150 0.75 -0.30 -30.80
CA LYS H 150 1.68 -1.10 -30.00
C LYS H 150 1.21 -2.55 -29.80
N HIS H 151 -0.11 -2.74 -29.57
CA HIS H 151 -0.68 -4.07 -29.50
C HIS H 151 -0.60 -4.84 -30.79
N ILE H 152 -0.82 -4.18 -31.94
CA ILE H 152 -0.68 -4.86 -33.23
C ILE H 152 0.74 -5.40 -33.32
N TRP H 153 1.74 -4.59 -32.99
CA TRP H 153 3.12 -5.05 -33.01
C TRP H 153 3.22 -6.34 -32.21
N MET H 154 2.70 -6.33 -30.99
CA MET H 154 2.87 -7.45 -30.04
C MET H 154 2.13 -8.71 -30.46
N LEU H 155 0.94 -8.52 -30.96
CA LEU H 155 0.18 -9.64 -31.46
C LEU H 155 0.86 -10.23 -32.69
N GLN H 156 1.31 -9.37 -33.59
CA GLN H 156 1.97 -9.83 -34.80
C GLN H 156 3.25 -10.56 -34.45
N ALA H 157 4.02 -10.00 -33.53
CA ALA H 157 5.22 -10.66 -33.05
C ALA H 157 4.94 -12.10 -32.57
N GLU H 158 3.82 -12.27 -31.87
CA GLU H 158 3.45 -13.56 -31.34
C GLU H 158 3.16 -14.52 -32.47
N LEU H 159 2.52 -14.03 -33.51
CA LEU H 159 2.20 -14.79 -34.74
C LEU H 159 3.35 -14.87 -35.73
N GLY H 160 4.54 -14.40 -35.34
CA GLY H 160 5.77 -14.58 -36.12
C GLY H 160 5.82 -13.64 -37.31
N GLN H 161 5.20 -12.48 -37.18
CA GLN H 161 5.10 -11.55 -38.28
C GLN H 161 5.44 -10.16 -37.83
N ALA H 162 5.82 -9.34 -38.82
CA ALA H 162 6.03 -7.91 -38.63
C ALA H 162 4.66 -7.28 -38.46
N PRO H 163 4.63 -6.02 -37.95
CA PRO H 163 3.38 -5.32 -37.66
C PRO H 163 2.57 -5.01 -38.90
N LYS H 164 3.27 -4.55 -39.94
CA LYS H 164 2.66 -4.22 -41.22
C LYS H 164 1.54 -3.21 -41.10
N LEU H 165 1.85 -2.05 -40.55
CA LEU H 165 0.88 -0.97 -40.37
C LEU H 165 0.41 -0.22 -41.67
N PRO I 13 30.38 -38.01 -9.46
CA PRO I 13 30.20 -36.57 -9.66
C PRO I 13 30.86 -35.77 -8.54
N SER I 14 31.45 -34.63 -8.90
CA SER I 14 32.09 -33.74 -7.92
C SER I 14 31.12 -33.32 -6.79
N LEU I 15 29.85 -33.12 -7.14
CA LEU I 15 28.84 -32.56 -6.23
C LEU I 15 27.81 -33.59 -5.78
N ALA I 16 28.20 -34.86 -5.82
CA ALA I 16 27.30 -35.94 -5.49
C ALA I 16 26.73 -35.82 -4.08
N ASP I 17 27.50 -35.27 -3.15
CA ASP I 17 27.08 -35.27 -1.75
C ASP I 17 26.20 -34.10 -1.37
N SER I 18 26.53 -32.91 -1.89
CA SER I 18 25.66 -31.72 -1.83
C SER I 18 24.28 -32.12 -2.26
N LYS I 19 24.24 -32.73 -3.44
CA LYS I 19 23.06 -33.29 -3.98
C LYS I 19 22.34 -34.19 -2.97
N ALA I 20 23.08 -35.07 -2.31
CA ALA I 20 22.50 -36.07 -1.41
C ALA I 20 21.94 -35.45 -0.15
N VAL I 21 22.65 -34.46 0.37
CA VAL I 21 22.16 -33.75 1.56
C VAL I 21 21.01 -32.76 1.24
N LEU I 22 21.01 -32.18 0.04
CA LEU I 22 19.89 -31.37 -0.40
C LEU I 22 18.63 -32.21 -0.44
N ASN I 23 18.75 -33.42 -0.96
CA ASN I 23 17.62 -34.32 -1.06
C ASN I 23 17.23 -34.83 0.34
N GLN I 24 18.22 -35.05 1.22
CA GLN I 24 17.91 -35.37 2.60
C GLN I 24 17.04 -34.27 3.22
N ALA I 25 17.44 -33.04 2.97
CA ALA I 25 16.71 -31.87 3.40
C ALA I 25 15.27 -31.85 2.84
N VAL I 26 15.12 -32.06 1.53
CA VAL I 26 13.79 -32.19 0.94
C VAL I 26 12.90 -33.17 1.75
N ALA I 27 13.41 -34.37 2.03
CA ALA I 27 12.63 -35.36 2.76
C ALA I 27 12.30 -34.88 4.19
N ASP I 28 13.34 -34.41 4.89
CA ASP I 28 13.18 -34.00 6.30
C ASP I 28 12.30 -32.77 6.47
N LEU I 29 12.40 -31.84 5.51
CA LEU I 29 11.53 -30.65 5.47
C LEU I 29 10.08 -30.97 5.22
N SER I 30 9.82 -31.97 4.38
CA SER I 30 8.48 -32.36 4.11
C SER I 30 7.91 -32.98 5.36
N VAL I 31 8.67 -33.83 6.01
CA VAL I 31 8.24 -34.43 7.28
C VAL I 31 8.04 -33.32 8.34
N ALA I 32 9.03 -32.47 8.51
CA ALA I 32 8.94 -31.35 9.45
C ALA I 32 7.66 -30.51 9.24
N HIS I 33 7.33 -30.21 8.00
CA HIS I 33 6.10 -29.48 7.70
C HIS I 33 4.91 -30.23 8.27
N SER I 34 4.88 -31.53 8.06
CA SER I 34 3.79 -32.38 8.50
C SER I 34 3.57 -32.30 9.99
N ILE I 35 4.66 -32.42 10.73
CA ILE I 35 4.64 -32.33 12.16
C ILE I 35 4.18 -30.96 12.65
N LEU I 36 4.54 -29.90 11.94
CA LEU I 36 4.18 -28.57 12.40
C LEU I 36 2.70 -28.46 12.13
N HIS I 37 2.21 -29.10 11.08
CA HIS I 37 0.77 -29.04 10.81
C HIS I 37 -0.01 -29.74 11.93
N GLN I 38 0.47 -30.90 12.35
CA GLN I 38 -0.06 -31.64 13.49
C GLN I 38 -0.09 -30.84 14.80
N VAL I 39 0.98 -30.14 15.13
CA VAL I 39 1.03 -29.26 16.29
C VAL I 39 0.01 -28.13 16.22
N HIS I 40 -0.03 -27.46 15.09
CA HIS I 40 -0.99 -26.40 14.85
C HIS I 40 -2.43 -26.89 15.10
N TRP I 41 -2.72 -28.11 14.68
CA TRP I 41 -4.10 -28.58 14.64
C TRP I 41 -4.55 -29.16 15.95
N TYR I 42 -3.68 -29.93 16.59
CA TYR I 42 -3.99 -30.68 17.81
C TYR I 42 -3.70 -29.88 19.07
N MET I 43 -3.21 -28.67 18.90
CA MET I 43 -2.80 -27.84 20.01
C MET I 43 -4.01 -27.53 20.89
N ARG I 44 -3.83 -27.62 22.20
CA ARG I 44 -4.82 -27.21 23.20
C ARG I 44 -4.09 -26.76 24.44
N GLY I 45 -4.57 -25.69 25.07
CA GLY I 45 -4.04 -25.22 26.36
C GLY I 45 -3.74 -23.72 26.30
N ARG I 46 -3.58 -23.09 27.45
CA ARG I 46 -3.26 -21.67 27.51
C ARG I 46 -2.02 -21.38 26.64
N GLY I 47 -2.08 -20.32 25.82
CA GLY I 47 -1.02 -20.01 24.83
C GLY I 47 -1.40 -20.49 23.42
N PHE I 48 -2.47 -21.29 23.34
CA PHE I 48 -2.96 -21.69 22.00
C PHE I 48 -2.97 -20.48 21.04
N MET I 49 -3.55 -19.37 21.50
CA MET I 49 -3.92 -18.26 20.62
C MET I 49 -2.68 -17.58 20.05
N ILE I 50 -1.56 -17.65 20.77
CA ILE I 50 -0.31 -17.15 20.24
C ILE I 50 0.46 -18.26 19.44
N TRP I 51 0.47 -19.48 19.93
CA TRP I 51 1.29 -20.47 19.26
C TRP I 51 0.65 -21.12 18.02
N HIS I 52 -0.65 -21.24 18.00
CA HIS I 52 -1.35 -21.81 16.85
C HIS I 52 -0.97 -21.03 15.57
N PRO I 53 -1.21 -19.69 15.52
CA PRO I 53 -0.72 -18.91 14.34
C PRO I 53 0.80 -18.95 14.16
N LYS I 54 1.58 -18.95 15.23
CA LYS I 54 3.03 -19.10 15.07
C LYS I 54 3.46 -20.35 14.27
N MET I 55 2.76 -21.47 14.43
CA MET I 55 3.06 -22.68 13.62
C MET I 55 2.96 -22.41 12.13
N ASP I 56 1.99 -21.60 11.70
CA ASP I 56 1.84 -21.14 10.32
C ASP I 56 3.12 -20.42 9.86
N GLU I 57 3.66 -19.53 10.68
CA GLU I 57 4.90 -18.83 10.32
C GLU I 57 5.99 -19.85 10.14
N TYR I 58 6.06 -20.84 11.03
CA TYR I 58 7.15 -21.82 10.91
C TYR I 58 6.96 -22.60 9.60
N MET I 59 5.73 -22.98 9.31
CA MET I 59 5.43 -23.78 8.16
C MET I 59 5.76 -23.02 6.90
N GLU I 60 5.42 -21.75 6.84
CA GLU I 60 5.72 -20.99 5.65
C GLU I 60 7.24 -20.96 5.40
N GLU I 61 8.01 -20.83 6.47
CA GLU I 61 9.46 -20.77 6.36
C GLU I 61 10.05 -22.12 5.97
N ILE I 62 9.54 -23.19 6.58
CA ILE I 62 9.97 -24.56 6.24
C ILE I 62 9.71 -24.81 4.75
N ASP I 63 8.52 -24.38 4.29
CA ASP I 63 8.12 -24.49 2.90
C ASP I 63 9.04 -23.75 1.99
N GLY I 64 9.48 -22.58 2.42
CA GLY I 64 10.33 -21.76 1.59
C GLY I 64 11.67 -22.45 1.41
N TYR I 65 12.14 -23.09 2.48
CA TYR I 65 13.40 -23.86 2.40
C TYR I 65 13.24 -25.09 1.56
N LEU I 66 12.12 -25.79 1.70
CA LEU I 66 11.87 -27.00 0.94
C LEU I 66 11.94 -26.70 -0.55
N ASP I 67 11.27 -25.63 -0.95
CA ASP I 67 11.24 -25.27 -2.34
C ASP I 67 12.64 -24.88 -2.86
N GLU I 68 13.29 -23.96 -2.17
CA GLU I 68 14.63 -23.51 -2.53
C GLU I 68 15.65 -24.67 -2.59
N MET I 69 15.65 -25.55 -1.59
CA MET I 69 16.63 -26.64 -1.59
C MET I 69 16.37 -27.62 -2.72
N SER I 70 15.10 -28.00 -2.93
CA SER I 70 14.77 -28.93 -4.00
C SER I 70 15.17 -28.38 -5.35
N GLU I 71 14.96 -27.10 -5.51
CA GLU I 71 15.23 -26.45 -6.80
C GLU I 71 16.69 -26.16 -7.03
N ARG I 72 17.43 -25.95 -5.95
CA ARG I 72 18.88 -25.91 -6.06
C ARG I 72 19.32 -27.28 -6.56
N LEU I 73 18.79 -28.36 -5.97
CA LEU I 73 19.06 -29.72 -6.41
C LEU I 73 18.72 -29.95 -7.90
N ILE I 74 17.55 -29.48 -8.34
CA ILE I 74 17.19 -29.49 -9.77
C ILE I 74 18.26 -28.77 -10.64
N THR I 75 18.60 -27.55 -10.24
CA THR I 75 19.63 -26.75 -10.84
C THR I 75 21.00 -27.51 -10.99
N LEU I 76 21.34 -28.32 -10.00
CA LEU I 76 22.58 -29.11 -10.02
C LEU I 76 22.48 -30.40 -10.79
N GLY I 77 21.29 -30.69 -11.30
CA GLY I 77 21.09 -31.85 -12.18
C GLY I 77 20.60 -33.07 -11.46
N GLY I 78 20.04 -32.84 -10.26
CA GLY I 78 19.46 -33.88 -9.45
C GLY I 78 17.98 -34.14 -9.67
N ALA I 79 17.47 -35.16 -9.00
CA ALA I 79 16.08 -35.58 -9.07
C ALA I 79 15.50 -35.57 -7.61
N PRO I 80 14.87 -34.46 -7.20
CA PRO I 80 14.36 -34.37 -5.82
C PRO I 80 13.28 -35.42 -5.51
N PHE I 81 13.30 -35.95 -4.28
CA PHE I 81 12.18 -36.72 -3.74
C PHE I 81 10.94 -35.86 -3.94
N SER I 82 9.84 -36.50 -4.34
CA SER I 82 8.64 -35.78 -4.75
C SER I 82 7.40 -36.64 -4.59
N THR I 83 7.49 -37.65 -3.70
CA THR I 83 6.33 -38.45 -3.34
C THR I 83 6.36 -38.62 -1.82
N LEU I 84 5.20 -38.76 -1.22
CA LEU I 84 5.14 -38.97 0.23
C LEU I 84 5.92 -40.19 0.70
N LYS I 85 5.92 -41.25 -0.10
CA LYS I 85 6.67 -42.47 0.23
C LYS I 85 8.16 -42.18 0.35
N GLU I 86 8.70 -41.41 -0.60
CA GLU I 86 10.11 -41.01 -0.58
C GLU I 86 10.45 -40.14 0.62
N PHE I 87 9.60 -39.16 0.93
CA PHE I 87 9.88 -38.23 2.04
C PHE I 87 9.98 -39.07 3.28
N SER I 88 8.93 -39.85 3.50
CA SER I 88 8.80 -40.71 4.65
C SER I 88 9.94 -41.69 4.84
N GLU I 89 10.27 -42.45 3.80
CA GLU I 89 11.33 -43.46 3.91
C GLU I 89 12.73 -42.89 4.09
N ASN I 90 12.95 -41.68 3.59
CA ASN I 90 14.30 -41.08 3.62
C ASN I 90 14.53 -40.17 4.82
N SER I 91 13.45 -39.61 5.35
CA SER I 91 13.56 -38.70 6.47
C SER I 91 14.00 -39.41 7.76
N GLN I 92 14.84 -38.77 8.55
CA GLN I 92 15.23 -39.32 9.84
C GLN I 92 14.19 -38.99 10.91
N LEU I 93 13.25 -38.12 10.59
CA LEU I 93 12.25 -37.71 11.60
C LEU I 93 11.12 -38.74 11.68
N LYS I 94 10.62 -38.95 12.89
CA LYS I 94 9.60 -39.97 13.12
C LYS I 94 8.33 -39.26 13.48
N GLU I 95 7.24 -39.62 12.82
CA GLU I 95 5.94 -39.03 13.09
C GLU I 95 5.13 -39.98 13.92
N VAL I 96 4.25 -39.42 14.73
CA VAL I 96 3.31 -40.17 15.55
C VAL I 96 1.89 -39.63 15.27
N LEU I 97 0.87 -40.41 15.60
CA LEU I 97 -0.51 -39.94 15.43
C LEU I 97 -0.85 -38.71 16.24
N GLY I 98 -1.82 -37.91 15.77
CA GLY I 98 -2.17 -36.69 16.49
C GLY I 98 -2.83 -37.02 17.82
N ASP I 99 -2.59 -36.19 18.83
CA ASP I 99 -3.20 -36.41 20.15
C ASP I 99 -3.50 -35.06 20.81
N TYR I 100 -4.76 -34.82 21.14
CA TYR I 100 -5.17 -33.54 21.72
C TYR I 100 -4.70 -33.34 23.15
N ASN I 101 -4.30 -34.42 23.82
CA ASN I 101 -3.90 -34.41 25.23
C ASN I 101 -2.42 -34.10 25.51
N VAL I 102 -1.66 -33.87 24.46
CA VAL I 102 -0.33 -33.34 24.63
C VAL I 102 -0.45 -31.86 25.14
N THR I 103 0.38 -31.47 26.10
CA THR I 103 0.35 -30.10 26.58
C THR I 103 1.03 -29.15 25.62
N ILE I 104 0.68 -27.88 25.72
CA ILE I 104 1.32 -26.83 24.95
C ILE I 104 2.84 -26.88 25.09
N GLU I 105 3.36 -27.06 26.31
CA GLU I 105 4.80 -27.14 26.50
C GLU I 105 5.42 -28.38 25.90
N GLU I 106 4.69 -29.50 25.85
CA GLU I 106 5.23 -30.70 25.22
C GLU I 106 5.19 -30.49 23.72
N GLN I 107 4.22 -29.74 23.20
CA GLN I 107 4.14 -29.47 21.78
C GLN I 107 5.31 -28.60 21.36
N LEU I 108 5.65 -27.60 22.18
CA LEU I 108 6.77 -26.71 21.84
C LEU I 108 8.10 -27.42 21.97
N ALA I 109 8.18 -28.31 22.94
CA ALA I 109 9.38 -29.15 23.13
C ALA I 109 9.67 -30.01 21.90
N ARG I 110 8.61 -30.53 21.29
CA ARG I 110 8.71 -31.31 20.07
C ARG I 110 9.21 -30.48 18.89
N VAL I 111 8.68 -29.27 18.77
CA VAL I 111 9.11 -28.33 17.74
C VAL I 111 10.58 -27.95 17.89
N VAL I 112 11.02 -27.72 19.13
CA VAL I 112 12.44 -27.46 19.39
C VAL I 112 13.25 -28.67 18.91
N GLU I 113 12.75 -29.88 19.17
CA GLU I 113 13.48 -31.10 18.82
C GLU I 113 13.57 -31.27 17.31
N VAL I 114 12.48 -31.03 16.60
CA VAL I 114 12.51 -31.11 15.15
C VAL I 114 13.52 -30.06 14.66
N PHE I 115 13.48 -28.86 15.23
CA PHE I 115 14.34 -27.77 14.77
C PHE I 115 15.78 -28.06 15.07
N ARG I 116 16.04 -28.73 16.18
CA ARG I 116 17.44 -29.07 16.50
C ARG I 116 18.01 -30.02 15.47
N TYR I 117 17.20 -30.99 15.06
CA TYR I 117 17.59 -31.92 14.03
C TYR I 117 17.90 -31.19 12.69
N LEU I 118 16.99 -30.31 12.29
CA LEU I 118 17.16 -29.49 11.10
C LEU I 118 18.40 -28.61 11.15
N ALA I 119 18.72 -28.07 12.32
CA ALA I 119 19.97 -27.29 12.44
C ALA I 119 21.21 -28.17 12.21
N ALA I 120 21.15 -29.42 12.68
CA ALA I 120 22.26 -30.35 12.49
C ALA I 120 22.32 -30.78 11.02
N LEU I 121 21.17 -31.08 10.45
CA LEU I 121 21.08 -31.33 9.01
C LEU I 121 21.75 -30.21 8.18
N PHE I 122 21.34 -28.95 8.40
CA PHE I 122 21.87 -27.81 7.66
C PHE I 122 23.34 -27.58 7.94
N GLN I 123 23.78 -27.92 9.14
CA GLN I 123 25.22 -27.93 9.45
C GLN I 123 25.97 -28.91 8.54
N LYS I 124 25.51 -30.16 8.45
CA LYS I 124 26.10 -31.15 7.55
C LYS I 124 26.02 -30.65 6.12
N GLY I 125 24.86 -30.11 5.72
CA GLY I 125 24.73 -29.53 4.39
C GLY I 125 25.79 -28.48 4.13
N PHE I 126 25.99 -27.63 5.14
CA PHE I 126 26.94 -26.57 5.08
C PHE I 126 28.37 -27.09 4.83
N ASP I 127 28.78 -28.06 5.64
CA ASP I 127 30.09 -28.73 5.58
C ASP I 127 30.27 -29.48 4.26
N VAL I 128 29.32 -30.35 3.92
CA VAL I 128 29.45 -31.06 2.66
C VAL I 128 29.58 -30.11 1.47
N SER I 129 28.70 -29.10 1.38
CA SER I 129 28.71 -28.18 0.25
C SER I 129 29.96 -27.30 0.25
N ASP I 130 30.44 -26.95 1.45
CA ASP I 130 31.72 -26.26 1.58
C ASP I 130 32.88 -27.15 1.10
N GLU I 131 32.81 -28.45 1.42
CA GLU I 131 33.77 -29.45 0.94
C GLU I 131 33.78 -29.58 -0.59
N GLU I 132 32.61 -29.66 -1.19
CA GLU I 132 32.53 -29.88 -2.63
C GLU I 132 32.67 -28.58 -3.44
N GLY I 133 32.79 -27.45 -2.74
CA GLY I 133 32.89 -26.14 -3.38
C GLY I 133 31.61 -25.59 -3.99
N ASP I 134 30.45 -26.03 -3.50
CA ASP I 134 29.18 -25.55 -4.05
C ASP I 134 28.75 -24.38 -3.17
N SER I 135 29.27 -23.20 -3.47
CA SER I 135 29.15 -22.06 -2.56
C SER I 135 27.71 -21.48 -2.46
N VAL I 136 26.95 -21.60 -3.56
CA VAL I 136 25.55 -21.22 -3.55
C VAL I 136 24.78 -22.11 -2.54
N THR I 137 24.92 -23.43 -2.66
CA THR I 137 24.24 -24.36 -1.77
C THR I 137 24.64 -24.11 -0.33
N ASN I 138 25.94 -23.84 -0.13
CA ASN I 138 26.50 -23.42 1.15
C ASN I 138 25.76 -22.26 1.79
N ASP I 139 25.54 -21.19 1.01
CA ASP I 139 24.86 -20.01 1.52
C ASP I 139 23.43 -20.39 1.94
N ILE I 140 22.70 -21.09 1.08
CA ILE I 140 21.32 -21.54 1.36
C ILE I 140 21.21 -22.23 2.73
N PHE I 141 22.07 -23.21 2.97
CA PHE I 141 22.10 -23.90 4.27
C PHE I 141 22.45 -22.95 5.42
N ASN I 142 23.40 -22.04 5.18
CA ASN I 142 23.82 -21.08 6.17
C ASN I 142 22.70 -20.13 6.60
N VAL I 143 21.96 -19.60 5.64
CA VAL I 143 20.77 -18.79 5.91
C VAL I 143 19.68 -19.60 6.66
N ALA I 144 19.41 -20.83 6.25
CA ALA I 144 18.41 -21.63 6.91
C ALA I 144 18.82 -21.91 8.38
N LYS I 145 20.07 -22.28 8.58
CA LYS I 145 20.56 -22.64 9.89
C LYS I 145 20.39 -21.43 10.81
N ALA I 146 20.79 -20.26 10.32
CA ALA I 146 20.70 -19.01 11.06
C ALA I 146 19.30 -18.80 11.59
N SER I 147 18.31 -18.99 10.72
CA SER I 147 16.94 -18.73 11.11
C SER I 147 16.44 -19.77 12.10
N ILE I 148 16.64 -21.03 11.75
CA ILE I 148 16.23 -22.08 12.65
C ILE I 148 16.78 -21.89 14.07
N GLU I 149 18.04 -21.47 14.18
CA GLU I 149 18.69 -21.30 15.48
C GLU I 149 18.06 -20.17 16.25
N LYS I 150 17.75 -19.07 15.58
CA LYS I 150 17.00 -18.00 16.21
C LYS I 150 15.68 -18.53 16.74
N HIS I 151 15.02 -19.36 15.95
CA HIS I 151 13.74 -19.89 16.42
C HIS I 151 13.94 -20.73 17.65
N ILE I 152 15.04 -21.49 17.70
CA ILE I 152 15.27 -22.37 18.87
C ILE I 152 15.45 -21.53 20.14
N TRP I 153 16.20 -20.44 20.05
CA TRP I 153 16.34 -19.50 21.17
C TRP I 153 14.95 -19.08 21.68
N MET I 154 14.08 -18.68 20.77
CA MET I 154 12.79 -18.15 21.19
C MET I 154 11.90 -19.19 21.81
N LEU I 155 11.87 -20.34 21.20
CA LEU I 155 11.12 -21.46 21.75
C LEU I 155 11.60 -21.87 23.14
N GLN I 156 12.91 -21.93 23.31
CA GLN I 156 13.50 -22.29 24.57
C GLN I 156 13.22 -21.22 25.64
N ALA I 157 13.35 -19.96 25.23
CA ALA I 157 13.02 -18.85 26.08
C ALA I 157 11.63 -19.02 26.59
N GLU I 158 10.67 -19.25 25.69
CA GLU I 158 9.27 -19.46 26.10
C GLU I 158 9.14 -20.66 27.03
N LEU I 159 9.93 -21.69 26.79
CA LEU I 159 9.96 -22.82 27.69
C LEU I 159 10.74 -22.56 29.02
N GLY I 160 11.21 -21.33 29.23
CA GLY I 160 12.00 -20.97 30.42
C GLY I 160 13.44 -21.50 30.43
N GLN I 161 13.94 -21.83 29.25
CA GLN I 161 15.27 -22.45 29.13
C GLN I 161 16.21 -21.68 28.23
N ALA I 162 17.52 -21.94 28.39
CA ALA I 162 18.54 -21.39 27.49
C ALA I 162 18.44 -22.15 26.15
N PRO I 163 18.94 -21.58 25.01
CA PRO I 163 18.82 -22.24 23.70
C PRO I 163 19.54 -23.58 23.63
N LYS I 164 20.69 -23.68 24.29
CA LYS I 164 21.45 -24.94 24.40
C LYS I 164 21.79 -25.55 23.05
N LEU I 165 22.26 -24.74 22.11
CA LEU I 165 22.61 -25.23 20.79
C LEU I 165 23.86 -26.15 20.82
N SER J 14 9.65 36.24 -30.12
CA SER J 14 9.72 34.80 -30.55
C SER J 14 8.62 34.04 -29.78
N LEU J 15 8.84 33.84 -28.48
CA LEU J 15 7.88 33.16 -27.58
C LEU J 15 7.22 34.13 -26.57
N ALA J 16 7.26 35.41 -26.88
CA ALA J 16 6.72 36.45 -26.00
C ALA J 16 5.23 36.27 -25.69
N ASP J 17 4.45 35.86 -26.69
CA ASP J 17 3.00 35.70 -26.53
C ASP J 17 2.65 34.41 -25.77
N SER J 18 3.44 33.37 -25.97
CA SER J 18 3.31 32.16 -25.20
C SER J 18 3.58 32.44 -23.77
N LYS J 19 4.69 33.12 -23.50
CA LYS J 19 5.02 33.56 -22.14
C LYS J 19 3.94 34.41 -21.50
N ALA J 20 3.34 35.30 -22.28
CA ALA J 20 2.37 36.25 -21.76
C ALA J 20 1.06 35.60 -21.32
N VAL J 21 0.61 34.64 -22.12
CA VAL J 21 -0.61 33.91 -21.80
C VAL J 21 -0.35 32.91 -20.65
N LEU J 22 0.82 32.27 -20.64
CA LEU J 22 1.19 31.45 -19.50
C LEU J 22 1.09 32.28 -18.24
N ASN J 23 1.58 33.53 -18.30
CA ASN J 23 1.56 34.43 -17.14
C ASN J 23 0.13 34.93 -16.83
N GLN J 24 -0.65 35.22 -17.84
CA GLN J 24 -2.09 35.44 -17.62
C GLN J 24 -2.75 34.30 -16.87
N ALA J 25 -2.35 33.08 -17.23
CA ALA J 25 -2.89 31.89 -16.61
C ALA J 25 -2.53 31.83 -15.12
N VAL J 26 -1.29 32.17 -14.78
CA VAL J 26 -0.85 32.22 -13.38
C VAL J 26 -1.74 33.09 -12.49
N ALA J 27 -2.08 34.26 -12.99
CA ALA J 27 -2.86 35.23 -12.25
C ALA J 27 -4.31 34.76 -12.12
N ASP J 28 -4.87 34.29 -13.23
CA ASP J 28 -6.26 33.81 -13.28
C ASP J 28 -6.49 32.52 -12.49
N LEU J 29 -5.53 31.61 -12.53
CA LEU J 29 -5.63 30.37 -11.76
C LEU J 29 -5.49 30.69 -10.30
N SER J 30 -4.63 31.63 -9.94
CA SER J 30 -4.56 32.14 -8.55
C SER J 30 -5.90 32.71 -8.06
N VAL J 31 -6.58 33.46 -8.90
CA VAL J 31 -7.86 34.07 -8.51
C VAL J 31 -8.93 32.96 -8.57
N ALA J 32 -8.90 32.13 -9.61
CA ALA J 32 -9.85 31.00 -9.66
C ALA J 32 -9.79 30.15 -8.41
N HIS J 33 -8.58 29.94 -7.90
CA HIS J 33 -8.37 29.11 -6.73
C HIS J 33 -8.99 29.74 -5.51
N SER J 34 -8.81 31.03 -5.38
CA SER J 34 -9.33 31.80 -4.28
C SER J 34 -10.88 31.83 -4.32
N ILE J 35 -11.47 31.93 -5.49
CA ILE J 35 -12.93 31.84 -5.61
C ILE J 35 -13.42 30.44 -5.23
N LEU J 36 -12.71 29.39 -5.64
CA LEU J 36 -13.11 28.02 -5.30
C LEU J 36 -13.09 27.82 -3.79
N HIS J 37 -12.20 28.55 -3.13
CA HIS J 37 -12.00 28.41 -1.72
C HIS J 37 -13.12 29.08 -0.99
N GLN J 38 -13.51 30.27 -1.47
CA GLN J 38 -14.69 30.96 -0.97
C GLN J 38 -15.98 30.13 -1.11
N VAL J 39 -16.19 29.55 -2.28
CA VAL J 39 -17.30 28.64 -2.51
C VAL J 39 -17.30 27.45 -1.51
N HIS J 40 -16.13 26.88 -1.29
CA HIS J 40 -15.93 25.76 -0.37
C HIS J 40 -16.34 26.19 1.05
N TRP J 41 -15.97 27.41 1.45
CA TRP J 41 -16.19 27.83 2.84
C TRP J 41 -17.60 28.32 3.09
N TYR J 42 -18.19 28.95 2.09
CA TYR J 42 -19.48 29.63 2.25
C TYR J 42 -20.69 28.84 1.79
N MET J 43 -20.47 27.58 1.47
CA MET J 43 -21.49 26.73 0.90
C MET J 43 -22.50 26.33 1.95
N ARG J 44 -23.78 26.40 1.61
CA ARG J 44 -24.82 25.99 2.50
C ARG J 44 -25.96 25.52 1.63
N GLY J 45 -26.56 24.40 1.98
CA GLY J 45 -27.66 23.84 1.16
C GLY J 45 -27.54 22.35 0.93
N ARG J 46 -28.65 21.73 0.54
CA ARG J 46 -28.69 20.34 0.20
C ARG J 46 -27.71 20.12 -0.94
N GLY J 47 -26.81 19.15 -0.77
CA GLY J 47 -25.70 18.95 -1.72
C GLY J 47 -24.36 19.36 -1.12
N PHE J 48 -24.40 20.00 0.03
CA PHE J 48 -23.18 20.52 0.64
C PHE J 48 -22.15 19.41 0.78
N MET J 49 -22.60 18.26 1.28
CA MET J 49 -21.67 17.20 1.70
C MET J 49 -21.06 16.51 0.51
N ILE J 50 -21.69 16.64 -0.64
CA ILE J 50 -21.05 16.17 -1.87
C ILE J 50 -20.14 17.27 -2.50
N TRP J 51 -20.66 18.49 -2.62
CA TRP J 51 -19.98 19.58 -3.33
C TRP J 51 -18.85 20.27 -2.57
N HIS J 52 -18.92 20.25 -1.25
CA HIS J 52 -17.88 20.87 -0.43
C HIS J 52 -16.51 20.19 -0.68
N PRO J 53 -16.42 18.85 -0.52
CA PRO J 53 -15.22 18.11 -0.89
C PRO J 53 -14.88 18.26 -2.39
N LYS J 54 -15.89 18.27 -3.25
CA LYS J 54 -15.57 18.38 -4.66
C LYS J 54 -14.77 19.68 -4.97
N MET J 55 -14.99 20.74 -4.20
CA MET J 55 -14.23 21.98 -4.41
C MET J 55 -12.76 21.78 -4.12
N ASP J 56 -12.46 20.89 -3.17
CA ASP J 56 -11.06 20.51 -2.86
C ASP J 56 -10.36 19.87 -4.06
N GLU J 57 -11.08 18.96 -4.72
CA GLU J 57 -10.58 18.27 -5.92
C GLU J 57 -10.30 19.30 -7.02
N TYR J 58 -11.27 20.15 -7.30
CA TYR J 58 -11.06 21.31 -8.20
C TYR J 58 -9.85 22.19 -7.80
N MET J 59 -9.75 22.55 -6.53
CA MET J 59 -8.63 23.36 -6.04
C MET J 59 -7.26 22.74 -6.27
N GLU J 60 -7.16 21.43 -5.99
CA GLU J 60 -5.98 20.61 -6.26
C GLU J 60 -5.63 20.65 -7.76
N GLU J 61 -6.59 20.38 -8.62
CA GLU J 61 -6.37 20.45 -10.05
C GLU J 61 -5.93 21.84 -10.55
N ILE J 62 -6.53 22.88 -9.97
CA ILE J 62 -6.17 24.25 -10.33
C ILE J 62 -4.72 24.56 -9.90
N ASP J 63 -4.36 24.22 -8.67
CA ASP J 63 -2.96 24.35 -8.24
C ASP J 63 -2.02 23.62 -9.18
N GLY J 64 -2.44 22.45 -9.62
CA GLY J 64 -1.65 21.64 -10.52
C GLY J 64 -1.29 22.43 -11.79
N TYR J 65 -2.32 22.94 -12.46
CA TYR J 65 -2.10 23.78 -13.62
C TYR J 65 -1.29 25.03 -13.26
N LEU J 66 -1.61 25.69 -12.17
CA LEU J 66 -0.93 26.93 -11.78
C LEU J 66 0.59 26.75 -11.60
N ASP J 67 1.01 25.62 -11.06
CA ASP J 67 2.40 25.45 -10.71
C ASP J 67 3.15 25.10 -12.00
N GLU J 68 2.49 24.30 -12.82
CA GLU J 68 3.02 23.81 -14.06
C GLU J 68 3.18 24.89 -15.12
N MET J 69 2.14 25.69 -15.30
CA MET J 69 2.21 26.85 -16.16
C MET J 69 3.26 27.89 -15.75
N SER J 70 3.40 28.19 -14.45
CA SER J 70 4.42 29.16 -14.06
C SER J 70 5.78 28.56 -14.28
N GLU J 71 5.94 27.29 -13.92
CA GLU J 71 7.23 26.64 -14.12
C GLU J 71 7.61 26.50 -15.58
N ARG J 72 6.62 26.35 -16.45
CA ARG J 72 6.88 26.32 -17.88
C ARG J 72 7.38 27.71 -18.26
N LEU J 73 6.76 28.74 -17.67
CA LEU J 73 7.20 30.13 -17.91
C LEU J 73 8.65 30.32 -17.46
N ILE J 74 8.98 29.85 -16.28
CA ILE J 74 10.34 29.93 -15.78
C ILE J 74 11.27 29.24 -16.74
N THR J 75 10.96 27.99 -17.07
CA THR J 75 11.73 27.21 -18.04
C THR J 75 11.99 27.98 -19.33
N LEU J 76 11.03 28.80 -19.78
CA LEU J 76 11.16 29.52 -21.04
C LEU J 76 11.93 30.86 -20.90
N GLY J 77 12.32 31.19 -19.68
CA GLY J 77 13.10 32.41 -19.46
C GLY J 77 12.29 33.57 -18.93
N GLY J 78 10.99 33.34 -18.66
CA GLY J 78 10.11 34.37 -18.12
C GLY J 78 10.21 34.54 -16.61
N ALA J 79 9.38 35.45 -16.06
CA ALA J 79 9.25 35.70 -14.61
C ALA J 79 7.76 35.68 -14.20
N PRO J 80 7.29 34.58 -13.59
CA PRO J 80 5.84 34.55 -13.28
C PRO J 80 5.40 35.61 -12.25
N PHE J 81 4.15 36.10 -12.38
CA PHE J 81 3.54 36.89 -11.31
C PHE J 81 3.65 36.08 -10.03
N SER J 82 3.91 36.71 -8.91
CA SER J 82 4.11 35.89 -7.73
C SER J 82 3.75 36.65 -6.48
N THR J 83 2.83 37.60 -6.61
CA THR J 83 2.36 38.39 -5.47
C THR J 83 0.86 38.53 -5.62
N LEU J 84 0.14 38.76 -4.53
CA LEU J 84 -1.32 38.80 -4.61
C LEU J 84 -1.69 40.05 -5.41
N LYS J 85 -0.96 41.14 -5.17
CA LYS J 85 -1.11 42.40 -5.93
C LYS J 85 -1.08 42.15 -7.45
N GLU J 86 -0.04 41.46 -7.93
CA GLU J 86 0.06 41.05 -9.35
C GLU J 86 -1.05 40.11 -9.84
N PHE J 87 -1.46 39.15 -9.02
CA PHE J 87 -2.52 38.23 -9.45
C PHE J 87 -3.83 39.01 -9.69
N SER J 88 -4.13 39.90 -8.74
CA SER J 88 -5.37 40.70 -8.73
C SER J 88 -5.43 41.64 -9.93
N GLU J 89 -4.36 42.43 -10.10
CA GLU J 89 -4.26 43.39 -11.19
C GLU J 89 -4.33 42.78 -12.57
N ASN J 90 -3.77 41.59 -12.74
CA ASN J 90 -3.72 40.99 -14.06
C ASN J 90 -4.84 40.01 -14.37
N SER J 91 -5.54 39.53 -13.35
CA SER J 91 -6.62 38.60 -13.64
C SER J 91 -7.83 39.33 -14.24
N GLN J 92 -8.56 38.67 -15.13
CA GLN J 92 -9.79 39.21 -15.67
C GLN J 92 -11.01 38.66 -14.91
N LEU J 93 -10.76 37.90 -13.85
CA LEU J 93 -11.82 37.39 -12.99
C LEU J 93 -12.12 38.35 -11.85
N LYS J 94 -13.40 38.58 -11.59
CA LYS J 94 -13.70 39.47 -10.47
C LYS J 94 -14.11 38.72 -9.19
N GLU J 95 -13.67 39.24 -8.05
CA GLU J 95 -13.94 38.63 -6.76
C GLU J 95 -14.89 39.48 -5.95
N VAL J 96 -15.80 38.83 -5.24
CA VAL J 96 -16.72 39.55 -4.35
C VAL J 96 -16.60 38.96 -2.96
N LEU J 97 -17.13 39.67 -1.97
CA LEU J 97 -17.09 39.17 -0.58
C LEU J 97 -17.87 37.88 -0.44
N GLY J 98 -17.41 37.00 0.44
CA GLY J 98 -18.15 35.79 0.74
C GLY J 98 -19.53 36.07 1.31
N ASP J 99 -20.51 35.29 0.85
CA ASP J 99 -21.89 35.43 1.31
C ASP J 99 -22.46 34.01 1.56
N TYR J 100 -22.85 33.68 2.80
CA TYR J 100 -23.49 32.42 3.15
C TYR J 100 -24.87 32.21 2.53
N ASN J 101 -25.53 33.32 2.20
CA ASN J 101 -26.92 33.29 1.74
C ASN J 101 -27.10 32.96 0.26
N VAL J 102 -26.02 32.58 -0.38
CA VAL J 102 -26.08 32.06 -1.74
C VAL J 102 -26.49 30.57 -1.70
N THR J 103 -27.32 30.15 -2.64
CA THR J 103 -27.77 28.78 -2.70
C THR J 103 -26.68 27.97 -3.40
N ILE J 104 -26.72 26.67 -3.16
CA ILE J 104 -25.79 25.73 -3.75
C ILE J 104 -25.80 25.87 -5.27
N GLU J 105 -26.99 25.95 -5.84
CA GLU J 105 -27.11 26.09 -7.27
C GLU J 105 -26.46 27.35 -7.82
N GLU J 106 -26.55 28.45 -7.10
CA GLU J 106 -25.87 29.67 -7.49
C GLU J 106 -24.37 29.51 -7.39
N GLN J 107 -23.91 28.82 -6.33
CA GLN J 107 -22.49 28.64 -6.07
C GLN J 107 -21.88 27.80 -7.18
N LEU J 108 -22.59 26.76 -7.60
CA LEU J 108 -22.13 25.96 -8.72
C LEU J 108 -22.11 26.74 -10.04
N ALA J 109 -23.12 27.59 -10.27
CA ALA J 109 -23.17 28.44 -11.47
C ALA J 109 -21.97 29.41 -11.53
N ARG J 110 -21.60 29.94 -10.40
CA ARG J 110 -20.35 30.69 -10.29
C ARG J 110 -19.10 29.90 -10.68
N VAL J 111 -18.93 28.67 -10.17
CA VAL J 111 -17.83 27.82 -10.61
C VAL J 111 -17.91 27.62 -12.14
N VAL J 112 -19.07 27.29 -12.65
CA VAL J 112 -19.22 27.14 -14.06
C VAL J 112 -18.75 28.40 -14.80
N GLU J 113 -19.02 29.59 -14.29
CA GLU J 113 -18.54 30.80 -14.93
C GLU J 113 -17.04 30.87 -14.93
N VAL J 114 -16.46 30.65 -13.77
CA VAL J 114 -15.01 30.60 -13.67
C VAL J 114 -14.40 29.63 -14.68
N PHE J 115 -14.89 28.40 -14.70
CA PHE J 115 -14.37 27.39 -15.59
C PHE J 115 -14.54 27.73 -17.07
N ARG J 116 -15.69 28.28 -17.41
CA ARG J 116 -15.91 28.71 -18.79
C ARG J 116 -14.83 29.70 -19.17
N TYR J 117 -14.49 30.61 -18.27
CA TYR J 117 -13.46 31.58 -18.55
C TYR J 117 -12.09 30.92 -18.73
N LEU J 118 -11.77 30.00 -17.85
CA LEU J 118 -10.48 29.33 -17.88
C LEU J 118 -10.34 28.52 -19.15
N ALA J 119 -11.41 27.87 -19.61
CA ALA J 119 -11.33 27.10 -20.83
C ALA J 119 -11.16 27.97 -22.09
N ALA J 120 -11.70 29.19 -22.05
CA ALA J 120 -11.52 30.17 -23.12
C ALA J 120 -10.06 30.63 -23.10
N LEU J 121 -9.56 30.96 -21.91
CA LEU J 121 -8.16 31.27 -21.69
C LEU J 121 -7.29 30.13 -22.25
N PHE J 122 -7.59 28.89 -21.87
CA PHE J 122 -6.75 27.78 -22.27
C PHE J 122 -6.81 27.54 -23.80
N GLN J 123 -7.95 27.81 -24.39
CA GLN J 123 -8.01 27.86 -25.84
C GLN J 123 -7.15 29.00 -26.44
N LYS J 124 -7.10 30.16 -25.81
CA LYS J 124 -6.22 31.23 -26.33
C LYS J 124 -4.75 30.79 -26.17
N GLY J 125 -4.40 30.24 -25.01
CA GLY J 125 -3.06 29.70 -24.79
C GLY J 125 -2.68 28.67 -25.84
N PHE J 126 -3.62 27.79 -26.17
CA PHE J 126 -3.38 26.80 -27.18
C PHE J 126 -3.05 27.47 -28.53
N ASP J 127 -3.90 28.37 -28.97
CA ASP J 127 -3.78 28.99 -30.29
C ASP J 127 -2.52 29.83 -30.41
N VAL J 128 -2.23 30.59 -29.37
CA VAL J 128 -1.00 31.38 -29.34
C VAL J 128 0.24 30.49 -29.51
N SER J 129 0.34 29.42 -28.71
CA SER J 129 1.52 28.57 -28.71
C SER J 129 1.58 27.74 -29.97
N ASP J 130 0.40 27.37 -30.48
CA ASP J 130 0.26 26.75 -31.81
C ASP J 130 0.99 27.61 -32.85
N GLU J 131 0.78 28.93 -32.77
CA GLU J 131 1.31 29.86 -33.75
C GLU J 131 2.80 30.05 -33.58
N GLU J 132 3.27 30.06 -32.34
CA GLU J 132 4.67 30.31 -32.06
C GLU J 132 5.48 29.02 -32.08
N GLY J 133 4.86 27.92 -32.52
CA GLY J 133 5.48 26.58 -32.54
C GLY J 133 6.11 26.13 -31.22
N ASP J 134 5.42 26.41 -30.10
CA ASP J 134 5.82 26.01 -28.75
C ASP J 134 4.94 24.85 -28.39
N SER J 135 5.36 23.67 -28.81
CA SER J 135 4.47 22.52 -28.76
C SER J 135 4.28 21.98 -27.32
N VAL J 136 5.20 22.29 -26.44
CA VAL J 136 5.09 21.83 -25.07
C VAL J 136 4.03 22.66 -24.36
N THR J 137 4.15 23.97 -24.45
CA THR J 137 3.17 24.86 -23.85
C THR J 137 1.77 24.59 -24.42
N ASN J 138 1.73 24.24 -25.69
CA ASN J 138 0.52 23.92 -26.40
C ASN J 138 -0.17 22.65 -25.81
N ASP J 139 0.58 21.56 -25.59
CA ASP J 139 0.06 20.35 -24.93
C ASP J 139 -0.47 20.59 -23.51
N ILE J 140 0.28 21.38 -22.73
CA ILE J 140 -0.15 21.85 -21.42
C ILE J 140 -1.52 22.52 -21.41
N PHE J 141 -1.76 23.46 -22.34
CA PHE J 141 -3.06 24.12 -22.44
C PHE J 141 -4.08 23.13 -22.91
N ASN J 142 -3.71 22.29 -23.85
CA ASN J 142 -4.62 21.26 -24.31
C ASN J 142 -5.16 20.28 -23.22
N VAL J 143 -4.27 19.60 -22.51
CA VAL J 143 -4.59 18.83 -21.30
C VAL J 143 -5.50 19.60 -20.32
N ALA J 144 -5.12 20.83 -19.95
CA ALA J 144 -5.91 21.66 -19.05
C ALA J 144 -7.34 21.92 -19.56
N LYS J 145 -7.46 22.19 -20.85
CA LYS J 145 -8.72 22.51 -21.48
C LYS J 145 -9.63 21.28 -21.46
N ALA J 146 -9.06 20.10 -21.76
CA ALA J 146 -9.81 18.84 -21.81
C ALA J 146 -10.48 18.60 -20.47
N SER J 147 -9.69 18.78 -19.42
CA SER J 147 -10.16 18.55 -18.07
C SER J 147 -11.24 19.53 -17.60
N ILE J 148 -11.01 20.82 -17.84
CA ILE J 148 -11.98 21.85 -17.48
C ILE J 148 -13.32 21.66 -18.23
N GLU J 149 -13.26 21.28 -19.49
CA GLU J 149 -14.46 21.05 -20.28
C GLU J 149 -15.22 19.82 -19.78
N LYS J 150 -14.48 18.79 -19.37
CA LYS J 150 -15.16 17.68 -18.66
C LYS J 150 -15.91 18.22 -17.46
N HIS J 151 -15.26 18.99 -16.58
CA HIS J 151 -15.93 19.46 -15.36
C HIS J 151 -17.14 20.33 -15.64
N ILE J 152 -17.06 21.11 -16.73
CA ILE J 152 -18.21 21.95 -17.10
C ILE J 152 -19.37 21.03 -17.49
N TRP J 153 -19.10 19.93 -18.18
CA TRP J 153 -20.19 19.02 -18.52
C TRP J 153 -20.90 18.52 -17.24
N MET J 154 -20.11 18.05 -16.30
CA MET J 154 -20.60 17.54 -15.03
C MET J 154 -21.34 18.53 -14.18
N LEU J 155 -20.75 19.69 -13.94
CA LEU J 155 -21.42 20.74 -13.18
C LEU J 155 -22.76 21.14 -13.79
N GLN J 156 -22.79 21.28 -15.12
CA GLN J 156 -24.00 21.61 -15.85
C GLN J 156 -25.04 20.50 -15.74
N ALA J 157 -24.59 19.25 -15.79
CA ALA J 157 -25.51 18.16 -15.65
C ALA J 157 -26.20 18.20 -14.27
N GLU J 158 -25.42 18.38 -13.21
CA GLU J 158 -25.99 18.59 -11.90
C GLU J 158 -27.05 19.70 -11.94
N LEU J 159 -26.76 20.78 -12.68
CA LEU J 159 -27.70 21.90 -12.83
C LEU J 159 -28.84 21.68 -13.84
N GLY J 160 -28.95 20.45 -14.36
CA GLY J 160 -30.01 20.07 -15.32
C GLY J 160 -29.87 20.74 -16.68
N GLN J 161 -28.64 21.04 -17.04
CA GLN J 161 -28.38 21.79 -18.26
C GLN J 161 -27.40 21.04 -19.12
N ALA J 162 -27.38 21.43 -20.39
CA ALA J 162 -26.38 20.99 -21.31
C ALA J 162 -25.06 21.66 -21.03
N PRO J 163 -23.94 21.06 -21.50
CA PRO J 163 -22.64 21.68 -21.25
C PRO J 163 -22.55 23.08 -21.83
N LYS J 164 -23.10 23.25 -23.05
CA LYS J 164 -23.10 24.50 -23.79
C LYS J 164 -21.71 25.11 -23.93
N LEU J 165 -20.79 24.36 -24.50
CA LEU J 165 -19.46 24.92 -24.69
C LEU J 165 -19.43 26.00 -25.80
N SER K 14 -23.73 -36.07 15.24
CA SER K 14 -22.49 -36.86 15.06
C SER K 14 -21.86 -36.63 13.68
N LEU K 15 -22.69 -36.41 12.66
CA LEU K 15 -22.20 -36.03 11.33
C LEU K 15 -21.08 -36.95 10.90
N ALA K 16 -21.31 -38.25 11.02
CA ALA K 16 -20.24 -39.23 10.91
C ALA K 16 -19.61 -39.19 9.53
N ASP K 17 -20.42 -39.07 8.49
CA ASP K 17 -19.89 -39.11 7.12
C ASP K 17 -19.36 -37.77 6.68
N SER K 18 -19.94 -36.70 7.20
CA SER K 18 -19.36 -35.38 6.96
C SER K 18 -17.93 -35.39 7.46
N LYS K 19 -17.73 -35.90 8.67
CA LYS K 19 -16.37 -36.05 9.22
C LYS K 19 -15.50 -36.98 8.38
N ALA K 20 -16.07 -38.09 7.92
CA ALA K 20 -15.30 -39.06 7.13
C ALA K 20 -14.83 -38.48 5.81
N VAL K 21 -15.67 -37.68 5.18
CA VAL K 21 -15.30 -37.11 3.89
C VAL K 21 -14.30 -35.96 4.07
N LEU K 22 -14.42 -35.23 5.19
CA LEU K 22 -13.49 -34.15 5.50
C LEU K 22 -12.11 -34.76 5.71
N ASN K 23 -12.05 -35.87 6.42
CA ASN K 23 -10.77 -36.50 6.64
C ASN K 23 -10.21 -37.14 5.35
N GLN K 24 -11.07 -37.69 4.51
CA GLN K 24 -10.63 -38.23 3.21
C GLN K 24 -10.01 -37.11 2.36
N ALA K 25 -10.71 -35.98 2.30
CA ALA K 25 -10.16 -34.77 1.70
C ALA K 25 -8.81 -34.39 2.27
N VAL K 26 -8.62 -34.43 3.59
CA VAL K 26 -7.30 -34.10 4.13
C VAL K 26 -6.19 -34.96 3.46
N ALA K 27 -6.43 -36.27 3.44
CA ALA K 27 -5.49 -37.20 2.90
C ALA K 27 -5.28 -36.88 1.44
N ASP K 28 -6.37 -36.74 0.69
CA ASP K 28 -6.24 -36.59 -0.77
C ASP K 28 -5.61 -35.26 -1.18
N LEU K 29 -5.96 -34.17 -0.50
CA LEU K 29 -5.32 -32.87 -0.73
C LEU K 29 -3.85 -32.86 -0.37
N SER K 30 -3.49 -33.52 0.73
CA SER K 30 -2.10 -33.66 1.01
C SER K 30 -1.38 -34.39 -0.13
N VAL K 31 -2.01 -35.38 -0.73
CA VAL K 31 -1.34 -36.10 -1.83
C VAL K 31 -1.38 -35.26 -3.09
N ALA K 32 -2.53 -34.62 -3.34
CA ALA K 32 -2.65 -33.71 -4.48
C ALA K 32 -1.54 -32.67 -4.41
N HIS K 33 -1.30 -32.13 -3.24
CA HIS K 33 -0.32 -31.07 -3.12
C HIS K 33 1.07 -31.56 -3.51
N SER K 34 1.40 -32.76 -3.07
CA SER K 34 2.65 -33.40 -3.37
C SER K 34 2.75 -33.61 -4.87
N ILE K 35 1.65 -34.02 -5.50
CA ILE K 35 1.69 -34.30 -6.92
C ILE K 35 1.91 -33.01 -7.68
N LEU K 36 1.26 -31.94 -7.25
CA LEU K 36 1.46 -30.65 -7.93
C LEU K 36 2.89 -30.16 -7.75
N HIS K 37 3.47 -30.39 -6.58
CA HIS K 37 4.90 -30.03 -6.38
C HIS K 37 5.83 -30.80 -7.32
N GLN K 38 5.57 -32.09 -7.48
CA GLN K 38 6.35 -32.87 -8.43
C GLN K 38 6.23 -32.31 -9.84
N VAL K 39 5.02 -31.97 -10.27
CA VAL K 39 4.84 -31.33 -11.58
C VAL K 39 5.58 -29.99 -11.73
N HIS K 40 5.57 -29.16 -10.69
CA HIS K 40 6.28 -27.87 -10.61
C HIS K 40 7.76 -28.12 -10.86
N TRP K 41 8.32 -29.04 -10.11
CA TRP K 41 9.76 -29.36 -10.19
C TRP K 41 10.24 -30.06 -11.47
N TYR K 42 9.49 -31.05 -11.91
CA TYR K 42 9.89 -31.89 -13.03
C TYR K 42 9.52 -31.40 -14.42
N MET K 43 8.80 -30.30 -14.46
CA MET K 43 8.26 -29.76 -15.67
C MET K 43 9.38 -29.31 -16.61
N ARG K 44 9.25 -29.69 -17.89
CA ARG K 44 10.18 -29.28 -18.91
C ARG K 44 9.42 -29.22 -20.20
N GLY K 45 9.67 -28.20 -21.01
CA GLY K 45 9.02 -28.04 -22.33
C GLY K 45 8.45 -26.64 -22.51
N ARG K 46 8.10 -26.27 -23.74
CA ARG K 46 7.49 -24.97 -24.05
C ARG K 46 6.19 -24.78 -23.26
N GLY K 47 6.07 -23.67 -22.54
CA GLY K 47 4.93 -23.46 -21.65
C GLY K 47 5.40 -23.45 -20.21
N PHE K 48 6.62 -23.93 -19.97
CA PHE K 48 7.19 -23.99 -18.64
C PHE K 48 7.02 -22.68 -17.92
N MET K 49 7.34 -21.59 -18.61
CA MET K 49 7.36 -20.28 -17.95
C MET K 49 5.99 -19.80 -17.45
N ILE K 50 4.91 -20.28 -18.06
CA ILE K 50 3.59 -19.99 -17.57
C ILE K 50 3.08 -21.01 -16.55
N TRP K 51 3.35 -22.29 -16.80
CA TRP K 51 2.72 -23.32 -16.00
C TRP K 51 3.48 -23.65 -14.75
N HIS K 52 4.79 -23.40 -14.77
CA HIS K 52 5.62 -23.61 -13.60
C HIS K 52 5.09 -22.81 -12.39
N PRO K 53 5.05 -21.46 -12.49
CA PRO K 53 4.38 -20.62 -11.50
C PRO K 53 2.90 -20.94 -11.27
N LYS K 54 2.13 -21.22 -12.31
CA LYS K 54 0.72 -21.63 -12.12
C LYS K 54 0.63 -22.76 -11.11
N MET K 55 1.55 -23.73 -11.17
CA MET K 55 1.55 -24.80 -10.15
C MET K 55 1.61 -24.26 -8.71
N ASP K 56 2.35 -23.16 -8.46
CA ASP K 56 2.35 -22.54 -7.12
C ASP K 56 1.00 -22.00 -6.71
N GLU K 57 0.28 -21.38 -7.64
CA GLU K 57 -1.05 -20.85 -7.36
C GLU K 57 -2.01 -22.02 -7.00
N TYR K 58 -1.91 -23.15 -7.71
CA TYR K 58 -2.76 -24.32 -7.44
C TYR K 58 -2.44 -24.94 -6.10
N MET K 59 -1.18 -24.92 -5.74
CA MET K 59 -0.74 -25.48 -4.51
C MET K 59 -1.24 -24.65 -3.32
N GLU K 60 -1.12 -23.33 -3.44
CA GLU K 60 -1.62 -22.41 -2.43
C GLU K 60 -3.12 -22.62 -2.22
N GLU K 61 -3.87 -22.82 -3.30
CA GLU K 61 -5.30 -23.07 -3.16
C GLU K 61 -5.61 -24.44 -2.53
N ILE K 62 -4.88 -25.48 -2.95
CA ILE K 62 -5.00 -26.82 -2.39
C ILE K 62 -4.72 -26.75 -0.88
N ASP K 63 -3.62 -26.07 -0.55
CA ASP K 63 -3.23 -25.82 0.83
C ASP K 63 -4.35 -25.17 1.59
N GLY K 64 -5.04 -24.23 0.96
CA GLY K 64 -6.13 -23.50 1.65
C GLY K 64 -7.24 -24.44 2.07
N TYR K 65 -7.72 -25.24 1.11
CA TYR K 65 -8.78 -26.22 1.36
C TYR K 65 -8.37 -27.19 2.44
N LEU K 66 -7.13 -27.62 2.38
CA LEU K 66 -6.61 -28.62 3.27
C LEU K 66 -6.69 -28.14 4.71
N ASP K 67 -6.28 -26.90 4.90
CA ASP K 67 -6.30 -26.36 6.24
C ASP K 67 -7.75 -26.07 6.71
N GLU K 68 -8.55 -25.46 5.83
CA GLU K 68 -9.97 -25.23 6.10
C GLU K 68 -10.77 -26.50 6.42
N MET K 69 -10.50 -27.57 5.67
CA MET K 69 -11.23 -28.85 5.87
C MET K 69 -10.78 -29.58 7.11
N SER K 70 -9.47 -29.63 7.35
CA SER K 70 -9.00 -30.22 8.57
C SER K 70 -9.54 -29.41 9.75
N GLU K 71 -9.47 -28.09 9.64
CA GLU K 71 -9.95 -27.28 10.74
C GLU K 71 -11.45 -27.37 10.95
N ARG K 72 -12.21 -27.59 9.87
CA ARG K 72 -13.66 -27.86 10.05
C ARG K 72 -13.87 -29.23 10.75
N LEU K 73 -13.01 -30.19 10.41
CA LEU K 73 -13.06 -31.49 11.07
C LEU K 73 -12.78 -31.36 12.58
N ILE K 74 -11.75 -30.63 12.95
CA ILE K 74 -11.45 -30.43 14.36
C ILE K 74 -12.62 -29.80 15.07
N THR K 75 -13.15 -28.72 14.51
CA THR K 75 -14.28 -27.98 15.01
C THR K 75 -15.49 -28.87 15.35
N LEU K 76 -15.74 -29.85 14.48
CA LEU K 76 -16.82 -30.87 14.61
C LEU K 76 -16.52 -32.02 15.59
N GLY K 77 -15.33 -32.04 16.17
CA GLY K 77 -15.02 -33.08 17.15
C GLY K 77 -14.20 -34.22 16.63
N GLY K 78 -13.65 -34.07 15.41
CA GLY K 78 -12.92 -35.16 14.76
C GLY K 78 -11.43 -35.04 15.02
N ALA K 79 -10.65 -35.85 14.33
CA ALA K 79 -9.22 -35.93 14.56
C ALA K 79 -8.57 -36.06 13.18
N PRO K 80 -8.09 -34.95 12.60
CA PRO K 80 -7.57 -35.04 11.24
C PRO K 80 -6.34 -35.98 11.08
N PHE K 81 -6.23 -36.64 9.92
CA PHE K 81 -5.03 -37.39 9.59
C PHE K 81 -3.94 -36.36 9.64
N SER K 82 -2.77 -36.72 10.15
CA SER K 82 -1.76 -35.67 10.33
C SER K 82 -0.36 -36.21 10.27
N THR K 83 -0.16 -37.33 9.58
CA THR K 83 1.16 -37.92 9.33
C THR K 83 1.18 -38.37 7.87
N LEU K 84 2.35 -38.37 7.23
CA LEU K 84 2.42 -38.76 5.80
C LEU K 84 1.89 -40.17 5.55
N LYS K 85 2.17 -41.08 6.48
CA LYS K 85 1.66 -42.44 6.40
C LYS K 85 0.13 -42.43 6.33
N GLU K 86 -0.52 -41.63 7.18
CA GLU K 86 -1.99 -41.58 7.13
C GLU K 86 -2.49 -41.01 5.81
N PHE K 87 -1.78 -40.02 5.27
CA PHE K 87 -2.14 -39.44 3.98
C PHE K 87 -2.05 -40.48 2.86
N SER K 88 -0.90 -41.14 2.73
CA SER K 88 -0.69 -42.19 1.70
C SER K 88 -1.60 -43.39 1.82
N GLU K 89 -1.81 -43.88 3.04
CA GLU K 89 -2.64 -45.05 3.26
C GLU K 89 -4.14 -44.75 3.03
N ASN K 90 -4.56 -43.49 3.19
CA ASN K 90 -5.99 -43.18 3.04
C ASN K 90 -6.34 -42.55 1.71
N SER K 91 -5.36 -41.93 1.07
CA SER K 91 -5.64 -41.29 -0.20
C SER K 91 -5.97 -42.30 -1.28
N GLN K 92 -6.86 -41.90 -2.19
CA GLN K 92 -7.18 -42.71 -3.33
C GLN K 92 -6.26 -42.36 -4.49
N LEU K 93 -5.45 -41.33 -4.33
CA LEU K 93 -4.58 -40.84 -5.39
C LEU K 93 -3.25 -41.61 -5.38
N LYS K 94 -2.75 -41.94 -6.57
CA LYS K 94 -1.51 -42.72 -6.71
C LYS K 94 -0.38 -41.80 -7.11
N GLU K 95 0.74 -41.97 -6.42
CA GLU K 95 1.96 -41.21 -6.68
C GLU K 95 2.97 -42.05 -7.42
N VAL K 96 3.68 -41.41 -8.33
CA VAL K 96 4.74 -42.06 -9.07
C VAL K 96 6.04 -41.26 -8.91
N LEU K 97 7.20 -41.87 -9.18
CA LEU K 97 8.47 -41.16 -9.03
C LEU K 97 8.53 -40.06 -10.06
N GLY K 98 9.27 -39.00 -9.74
CA GLY K 98 9.37 -37.86 -10.64
C GLY K 98 10.17 -38.20 -11.88
N ASP K 99 9.64 -37.83 -13.02
CA ASP K 99 10.33 -38.01 -14.29
C ASP K 99 10.31 -36.73 -15.14
N TYR K 100 11.50 -36.27 -15.52
CA TYR K 100 11.68 -35.06 -16.31
C TYR K 100 11.24 -35.23 -17.75
N ASN K 101 10.97 -36.47 -18.20
CA ASN K 101 10.64 -36.72 -19.63
C ASN K 101 9.16 -36.80 -19.97
N VAL K 102 8.34 -36.54 -18.97
CA VAL K 102 6.95 -36.26 -19.20
C VAL K 102 6.83 -34.91 -19.98
N THR K 103 5.94 -34.83 -20.95
CA THR K 103 5.73 -33.56 -21.68
C THR K 103 4.85 -32.62 -20.88
N ILE K 104 4.81 -31.34 -21.27
CA ILE K 104 3.95 -30.34 -20.64
C ILE K 104 2.51 -30.74 -20.78
N GLU K 105 2.12 -31.10 -22.00
CA GLU K 105 0.78 -31.55 -22.23
C GLU K 105 0.41 -32.72 -21.33
N GLU K 106 1.36 -33.63 -21.10
CA GLU K 106 1.08 -34.79 -20.26
C GLU K 106 1.03 -34.37 -18.77
N GLN K 107 1.83 -33.39 -18.37
CA GLN K 107 1.81 -32.90 -16.99
C GLN K 107 0.44 -32.29 -16.74
N LEU K 108 -0.02 -31.46 -17.68
CA LEU K 108 -1.31 -30.80 -17.54
C LEU K 108 -2.42 -31.82 -17.48
N ALA K 109 -2.31 -32.89 -18.29
CA ALA K 109 -3.23 -34.01 -18.21
C ALA K 109 -3.28 -34.70 -16.84
N ARG K 110 -2.13 -34.91 -16.18
CA ARG K 110 -2.09 -35.40 -14.78
C ARG K 110 -2.86 -34.50 -13.81
N VAL K 111 -2.66 -33.19 -13.95
CA VAL K 111 -3.33 -32.22 -13.09
C VAL K 111 -4.85 -32.27 -13.29
N VAL K 112 -5.29 -32.38 -14.54
CA VAL K 112 -6.71 -32.45 -14.84
C VAL K 112 -7.24 -33.68 -14.13
N GLU K 113 -6.51 -34.79 -14.24
CA GLU K 113 -6.97 -36.03 -13.66
C GLU K 113 -7.05 -35.92 -12.14
N VAL K 114 -6.07 -35.25 -11.52
CA VAL K 114 -6.09 -35.08 -10.07
C VAL K 114 -7.30 -34.22 -9.70
N PHE K 115 -7.55 -33.16 -10.48
CA PHE K 115 -8.64 -32.25 -10.20
C PHE K 115 -9.99 -32.89 -10.45
N ARG K 116 -10.11 -33.72 -11.50
CA ARG K 116 -11.38 -34.41 -11.71
C ARG K 116 -11.67 -35.25 -10.50
N TYR K 117 -10.65 -35.86 -9.93
CA TYR K 117 -10.83 -36.62 -8.72
C TYR K 117 -11.31 -35.73 -7.55
N LEU K 118 -10.60 -34.63 -7.33
CA LEU K 118 -10.96 -33.68 -6.26
C LEU K 118 -12.39 -33.20 -6.40
N ALA K 119 -12.79 -32.87 -7.61
CA ALA K 119 -14.12 -32.34 -7.83
C ALA K 119 -15.16 -33.40 -7.50
N ALA K 120 -14.84 -34.68 -7.77
CA ALA K 120 -15.76 -35.78 -7.45
C ALA K 120 -15.83 -35.98 -5.95
N LEU K 121 -14.69 -35.85 -5.30
CA LEU K 121 -14.60 -35.97 -3.84
C LEU K 121 -15.43 -34.88 -3.18
N PHE K 122 -15.36 -33.67 -3.74
CA PHE K 122 -16.05 -32.55 -3.16
C PHE K 122 -17.53 -32.63 -3.39
N GLN K 123 -17.93 -33.25 -4.52
CA GLN K 123 -19.34 -33.54 -4.77
C GLN K 123 -19.88 -34.47 -3.72
N LYS K 124 -19.11 -35.51 -3.38
CA LYS K 124 -19.47 -36.43 -2.33
C LYS K 124 -19.53 -35.73 -0.98
N GLY K 125 -18.54 -34.90 -0.71
CA GLY K 125 -18.56 -34.12 0.50
C GLY K 125 -19.81 -33.29 0.55
N PHE K 126 -20.17 -32.73 -0.60
CA PHE K 126 -21.34 -31.88 -0.66
C PHE K 126 -22.62 -32.66 -0.39
N ASP K 127 -22.73 -33.82 -1.04
CA ASP K 127 -23.95 -34.63 -0.97
C ASP K 127 -24.12 -35.15 0.45
N VAL K 128 -23.03 -35.65 1.02
CA VAL K 128 -23.05 -36.20 2.37
C VAL K 128 -23.41 -35.11 3.44
N SER K 129 -22.81 -33.92 3.33
CA SER K 129 -23.08 -32.88 4.31
C SER K 129 -24.50 -32.30 4.15
N ASP K 130 -24.96 -32.18 2.92
CA ASP K 130 -26.35 -31.83 2.62
C ASP K 130 -27.30 -32.74 3.39
N GLU K 131 -27.03 -34.04 3.26
CA GLU K 131 -27.87 -35.08 3.79
C GLU K 131 -27.84 -35.09 5.32
N GLU K 132 -26.66 -34.82 5.89
CA GLU K 132 -26.51 -34.79 7.34
C GLU K 132 -26.92 -33.47 7.99
N GLY K 133 -27.34 -32.52 7.16
CA GLY K 133 -27.69 -31.19 7.65
C GLY K 133 -26.49 -30.36 8.11
N ASP K 134 -25.29 -30.68 7.60
CA ASP K 134 -24.06 -29.94 7.95
C ASP K 134 -23.82 -28.81 6.91
N SER K 135 -24.56 -27.73 7.06
CA SER K 135 -24.54 -26.67 6.05
C SER K 135 -23.20 -25.92 5.93
N VAL K 136 -22.47 -25.74 7.02
CA VAL K 136 -21.18 -25.10 6.95
C VAL K 136 -20.25 -25.92 6.12
N THR K 137 -20.15 -27.21 6.45
CA THR K 137 -19.28 -28.08 5.72
C THR K 137 -19.73 -28.11 4.28
N ASN K 138 -21.04 -28.12 4.06
CA ASN K 138 -21.60 -28.24 2.71
C ASN K 138 -21.10 -27.05 1.86
N ASP K 139 -21.05 -25.86 2.45
CA ASP K 139 -20.58 -24.67 1.75
C ASP K 139 -19.10 -24.78 1.44
N ILE K 140 -18.31 -25.16 2.42
CA ILE K 140 -16.89 -25.39 2.20
C ILE K 140 -16.65 -26.22 0.91
N PHE K 141 -17.30 -27.38 0.82
CA PHE K 141 -17.20 -28.23 -0.37
C PHE K 141 -17.66 -27.60 -1.69
N ASN K 142 -18.73 -26.82 -1.60
CA ASN K 142 -19.34 -26.15 -2.74
C ASN K 142 -18.38 -25.15 -3.31
N VAL K 143 -17.70 -24.40 -2.42
CA VAL K 143 -16.74 -23.38 -2.83
C VAL K 143 -15.52 -24.03 -3.45
N ALA K 144 -15.02 -25.10 -2.82
CA ALA K 144 -13.89 -25.81 -3.36
C ALA K 144 -14.20 -26.37 -4.76
N LYS K 145 -15.40 -26.93 -4.93
CA LYS K 145 -15.73 -27.59 -6.19
C LYS K 145 -15.88 -26.61 -7.33
N ALA K 146 -16.41 -25.42 -7.03
CA ALA K 146 -16.58 -24.38 -8.00
C ALA K 146 -15.23 -23.98 -8.56
N SER K 147 -14.29 -23.75 -7.67
CA SER K 147 -12.97 -23.33 -8.05
C SER K 147 -12.28 -24.41 -8.87
N ILE K 148 -12.20 -25.62 -8.34
CA ILE K 148 -11.58 -26.72 -9.04
C ILE K 148 -12.18 -26.88 -10.43
N GLU K 149 -13.50 -26.88 -10.54
CA GLU K 149 -14.11 -27.05 -11.87
C GLU K 149 -13.75 -25.95 -12.85
N LYS K 150 -13.53 -24.73 -12.35
CA LYS K 150 -13.10 -23.67 -13.24
C LYS K 150 -11.71 -23.97 -13.77
N HIS K 151 -10.85 -24.46 -12.89
CA HIS K 151 -9.47 -24.78 -13.27
C HIS K 151 -9.47 -25.84 -14.35
N ILE K 152 -10.30 -26.86 -14.18
CA ILE K 152 -10.47 -27.92 -15.17
C ILE K 152 -10.85 -27.37 -16.53
N TRP K 153 -11.80 -26.44 -16.57
CA TRP K 153 -12.18 -25.82 -17.80
C TRP K 153 -10.92 -25.22 -18.41
N MET K 154 -10.14 -24.56 -17.57
CA MET K 154 -8.98 -23.82 -18.09
C MET K 154 -7.86 -24.70 -18.63
N LEU K 155 -7.48 -25.70 -17.85
CA LEU K 155 -6.47 -26.66 -18.25
C LEU K 155 -6.89 -27.41 -19.49
N GLN K 156 -8.14 -27.86 -19.52
CA GLN K 156 -8.68 -28.49 -20.70
C GLN K 156 -8.61 -27.60 -21.96
N ALA K 157 -8.95 -26.32 -21.80
CA ALA K 157 -8.84 -25.34 -22.86
C ALA K 157 -7.40 -25.17 -23.35
N GLU K 158 -6.41 -25.07 -22.45
CA GLU K 158 -5.01 -25.16 -22.91
C GLU K 158 -4.75 -26.43 -23.72
N LEU K 159 -5.38 -27.53 -23.33
CA LEU K 159 -5.17 -28.80 -23.99
C LEU K 159 -6.03 -28.97 -25.24
N GLY K 160 -6.69 -27.90 -25.64
CA GLY K 160 -7.47 -27.89 -26.87
C GLY K 160 -8.78 -28.63 -26.71
N GLN K 161 -9.20 -28.86 -25.47
CA GLN K 161 -10.37 -29.70 -25.24
C GLN K 161 -11.47 -29.05 -24.46
N ALA K 162 -12.67 -29.59 -24.59
CA ALA K 162 -13.80 -29.12 -23.83
C ALA K 162 -13.62 -29.57 -22.36
N PRO K 163 -14.32 -28.94 -21.40
CA PRO K 163 -14.10 -29.32 -19.99
C PRO K 163 -14.48 -30.77 -19.68
N LYS K 164 -15.52 -31.27 -20.34
CA LYS K 164 -15.94 -32.65 -20.16
C LYS K 164 -16.15 -32.96 -18.68
N LEU K 165 -16.93 -32.12 -18.01
CA LEU K 165 -17.35 -32.44 -16.66
C LEU K 165 -18.47 -33.49 -16.72
N SER L 14 -17.77 37.98 22.86
CA SER L 14 -17.63 36.71 23.63
C SER L 14 -16.43 35.94 23.11
N LEU L 15 -16.54 35.48 21.86
CA LEU L 15 -15.39 34.87 21.15
C LEU L 15 -14.88 35.76 20.00
N ALA L 16 -15.13 37.07 20.10
CA ALA L 16 -14.77 38.03 19.07
C ALA L 16 -13.28 38.11 18.84
N ASP L 17 -12.49 38.05 19.90
CA ASP L 17 -11.05 38.18 19.79
C ASP L 17 -10.49 36.93 19.14
N SER L 18 -10.99 35.77 19.53
CA SER L 18 -10.56 34.53 18.91
C SER L 18 -10.91 34.54 17.44
N LYS L 19 -12.11 35.05 17.10
CA LYS L 19 -12.55 35.07 15.69
C LYS L 19 -11.69 36.00 14.90
N ALA L 20 -11.35 37.14 15.50
CA ALA L 20 -10.49 38.12 14.88
C ALA L 20 -9.09 37.58 14.58
N VAL L 21 -8.50 36.90 15.55
CA VAL L 21 -7.15 36.36 15.30
C VAL L 21 -7.22 35.23 14.26
N LEU L 22 -8.32 34.48 14.25
CA LEU L 22 -8.45 33.39 13.31
C LEU L 22 -8.44 33.97 11.91
N ASN L 23 -9.19 35.05 11.72
CA ASN L 23 -9.29 35.72 10.44
C ASN L 23 -8.00 36.41 10.03
N GLN L 24 -7.29 36.96 11.00
CA GLN L 24 -5.96 37.52 10.76
C GLN L 24 -5.04 36.44 10.21
N ALA L 25 -5.07 35.28 10.85
CA ALA L 25 -4.34 34.08 10.38
C ALA L 25 -4.71 33.66 8.97
N VAL L 26 -5.99 33.64 8.61
CA VAL L 26 -6.41 33.40 7.21
C VAL L 26 -5.69 34.35 6.24
N ALA L 27 -5.61 35.63 6.62
CA ALA L 27 -4.98 36.63 5.79
C ALA L 27 -3.51 36.38 5.69
N ASP L 28 -2.85 36.26 6.84
CA ASP L 28 -1.40 36.09 6.87
C ASP L 28 -0.95 34.75 6.28
N LEU L 29 -1.78 33.71 6.48
CA LEU L 29 -1.46 32.44 5.90
C LEU L 29 -1.61 32.44 4.39
N SER L 30 -2.56 33.20 3.84
CA SER L 30 -2.67 33.27 2.38
C SER L 30 -1.47 33.98 1.73
N VAL L 31 -0.99 35.03 2.38
CA VAL L 31 0.18 35.77 1.89
C VAL L 31 1.42 34.93 2.08
N ALA L 32 1.52 34.31 3.26
CA ALA L 32 2.67 33.45 3.53
C ALA L 32 2.81 32.47 2.39
N HIS L 33 1.71 31.88 1.98
CA HIS L 33 1.76 30.83 0.99
C HIS L 33 2.18 31.38 -0.38
N SER L 34 1.81 32.61 -0.66
CA SER L 34 2.26 33.32 -1.86
C SER L 34 3.80 33.49 -1.85
N ILE L 35 4.35 33.78 -0.69
CA ILE L 35 5.78 34.10 -0.54
C ILE L 35 6.56 32.81 -0.70
N LEU L 36 6.01 31.72 -0.20
CA LEU L 36 6.67 30.45 -0.33
C LEU L 36 6.68 30.03 -1.79
N HIS L 37 5.60 30.34 -2.51
CA HIS L 37 5.52 29.96 -3.92
C HIS L 37 6.52 30.78 -4.68
N GLN L 38 6.67 32.05 -4.31
CA GLN L 38 7.70 32.90 -4.93
C GLN L 38 9.09 32.32 -4.75
N VAL L 39 9.46 32.02 -3.52
CA VAL L 39 10.73 31.31 -3.22
C VAL L 39 10.90 30.04 -4.06
N HIS L 40 9.86 29.22 -4.12
CA HIS L 40 9.86 27.98 -4.85
C HIS L 40 10.28 28.25 -6.30
N TRP L 41 9.68 29.27 -6.90
CA TRP L 41 9.83 29.46 -8.35
C TRP L 41 11.11 30.22 -8.73
N TYR L 42 11.49 31.19 -7.90
CA TYR L 42 12.58 32.11 -8.23
C TYR L 42 13.90 31.65 -7.67
N MET L 43 13.88 30.54 -6.95
CA MET L 43 15.07 30.07 -6.27
C MET L 43 16.15 29.79 -7.29
N ARG L 44 17.40 30.13 -6.92
CA ARG L 44 18.59 29.81 -7.73
C ARG L 44 19.83 29.67 -6.87
N GLY L 45 20.65 28.64 -7.10
CA GLY L 45 21.86 28.45 -6.31
C GLY L 45 22.08 27.03 -5.86
N ARG L 46 23.28 26.75 -5.37
CA ARG L 46 23.55 25.52 -4.69
C ARG L 46 22.60 25.24 -3.53
N GLY L 47 21.95 24.08 -3.58
CA GLY L 47 20.93 23.71 -2.60
C GLY L 47 19.51 23.79 -3.14
N PHE L 48 19.36 24.32 -4.36
CA PHE L 48 18.08 24.38 -5.03
C PHE L 48 17.41 23.02 -4.96
N MET L 49 18.17 21.97 -5.20
CA MET L 49 17.57 20.66 -5.38
C MET L 49 16.95 20.06 -4.09
N ILE L 50 17.46 20.44 -2.93
CA ILE L 50 16.81 20.12 -1.66
C ILE L 50 15.72 21.14 -1.28
N TRP L 51 15.98 22.43 -1.49
CA TRP L 51 15.08 23.42 -0.89
C TRP L 51 13.83 23.74 -1.70
N HIS L 52 13.98 23.63 -3.02
CA HIS L 52 12.87 23.85 -3.93
C HIS L 52 11.69 22.95 -3.63
N PRO L 53 11.87 21.61 -3.64
CA PRO L 53 10.76 20.76 -3.16
C PRO L 53 10.36 20.93 -1.70
N LYS L 54 11.30 21.34 -0.83
CA LYS L 54 10.96 21.61 0.56
C LYS L 54 9.91 22.72 0.69
N MET L 55 9.92 23.69 -0.21
CA MET L 55 8.95 24.78 -0.18
C MET L 55 7.55 24.21 -0.38
N ASP L 56 7.48 23.12 -1.13
CA ASP L 56 6.23 22.45 -1.36
C ASP L 56 5.70 21.89 -0.07
N GLU L 57 6.55 21.23 0.71
CA GLU L 57 6.16 20.74 2.02
C GLU L 57 5.57 21.89 2.85
N TYR L 58 6.30 22.99 2.92
CA TYR L 58 5.89 24.13 3.70
C TYR L 58 4.53 24.69 3.25
N MET L 59 4.32 24.74 1.94
CA MET L 59 3.10 25.30 1.38
C MET L 59 1.89 24.46 1.78
N GLU L 60 2.04 23.15 1.67
CA GLU L 60 0.97 22.25 2.03
C GLU L 60 0.71 22.27 3.53
N GLU L 61 1.75 22.48 4.33
CA GLU L 61 1.50 22.66 5.75
C GLU L 61 0.77 23.98 6.02
N ILE L 62 1.21 25.04 5.35
CA ILE L 62 0.54 26.33 5.40
C ILE L 62 -0.94 26.20 4.95
N ASP L 63 -1.20 25.58 3.80
CA ASP L 63 -2.56 25.37 3.27
C ASP L 63 -3.39 24.64 4.31
N GLY L 64 -2.75 23.71 5.03
CA GLY L 64 -3.38 22.93 6.09
C GLY L 64 -3.87 23.84 7.20
N TYR L 65 -2.99 24.72 7.69
CA TYR L 65 -3.37 25.65 8.78
C TYR L 65 -4.44 26.58 8.32
N LEU L 66 -4.34 27.07 7.10
CA LEU L 66 -5.29 28.07 6.63
C LEU L 66 -6.70 27.50 6.45
N ASP L 67 -6.80 26.21 6.25
CA ASP L 67 -8.10 25.59 6.03
C ASP L 67 -8.72 25.26 7.39
N GLU L 68 -7.91 24.68 8.27
CA GLU L 68 -8.29 24.41 9.65
C GLU L 68 -8.81 25.67 10.36
N MET L 69 -8.00 26.74 10.30
CA MET L 69 -8.34 28.01 10.96
C MET L 69 -9.57 28.69 10.35
N SER L 70 -9.63 28.74 9.02
CA SER L 70 -10.79 29.31 8.32
C SER L 70 -12.04 28.52 8.64
N GLU L 71 -11.93 27.19 8.72
CA GLU L 71 -13.09 26.37 9.01
C GLU L 71 -13.44 26.44 10.47
N ARG L 72 -12.46 26.62 11.35
CA ARG L 72 -12.78 26.88 12.74
C ARG L 72 -13.50 28.25 12.85
N LEU L 73 -13.15 29.22 12.02
CA LEU L 73 -13.88 30.51 12.08
C LEU L 73 -15.34 30.34 11.63
N ILE L 74 -15.55 29.68 10.51
CA ILE L 74 -16.90 29.37 10.03
C ILE L 74 -17.73 28.66 11.10
N THR L 75 -17.09 27.71 11.76
CA THR L 75 -17.74 26.87 12.76
C THR L 75 -18.17 27.71 13.94
N LEU L 76 -17.39 28.75 14.25
CA LEU L 76 -17.74 29.69 15.32
C LEU L 76 -18.79 30.74 14.94
N GLY L 77 -19.30 30.72 13.70
CA GLY L 77 -20.28 31.72 13.25
C GLY L 77 -19.67 32.96 12.60
N GLY L 78 -18.39 32.88 12.22
CA GLY L 78 -17.67 34.02 11.60
C GLY L 78 -17.71 33.96 10.06
N ALA L 79 -17.01 34.89 9.44
CA ALA L 79 -17.02 35.04 7.99
C ALA L 79 -15.58 35.24 7.55
N PRO L 80 -14.91 34.15 7.12
CA PRO L 80 -13.53 34.29 6.74
C PRO L 80 -13.30 35.20 5.53
N PHE L 81 -12.22 36.00 5.60
CA PHE L 81 -11.68 36.63 4.41
C PHE L 81 -11.56 35.58 3.31
N SER L 82 -11.90 35.96 2.08
CA SER L 82 -11.89 35.00 1.00
C SER L 82 -11.72 35.61 -0.37
N THR L 83 -11.02 36.75 -0.44
CA THR L 83 -10.68 37.35 -1.73
C THR L 83 -9.24 37.79 -1.63
N LEU L 84 -8.55 37.86 -2.74
CA LEU L 84 -7.16 38.32 -2.71
C LEU L 84 -7.06 39.73 -2.12
N LYS L 85 -8.03 40.59 -2.41
CA LYS L 85 -8.01 41.95 -1.83
C LYS L 85 -8.07 41.93 -0.30
N GLU L 86 -8.99 41.14 0.25
CA GLU L 86 -9.07 41.02 1.71
C GLU L 86 -7.75 40.58 2.32
N PHE L 87 -7.15 39.53 1.76
CA PHE L 87 -5.89 38.97 2.27
C PHE L 87 -4.81 40.03 2.31
N SER L 88 -4.66 40.77 1.21
CA SER L 88 -3.61 41.77 1.12
C SER L 88 -3.86 42.88 2.11
N GLU L 89 -5.09 43.39 2.13
CA GLU L 89 -5.40 44.53 2.97
C GLU L 89 -5.09 44.20 4.41
N ASN L 90 -5.44 42.99 4.83
CA ASN L 90 -5.39 42.63 6.22
C ASN L 90 -4.11 41.99 6.66
N SER L 91 -3.38 41.39 5.73
CA SER L 91 -2.13 40.77 6.12
C SER L 91 -1.12 41.81 6.55
N GLN L 92 -0.35 41.49 7.59
CA GLN L 92 0.79 42.31 8.04
C GLN L 92 2.07 41.97 7.30
N LEU L 93 2.01 40.97 6.44
CA LEU L 93 3.20 40.57 5.69
C LEU L 93 3.25 41.33 4.37
N LYS L 94 4.43 41.79 3.98
CA LYS L 94 4.56 42.55 2.74
C LYS L 94 5.21 41.69 1.69
N GLU L 95 4.64 41.73 0.49
CA GLU L 95 5.16 40.96 -0.63
C GLU L 95 5.96 41.86 -1.55
N VAL L 96 7.03 41.32 -2.15
CA VAL L 96 7.79 42.02 -3.19
C VAL L 96 7.84 41.22 -4.48
N LEU L 97 8.25 41.88 -5.56
CA LEU L 97 8.37 41.22 -6.86
C LEU L 97 9.40 40.09 -6.86
N GLY L 98 9.15 39.06 -7.65
CA GLY L 98 10.09 37.97 -7.80
C GLY L 98 11.39 38.49 -8.39
N ASP L 99 12.49 37.88 -7.98
CA ASP L 99 13.80 38.30 -8.40
C ASP L 99 14.68 37.07 -8.28
N TYR L 100 15.19 36.60 -9.41
CA TYR L 100 16.07 35.44 -9.48
C TYR L 100 17.45 35.70 -8.86
N ASN L 101 17.81 36.98 -8.78
CA ASN L 101 19.09 37.43 -8.28
C ASN L 101 19.29 37.26 -6.76
N VAL L 102 18.22 37.01 -6.01
CA VAL L 102 18.36 36.78 -4.57
C VAL L 102 19.10 35.44 -4.30
N THR L 103 19.91 35.38 -3.26
CA THR L 103 20.65 34.16 -2.97
C THR L 103 19.78 33.12 -2.21
N ILE L 104 20.17 31.85 -2.29
CA ILE L 104 19.49 30.80 -1.54
C ILE L 104 19.40 31.14 -0.05
N GLU L 105 20.51 31.56 0.55
CA GLU L 105 20.57 31.86 1.98
C GLU L 105 19.67 33.03 2.39
N GLU L 106 19.53 34.00 1.48
CA GLU L 106 18.56 35.07 1.60
C GLU L 106 17.12 34.56 1.48
N GLN L 107 16.86 33.72 0.49
CA GLN L 107 15.56 33.06 0.33
C GLN L 107 15.15 32.39 1.63
N LEU L 108 16.06 31.60 2.21
CA LEU L 108 15.81 30.90 3.46
C LEU L 108 15.59 31.85 4.63
N ALA L 109 16.37 32.94 4.67
CA ALA L 109 16.20 33.97 5.70
C ALA L 109 14.82 34.61 5.60
N ARG L 110 14.31 34.74 4.38
CA ARG L 110 12.98 35.28 4.13
C ARG L 110 11.90 34.33 4.69
N VAL L 111 12.10 33.02 4.52
CA VAL L 111 11.14 32.05 4.99
C VAL L 111 11.14 32.06 6.51
N VAL L 112 12.33 32.04 7.11
CA VAL L 112 12.43 32.24 8.56
C VAL L 112 11.69 33.47 9.09
N GLU L 113 11.87 34.63 8.47
CA GLU L 113 11.18 35.82 8.97
C GLU L 113 9.64 35.67 8.82
N VAL L 114 9.20 34.99 7.77
CA VAL L 114 7.75 34.73 7.62
C VAL L 114 7.27 33.84 8.76
N PHE L 115 8.00 32.74 9.02
CA PHE L 115 7.69 31.81 10.09
C PHE L 115 7.74 32.45 11.47
N ARG L 116 8.75 33.28 11.74
CA ARG L 116 8.84 33.94 13.05
C ARG L 116 7.58 34.77 13.24
N TYR L 117 7.11 35.40 12.18
CA TYR L 117 5.85 36.17 12.24
C TYR L 117 4.64 35.25 12.57
N LEU L 118 4.51 34.15 11.84
CA LEU L 118 3.44 33.17 12.10
C LEU L 118 3.49 32.65 13.48
N ALA L 119 4.68 32.36 13.97
CA ALA L 119 4.80 31.87 15.32
C ALA L 119 4.30 32.86 16.34
N ALA L 120 4.65 34.13 16.15
CA ALA L 120 4.14 35.23 16.96
C ALA L 120 2.63 35.38 16.80
N LEU L 121 2.13 35.27 15.58
CA LEU L 121 0.68 35.35 15.36
C LEU L 121 -0.02 34.20 16.09
N PHE L 122 0.55 33.00 15.99
CA PHE L 122 -0.06 31.81 16.58
C PHE L 122 -0.01 31.84 18.07
N GLN L 123 1.06 32.41 18.63
CA GLN L 123 1.10 32.69 20.07
C GLN L 123 0.03 33.69 20.52
N LYS L 124 -0.21 34.74 19.72
CA LYS L 124 -1.30 35.68 20.01
C LYS L 124 -2.65 34.95 20.01
N GLY L 125 -2.88 34.16 18.96
CA GLY L 125 -4.09 33.36 18.91
C GLY L 125 -4.23 32.50 20.16
N PHE L 126 -3.15 31.88 20.56
CA PHE L 126 -3.19 30.99 21.71
C PHE L 126 -3.65 31.73 22.95
N ASP L 127 -3.01 32.88 23.19
CA ASP L 127 -3.28 33.74 24.32
C ASP L 127 -4.70 34.26 24.30
N VAL L 128 -5.13 34.75 23.15
CA VAL L 128 -6.48 35.31 23.05
C VAL L 128 -7.51 34.23 23.33
N SER L 129 -7.34 33.06 22.73
CA SER L 129 -8.36 32.02 22.79
C SER L 129 -8.42 31.40 24.18
N ASP L 130 -7.28 31.43 24.85
CA ASP L 130 -7.13 30.98 26.21
C ASP L 130 -7.93 31.88 27.16
N GLU L 131 -7.81 33.20 26.98
CA GLU L 131 -8.51 34.16 27.81
C GLU L 131 -10.02 34.00 27.65
N GLU L 132 -10.45 33.62 26.44
CA GLU L 132 -11.86 33.57 26.11
C GLU L 132 -12.49 32.21 26.38
N GLY L 133 -11.66 31.22 26.70
CA GLY L 133 -12.15 29.87 26.97
C GLY L 133 -12.43 29.01 25.74
N ASP L 134 -11.96 29.44 24.57
CA ASP L 134 -12.12 28.66 23.33
C ASP L 134 -10.95 27.68 23.27
N SER L 135 -11.17 26.52 23.89
CA SER L 135 -10.11 25.54 24.03
C SER L 135 -9.79 24.84 22.69
N VAL L 136 -10.77 24.66 21.83
CA VAL L 136 -10.50 24.07 20.53
C VAL L 136 -9.63 24.99 19.69
N THR L 137 -9.95 26.28 19.61
CA THR L 137 -9.17 27.24 18.85
C THR L 137 -7.76 27.32 19.42
N ASN L 138 -7.67 27.34 20.74
CA ASN L 138 -6.41 27.31 21.51
C ASN L 138 -5.49 26.16 21.10
N ASP L 139 -6.07 24.97 20.95
CA ASP L 139 -5.27 23.84 20.58
C ASP L 139 -4.82 23.86 19.11
N ILE L 140 -5.66 24.36 18.21
CA ILE L 140 -5.24 24.62 16.82
C ILE L 140 -4.01 25.54 16.73
N PHE L 141 -3.99 26.67 17.43
CA PHE L 141 -2.79 27.56 17.41
C PHE L 141 -1.57 26.86 17.97
N ASN L 142 -1.74 26.18 19.11
CA ASN L 142 -0.67 25.44 19.75
C ASN L 142 0.05 24.46 18.81
N VAL L 143 -0.73 23.65 18.10
CA VAL L 143 -0.16 22.64 17.23
C VAL L 143 0.53 23.33 16.07
N ALA L 144 -0.09 24.39 15.59
CA ALA L 144 0.51 25.17 14.52
C ALA L 144 1.84 25.74 14.97
N LYS L 145 1.91 26.16 16.22
CA LYS L 145 3.06 26.92 16.73
C LYS L 145 4.20 25.95 16.89
N ALA L 146 3.87 24.75 17.35
CA ALA L 146 4.83 23.73 17.65
C ALA L 146 5.54 23.37 16.36
N SER L 147 4.76 23.20 15.31
CA SER L 147 5.28 22.85 14.02
C SER L 147 6.19 23.92 13.44
N ILE L 148 5.71 25.17 13.38
CA ILE L 148 6.51 26.27 12.87
C ILE L 148 7.82 26.45 13.64
N GLU L 149 7.81 26.28 14.95
CA GLU L 149 9.03 26.47 15.67
C GLU L 149 10.07 25.43 15.31
N LYS L 150 9.65 24.18 15.14
CA LYS L 150 10.56 23.15 14.69
C LYS L 150 11.18 23.54 13.34
N HIS L 151 10.38 24.10 12.43
CA HIS L 151 10.85 24.54 11.10
C HIS L 151 11.89 25.66 11.22
N ILE L 152 11.67 26.59 12.13
CA ILE L 152 12.63 27.68 12.35
C ILE L 152 13.98 27.14 12.85
N TRP L 153 13.94 26.11 13.71
CA TRP L 153 15.15 25.50 14.20
C TRP L 153 15.90 24.89 13.02
N MET L 154 15.20 24.12 12.18
CA MET L 154 15.85 23.45 11.06
C MET L 154 16.42 24.42 10.02
N LEU L 155 15.67 25.50 9.78
CA LEU L 155 16.05 26.50 8.79
C LEU L 155 17.24 27.33 9.25
N GLN L 156 17.22 27.69 10.53
CA GLN L 156 18.34 28.31 11.16
C GLN L 156 19.55 27.42 11.16
N ALA L 157 19.36 26.12 11.44
CA ALA L 157 20.46 25.14 11.43
C ALA L 157 21.20 25.14 10.09
N GLU L 158 20.45 25.10 9.00
CA GLU L 158 21.01 25.14 7.66
C GLU L 158 21.75 26.47 7.41
N LEU L 159 21.34 27.52 8.10
CA LEU L 159 22.00 28.81 7.94
C LEU L 159 23.17 28.99 8.92
N GLY L 160 23.39 28.00 9.77
CA GLY L 160 24.50 28.01 10.74
C GLY L 160 24.19 28.70 12.05
N GLN L 161 22.91 28.92 12.33
CA GLN L 161 22.54 29.75 13.48
C GLN L 161 21.67 29.00 14.47
N ALA L 162 21.59 29.54 15.69
CA ALA L 162 20.66 29.06 16.71
C ALA L 162 19.25 29.38 16.23
N PRO L 163 18.22 28.70 16.77
CA PRO L 163 16.83 29.04 16.39
C PRO L 163 16.46 30.48 16.78
N LYS L 164 16.94 30.92 17.94
CA LYS L 164 16.65 32.23 18.49
C LYS L 164 15.14 32.39 18.64
N LEU L 165 14.56 31.43 19.37
CA LEU L 165 13.21 31.54 19.94
C LEU L 165 13.34 31.54 21.49
CL CL M . 7.45 -3.44 -24.17
TB TB N . 24.16 3.06 -7.51
CA CA O . -42.15 14.60 9.87
TB TB P . -9.95 -0.44 23.50
TB TB Q . 9.77 -2.53 -23.78
CL CL R . 24.39 3.72 -5.15
TB TB S . -24.82 -0.78 6.80
CL CL T . -25.12 -0.52 4.33
CL CL U . -7.58 -0.71 24.06
N1 EPE V . -0.24 -18.20 30.78
C2 EPE V . 0.78 -17.65 31.71
C3 EPE V . 1.04 -18.59 32.89
N4 EPE V . -0.05 -19.55 33.06
C5 EPE V . -1.41 -19.12 32.81
C6 EPE V . -1.54 -18.42 31.44
C7 EPE V . 0.25 -20.97 33.00
C8 EPE V . 0.27 -21.58 34.40
O8 EPE V . 0.93 -20.71 35.29
C9 EPE V . -0.44 -17.18 29.78
C10 EPE V . -0.10 -17.82 28.46
S EPE V . 0.10 -16.48 27.30
O1S EPE V . -0.93 -15.46 27.41
O2S EPE V . 0.12 -17.05 25.96
O3S EPE V . 1.35 -15.78 27.56
N1 EPE W . 26.94 23.50 -0.21
C2 EPE W . 27.75 23.31 -1.42
C3 EPE W . 28.95 24.27 -1.32
N4 EPE W . 28.55 25.64 -1.00
C5 EPE W . 27.31 25.92 -0.27
C6 EPE W . 26.27 24.80 -0.29
C7 EPE W . 29.31 26.76 -1.57
C8 EPE W . 30.20 27.50 -0.56
O8 EPE W . 29.70 28.81 -0.30
C9 EPE W . 26.04 22.37 0.07
C10 EPE W . 24.69 22.49 -0.64
S EPE W . 23.60 21.07 -0.40
O1S EPE W . 23.47 20.37 -1.67
O2S EPE W . 22.28 21.52 0.05
O3S EPE W . 24.10 20.14 0.62
CL CL X . 14.33 15.66 13.43
TB TB Y . 15.07 -8.19 18.73
CL CL Z . 14.63 -8.77 16.24
TB TB AA . -13.27 -14.22 -17.33
N1 EPE BA . -31.31 16.93 -3.92
C2 EPE BA . -31.87 16.77 -2.55
C3 EPE BA . -33.11 17.66 -2.38
N4 EPE BA . -33.28 18.59 -3.49
C5 EPE BA . -32.10 19.26 -4.02
C6 EPE BA . -30.88 18.32 -4.12
C7 EPE BA . -34.43 18.40 -4.37
C8 EPE BA . -35.50 19.47 -4.20
O8 EPE BA . -36.35 19.13 -3.12
C9 EPE BA . -30.22 15.99 -4.20
C10 EPE BA . -29.50 15.61 -2.92
S EPE BA . -27.78 15.15 -3.14
O1S EPE BA . -27.14 15.82 -4.28
O2S EPE BA . -27.69 13.72 -3.34
O3S EPE BA . -27.10 15.55 -1.93
CA CA CA . 14.03 -16.17 41.46
TB TB DA . 14.78 13.91 15.01
TB TB EA . -17.51 7.79 -17.44
CA CA FA . -8.82 -26.71 -32.03
CL CL GA . -4.58 -23.96 -31.46
CL CL HA . -6.19 -21.87 12.03
TB TB IA . 9.51 -23.00 -6.70
CL CL JA . 10.48 -21.71 -8.76
CL CL KA . -13.54 20.88 5.05
TB TB LA . 6.59 23.12 -8.65
TB TB MA . -5.15 -23.06 10.09
N1 EPE NA . 3.83 -23.05 -27.93
C2 EPE NA . 4.15 -24.46 -27.68
C3 EPE NA . 4.69 -25.13 -28.95
N4 EPE NA . 3.79 -24.93 -30.09
C5 EPE NA . 3.30 -23.57 -30.30
C6 EPE NA . 2.81 -22.92 -28.99
C7 EPE NA . 2.98 -26.04 -30.64
C8 EPE NA . 3.35 -27.46 -30.20
O8 EPE NA . 2.36 -28.03 -29.36
C9 EPE NA . 3.27 -22.48 -26.69
C10 EPE NA . 4.14 -21.33 -26.18
S EPE NA . 3.48 -20.56 -24.66
O1S EPE NA . 2.35 -21.29 -24.14
O2S EPE NA . 3.04 -19.20 -24.93
O3S EPE NA . 4.51 -20.52 -23.62
CA CA OA . -24.55 -40.16 7.29
TB TB PA . -11.71 22.29 4.21
#